data_5WAI
#
_entry.id   5WAI
#
_cell.length_a   95.300
_cell.length_b   111.428
_cell.length_c   253.254
_cell.angle_alpha   90.00
_cell.angle_beta   90.00
_cell.angle_gamma   90.00
#
_symmetry.space_group_name_H-M   'P 21 21 21'
#
loop_
_entity.id
_entity.type
_entity.pdbx_description
1 polymer 'Histone-binding protein RBBP4'
2 polymer 'Polycomb protein SUZ12'
3 polymer 'Zinc finger protein AEBP2'
4 polymer 'Jumonji, AT-rich interactive domain 2'
5 non-polymer 'ZINC ION'
#
loop_
_entity_poly.entity_id
_entity_poly.type
_entity_poly.pdbx_seq_one_letter_code
_entity_poly.pdbx_strand_id
1 'polypeptide(L)'
;MSHHHHHHLVPRGSMADKEAAFDDAVEERVINEEYKIWKKNTPFLYDLVMTHALEWPSLTAQWLPDVTRPEGKDFSIHRL
VLGTHTSDEQNHLVIASVQLPNDDAQFDASHYDSEKGEFGGFGSVSGKIEIEIKINHEGEVNRARYMPQNPCIIATKTPS
SDVLVFDYTKHPSKPDPSGECNPDLRLRGHQKEGYGLSWNPNLSGHLLSASDDHTICLWDISAVPKEGKVVDAKTIFTGH
TAVVEDVSWHLLHESLFGSVADDQKLMIWDTRSNNTSKPSHSVDAHTAEVNCLSFNPYSEFILATGSADKTVALWDLRNL
KLKLHSFESHKDEIFQVQWSPHNETILASSGTDRRLNVWDLSKIGEEQSPEDAEDGPPELLFIHGGHTAKISDFSWNPNE
PWVICSVSEDNIMQVWQMAENIYNDEDPEGSVDPEGQGS
;
A,E
2 'polypeptide(L)'
;MEHVQADHELFLQAFEKPTQIYRFLRTRNLIAPIFLHRTLTYMSHRNSRTNIKRKTFKVDDMLSKVEKMKGEQESHSLSA
HLQLTFTGFFHKNDKPSPNSENEQNSVTLEVLLVKVCHKKRKDVSCPIRQVPTGKKQVPLNPDLNQTKPGNFPSLAVSSN
EFEPSNSHMVKSYSLLFRVTRPGRREFNGMINGETNENIDVNEELPARRKRNREDGEKTFVAQMTVFDKNRRLQLLDGEY
EVAMQEMEECPISKKRATWETILDGKRLPPFETFSQGPTLQFTLRWTGETNDKSTAPIAKPLATRNSESLHQENKPGSVK
PTQTIAVKESLTTDLQTRKEKDTPNENRQKLRIFYQFLYNNNTRQQTEARDDLHCPWCTLNCRKLYSLLKHLKLCHSRFI
FNYVYHPKGARIDVSINECYDGSYAGNPQDIHRQPGFAFSRNGPVKRTPITHILVCRPKRTKASMSEFLEWSHPQFEK
;
B,F
3 'polypeptide(L)'
;SNARHRAICFNLSAHIESLGKGHSVVFHSTVIAKRKEDSGKIKLLLHWMPEDILPDVWVNESERHQLKTKVVHLSKLPKD
TALLLDPNIYRTMPQKRLKR
;
C,G
4 'polypeptide(L)' LSKRKPKTEDFLTFLCLRG D,H
#
loop_
_chem_comp.id
_chem_comp.type
_chem_comp.name
_chem_comp.formula
ZN non-polymer 'ZINC ION' 'Zn 2'
#
# COMPACT_ATOMS: atom_id res chain seq x y z
N ASP A 17 -14.22 8.58 -34.44
CA ASP A 17 -13.01 7.83 -34.75
C ASP A 17 -11.75 8.73 -34.60
N LYS A 18 -11.34 9.41 -35.69
CA LYS A 18 -10.25 10.39 -35.77
C LYS A 18 -10.86 11.73 -35.35
N GLU A 19 -12.15 11.96 -35.73
CA GLU A 19 -12.97 13.13 -35.42
C GLU A 19 -13.16 13.26 -33.89
N ALA A 20 -13.37 12.11 -33.20
CA ALA A 20 -13.54 12.06 -31.76
C ALA A 20 -12.27 12.48 -31.02
N ALA A 21 -11.09 12.04 -31.51
CA ALA A 21 -9.78 12.41 -30.93
C ALA A 21 -9.53 13.93 -30.96
N PHE A 22 -10.01 14.61 -32.04
CA PHE A 22 -9.93 16.05 -32.25
C PHE A 22 -10.81 16.77 -31.23
N ASP A 23 -12.08 16.34 -31.13
CA ASP A 23 -13.08 16.89 -30.21
C ASP A 23 -12.66 16.73 -28.76
N ASP A 24 -11.87 15.69 -28.43
CA ASP A 24 -11.35 15.45 -27.08
C ASP A 24 -10.24 16.42 -26.74
N ALA A 25 -9.40 16.74 -27.74
CA ALA A 25 -8.32 17.71 -27.57
C ALA A 25 -8.93 19.11 -27.32
N VAL A 26 -9.98 19.49 -28.08
CA VAL A 26 -10.73 20.75 -27.97
C VAL A 26 -11.30 20.83 -26.56
N GLU A 27 -11.98 19.76 -26.13
CA GLU A 27 -12.60 19.63 -24.83
C GLU A 27 -11.59 19.85 -23.70
N GLU A 28 -10.38 19.28 -23.81
CA GLU A 28 -9.35 19.42 -22.79
C GLU A 28 -9.09 20.92 -22.60
N ARG A 29 -8.97 21.65 -23.69
CA ARG A 29 -8.76 23.11 -23.71
C ARG A 29 -9.95 23.83 -23.05
N VAL A 30 -11.20 23.51 -23.46
CA VAL A 30 -12.44 24.08 -22.92
C VAL A 30 -12.54 23.81 -21.42
N ILE A 31 -12.15 22.61 -20.96
CA ILE A 31 -12.21 22.21 -19.55
C ILE A 31 -11.29 23.09 -18.73
N ASN A 32 -10.12 23.41 -19.26
CA ASN A 32 -9.16 24.27 -18.57
C ASN A 32 -9.61 25.75 -18.55
N GLU A 33 -10.32 26.18 -19.59
CA GLU A 33 -10.84 27.52 -19.72
C GLU A 33 -11.88 27.73 -18.62
N GLU A 34 -12.83 26.79 -18.48
CA GLU A 34 -13.88 26.77 -17.48
C GLU A 34 -13.28 26.71 -16.07
N TYR A 35 -12.15 25.96 -15.93
CA TYR A 35 -11.44 25.77 -14.66
C TYR A 35 -10.86 27.07 -14.13
N LYS A 36 -10.30 27.85 -15.03
CA LYS A 36 -9.77 29.19 -14.77
C LYS A 36 -10.95 30.09 -14.32
N ILE A 37 -12.13 30.04 -15.06
CA ILE A 37 -13.35 30.80 -14.70
C ILE A 37 -13.88 30.43 -13.30
N TRP A 38 -13.85 29.13 -12.95
CA TRP A 38 -14.25 28.69 -11.61
C TRP A 38 -13.28 29.27 -10.54
N LYS A 39 -11.96 29.14 -10.76
CA LYS A 39 -10.93 29.64 -9.82
C LYS A 39 -11.12 31.12 -9.47
N LYS A 40 -11.44 32.00 -10.46
CA LYS A 40 -11.61 33.43 -10.24
C LYS A 40 -12.85 33.74 -9.43
N ASN A 41 -13.89 32.94 -9.55
CA ASN A 41 -15.16 33.16 -8.87
C ASN A 41 -15.23 32.48 -7.50
N THR A 42 -14.20 31.67 -7.12
CA THR A 42 -14.26 30.96 -5.85
C THR A 42 -14.49 31.87 -4.65
N PRO A 43 -13.91 33.08 -4.48
CA PRO A 43 -14.19 33.82 -3.24
C PRO A 43 -15.65 34.24 -3.15
N PHE A 44 -16.40 34.07 -4.25
CA PHE A 44 -17.79 34.52 -4.39
C PHE A 44 -18.80 33.39 -4.43
N LEU A 45 -18.29 32.16 -4.32
CA LEU A 45 -19.08 30.93 -4.28
C LEU A 45 -18.83 30.18 -2.99
N TYR A 46 -17.66 30.36 -2.34
CA TYR A 46 -17.29 29.58 -1.16
C TYR A 46 -16.79 30.35 0.01
N ASP A 47 -16.91 29.76 1.24
CA ASP A 47 -16.30 30.32 2.45
C ASP A 47 -14.92 29.62 2.65
N LEU A 48 -14.71 28.48 2.00
CA LEU A 48 -13.45 27.73 2.11
C LEU A 48 -13.21 26.86 0.88
N VAL A 49 -11.99 26.96 0.27
CA VAL A 49 -11.51 26.08 -0.81
C VAL A 49 -10.02 25.73 -0.61
N MET A 50 -9.75 24.45 -0.28
CA MET A 50 -8.41 23.88 -0.14
C MET A 50 -8.31 22.86 -1.24
N THR A 51 -7.22 22.89 -1.95
CA THR A 51 -7.04 22.02 -3.08
C THR A 51 -5.70 21.32 -2.90
N HIS A 52 -5.71 19.98 -2.92
CA HIS A 52 -4.49 19.20 -2.71
C HIS A 52 -4.26 18.25 -3.84
N ALA A 53 -3.00 18.12 -4.29
CA ALA A 53 -2.67 17.14 -5.32
C ALA A 53 -2.05 15.90 -4.65
N LEU A 54 -2.80 14.79 -4.62
CA LEU A 54 -2.30 13.54 -4.04
C LEU A 54 -1.28 12.93 -5.03
N GLU A 55 -0.28 12.19 -4.52
CA GLU A 55 0.75 11.52 -5.33
C GLU A 55 0.12 10.56 -6.33
N TRP A 56 -0.89 9.79 -5.90
CA TRP A 56 -1.64 8.87 -6.73
C TRP A 56 -3.11 9.19 -6.48
N PRO A 57 -4.03 8.97 -7.45
CA PRO A 57 -5.44 9.26 -7.18
C PRO A 57 -6.01 8.36 -6.10
N SER A 58 -7.11 8.77 -5.50
CA SER A 58 -7.86 8.04 -4.49
C SER A 58 -9.24 7.75 -5.03
N LEU A 59 -9.61 6.48 -5.06
CA LEU A 59 -10.93 6.02 -5.52
C LEU A 59 -11.96 6.14 -4.39
N THR A 60 -11.49 6.39 -3.16
CA THR A 60 -12.26 6.46 -1.93
C THR A 60 -11.94 7.75 -1.14
N ALA A 61 -12.93 8.25 -0.35
CA ALA A 61 -12.80 9.40 0.57
C ALA A 61 -13.86 9.30 1.68
N GLN A 62 -13.44 9.43 2.95
CA GLN A 62 -14.31 9.37 4.12
C GLN A 62 -13.64 9.98 5.36
N TRP A 63 -14.35 10.92 5.99
CA TRP A 63 -13.86 11.63 7.16
C TRP A 63 -13.97 10.72 8.34
N LEU A 64 -12.95 10.70 9.20
CA LEU A 64 -13.04 9.91 10.42
C LEU A 64 -13.83 10.73 11.42
N PRO A 65 -14.52 10.14 12.41
CA PRO A 65 -15.39 10.95 13.27
C PRO A 65 -14.70 11.90 14.23
N ASP A 66 -13.43 11.67 14.53
CA ASP A 66 -12.62 12.46 15.47
C ASP A 66 -12.11 13.81 14.95
N VAL A 67 -11.95 14.79 15.87
CA VAL A 67 -11.40 16.15 15.69
C VAL A 67 -10.59 16.53 16.95
N THR A 68 -9.30 16.89 16.75
CA THR A 68 -8.33 17.31 17.78
C THR A 68 -8.10 18.83 17.69
N ARG A 69 -8.14 19.51 18.85
CA ARG A 69 -7.86 20.95 18.90
C ARG A 69 -6.63 21.22 19.75
N PRO A 70 -5.45 21.50 19.14
CA PRO A 70 -4.26 21.83 19.94
C PRO A 70 -4.52 23.10 20.76
N GLU A 71 -4.30 23.02 22.10
CA GLU A 71 -4.60 24.05 23.12
C GLU A 71 -4.27 25.49 22.71
N GLY A 72 -3.01 25.78 22.41
CA GLY A 72 -2.63 27.11 22.01
C GLY A 72 -2.57 27.27 20.50
N LYS A 73 -3.70 26.93 19.81
CA LYS A 73 -3.78 26.99 18.35
C LYS A 73 -5.20 27.30 17.79
N ASP A 74 -5.22 28.05 16.68
CA ASP A 74 -6.38 28.60 15.97
C ASP A 74 -6.91 27.69 14.83
N PHE A 75 -6.69 26.38 14.96
CA PHE A 75 -7.14 25.41 13.98
C PHE A 75 -7.39 24.08 14.71
N SER A 76 -8.04 23.15 14.00
CA SER A 76 -8.30 21.81 14.51
C SER A 76 -7.93 20.77 13.46
N ILE A 77 -7.49 19.59 13.91
CA ILE A 77 -7.09 18.53 13.03
C ILE A 77 -8.25 17.57 12.78
N HIS A 78 -8.54 17.37 11.51
CA HIS A 78 -9.53 16.48 10.96
C HIS A 78 -8.78 15.39 10.19
N ARG A 79 -9.39 14.22 9.95
CA ARG A 79 -8.70 13.15 9.27
C ARG A 79 -9.55 12.46 8.23
N LEU A 80 -8.90 11.92 7.21
CA LEU A 80 -9.56 11.22 6.14
C LEU A 80 -9.00 9.82 5.89
N VAL A 81 -9.86 8.94 5.40
CA VAL A 81 -9.48 7.59 4.97
C VAL A 81 -9.48 7.68 3.44
N LEU A 82 -8.29 7.73 2.86
CA LEU A 82 -8.10 7.71 1.41
C LEU A 82 -7.38 6.39 1.08
N GLY A 83 -7.13 6.17 -0.19
CA GLY A 83 -6.41 5.02 -0.71
C GLY A 83 -5.65 5.45 -1.94
N THR A 84 -4.94 4.52 -2.57
CA THR A 84 -4.18 4.84 -3.78
C THR A 84 -4.72 4.04 -4.97
N HIS A 85 -4.45 4.51 -6.18
CA HIS A 85 -4.78 3.82 -7.42
C HIS A 85 -3.53 4.07 -8.25
N THR A 86 -2.65 3.05 -8.33
CA THR A 86 -1.37 3.18 -9.01
C THR A 86 -1.34 2.65 -10.45
N SER A 87 -0.20 2.87 -11.09
CA SER A 87 0.15 2.38 -12.40
C SER A 87 1.50 1.70 -12.17
N ASP A 88 1.44 0.39 -11.90
CA ASP A 88 2.62 -0.46 -11.64
C ASP A 88 3.45 0.01 -10.43
N GLU A 89 2.77 0.28 -9.30
CA GLU A 89 3.43 0.67 -8.07
C GLU A 89 2.67 0.17 -6.86
N GLN A 90 3.30 0.25 -5.67
CA GLN A 90 2.71 -0.17 -4.40
C GLN A 90 1.50 0.70 -4.02
N ASN A 91 0.39 0.03 -3.65
CA ASN A 91 -0.84 0.70 -3.20
C ASN A 91 -0.89 0.70 -1.70
N HIS A 92 -1.47 1.75 -1.14
CA HIS A 92 -1.59 1.90 0.30
C HIS A 92 -2.96 2.35 0.70
N LEU A 93 -3.34 1.99 1.94
CA LEU A 93 -4.51 2.47 2.64
C LEU A 93 -3.94 3.70 3.35
N VAL A 94 -4.56 4.88 3.13
CA VAL A 94 -4.05 6.16 3.62
C VAL A 94 -4.95 6.86 4.65
N ILE A 95 -4.35 7.39 5.72
CA ILE A 95 -5.02 8.23 6.70
C ILE A 95 -4.34 9.61 6.61
N ALA A 96 -5.06 10.58 6.04
CA ALA A 96 -4.58 11.95 5.87
C ALA A 96 -5.13 12.85 6.94
N SER A 97 -4.41 13.89 7.33
CA SER A 97 -4.93 14.84 8.31
C SER A 97 -5.12 16.18 7.57
N VAL A 98 -6.24 16.86 7.86
CA VAL A 98 -6.57 18.16 7.28
C VAL A 98 -6.73 19.15 8.43
N GLN A 99 -6.05 20.30 8.35
CA GLN A 99 -6.17 21.39 9.32
C GLN A 99 -7.19 22.44 8.79
N LEU A 100 -8.35 22.57 9.44
CA LEU A 100 -9.34 23.60 9.10
C LEU A 100 -9.22 24.71 10.14
N PRO A 101 -9.46 26.00 9.79
CA PRO A 101 -9.36 27.04 10.83
C PRO A 101 -10.51 26.92 11.85
N ASN A 102 -10.42 27.68 12.96
CA ASN A 102 -11.46 27.69 13.97
C ASN A 102 -12.56 28.68 13.56
N ASP A 103 -13.10 29.43 14.54
CA ASP A 103 -14.12 30.46 14.31
C ASP A 103 -13.40 31.83 14.13
N ASP A 104 -12.27 32.02 14.86
CA ASP A 104 -11.37 33.18 14.74
C ASP A 104 -10.33 32.83 13.65
N ALA A 105 -10.84 32.53 12.44
CA ALA A 105 -10.15 32.08 11.23
C ALA A 105 -9.07 33.03 10.65
N GLN A 106 -8.42 32.57 9.55
CA GLN A 106 -7.40 33.26 8.76
C GLN A 106 -8.09 34.42 7.98
N PHE A 107 -7.34 35.52 7.71
CA PHE A 107 -7.80 36.72 6.96
C PHE A 107 -8.59 36.35 5.70
N PHE A 119 -8.97 34.63 -7.34
CA PHE A 119 -8.19 33.43 -7.57
C PHE A 119 -7.70 32.96 -6.20
N GLY A 120 -6.40 32.73 -6.08
CA GLY A 120 -5.77 32.29 -4.85
C GLY A 120 -5.60 33.34 -3.77
N GLY A 121 -5.57 32.89 -2.52
CA GLY A 121 -5.42 33.73 -1.35
C GLY A 121 -4.15 33.33 -0.60
N PHE A 122 -4.01 32.03 -0.32
CA PHE A 122 -2.80 31.52 0.32
C PHE A 122 -2.24 30.35 -0.48
N GLY A 123 -2.23 30.49 -1.80
CA GLY A 123 -1.71 29.48 -2.70
C GLY A 123 -0.34 28.96 -2.31
N SER A 124 -0.17 27.65 -2.47
CA SER A 124 1.02 26.89 -2.14
C SER A 124 1.33 27.01 -0.67
N VAL A 125 0.65 26.18 0.10
CA VAL A 125 0.79 26.16 1.53
C VAL A 125 1.44 24.87 1.98
N SER A 126 1.97 24.85 3.20
CA SER A 126 2.62 23.66 3.72
C SER A 126 2.21 23.36 5.13
N GLY A 127 2.13 22.08 5.42
CA GLY A 127 1.70 21.61 6.74
C GLY A 127 0.21 21.75 6.98
N LYS A 128 -0.61 21.82 5.91
CA LYS A 128 -2.05 21.97 6.07
C LYS A 128 -2.85 20.68 5.71
N ILE A 129 -2.28 19.82 4.87
CA ILE A 129 -2.83 18.51 4.50
C ILE A 129 -1.61 17.60 4.44
N GLU A 130 -1.55 16.59 5.31
CA GLU A 130 -0.41 15.69 5.39
C GLU A 130 -0.87 14.23 5.51
N ILE A 131 -0.03 13.28 5.05
CA ILE A 131 -0.29 11.84 5.18
C ILE A 131 0.31 11.39 6.52
N GLU A 132 -0.53 10.90 7.43
CA GLU A 132 -0.13 10.47 8.78
C GLU A 132 0.28 8.99 8.79
N ILE A 133 -0.52 8.14 8.10
CA ILE A 133 -0.35 6.68 8.02
C ILE A 133 -0.52 6.24 6.57
N LYS A 134 0.27 5.25 6.13
CA LYS A 134 0.25 4.64 4.80
C LYS A 134 0.47 3.15 5.05
N ILE A 135 -0.53 2.29 4.80
CA ILE A 135 -0.32 0.87 5.06
C ILE A 135 -0.44 0.07 3.75
N ASN A 136 0.57 -0.79 3.48
CA ASN A 136 0.68 -1.68 2.31
C ASN A 136 -0.64 -2.38 2.02
N HIS A 137 -1.10 -2.26 0.76
CA HIS A 137 -2.38 -2.81 0.29
C HIS A 137 -2.23 -3.58 -1.04
N GLU A 138 -2.91 -4.74 -1.16
CA GLU A 138 -2.85 -5.58 -2.37
C GLU A 138 -3.75 -5.01 -3.48
N GLY A 139 -3.14 -4.18 -4.33
CA GLY A 139 -3.86 -3.50 -5.41
C GLY A 139 -4.61 -2.28 -4.91
N GLU A 140 -5.27 -1.53 -5.83
CA GLU A 140 -6.03 -0.29 -5.54
C GLU A 140 -7.09 -0.48 -4.45
N VAL A 141 -7.32 0.56 -3.68
CA VAL A 141 -8.39 0.55 -2.70
C VAL A 141 -9.62 1.05 -3.51
N ASN A 142 -10.59 0.17 -3.79
CA ASN A 142 -11.81 0.55 -4.51
C ASN A 142 -12.69 1.32 -3.55
N ARG A 143 -12.71 0.87 -2.27
CA ARG A 143 -13.45 1.52 -1.20
C ARG A 143 -12.87 1.20 0.14
N ALA A 144 -12.74 2.18 1.02
CA ALA A 144 -12.32 2.01 2.42
C ALA A 144 -13.35 2.73 3.32
N ARG A 145 -13.86 2.01 4.32
CA ARG A 145 -14.85 2.51 5.25
C ARG A 145 -14.50 2.06 6.69
N TYR A 146 -14.60 3.00 7.67
CA TYR A 146 -14.30 2.73 9.08
C TYR A 146 -15.55 2.18 9.84
N MET A 147 -15.33 1.26 10.78
CA MET A 147 -16.41 0.66 11.59
C MET A 147 -16.88 1.75 12.59
N PRO A 148 -18.16 2.23 12.51
CA PRO A 148 -18.59 3.31 13.43
C PRO A 148 -18.38 3.03 14.93
N GLN A 149 -18.53 1.75 15.36
CA GLN A 149 -18.33 1.34 16.76
C GLN A 149 -16.86 1.43 17.23
N ASN A 150 -15.88 1.34 16.31
CA ASN A 150 -14.45 1.49 16.61
C ASN A 150 -13.78 1.93 15.33
N PRO A 151 -13.66 3.26 15.14
CA PRO A 151 -13.14 3.78 13.88
C PRO A 151 -11.67 3.51 13.55
N CYS A 152 -11.00 2.56 14.22
CA CYS A 152 -9.62 2.17 13.90
C CYS A 152 -9.65 1.06 12.86
N ILE A 153 -10.78 0.36 12.82
CA ILE A 153 -11.03 -0.76 11.94
C ILE A 153 -11.58 -0.20 10.66
N ILE A 154 -10.85 -0.45 9.55
CA ILE A 154 -11.22 -0.07 8.22
C ILE A 154 -11.32 -1.32 7.36
N ALA A 155 -12.39 -1.43 6.58
CA ALA A 155 -12.60 -2.51 5.61
C ALA A 155 -12.28 -1.94 4.24
N THR A 156 -11.58 -2.70 3.39
CA THR A 156 -11.25 -2.25 2.04
C THR A 156 -11.75 -3.20 0.96
N LYS A 157 -11.99 -2.65 -0.22
CA LYS A 157 -12.43 -3.39 -1.40
C LYS A 157 -11.27 -3.38 -2.35
N THR A 158 -10.77 -4.56 -2.66
CA THR A 158 -9.58 -4.84 -3.45
C THR A 158 -10.00 -5.16 -4.93
N PRO A 159 -9.10 -5.00 -5.95
CA PRO A 159 -9.46 -5.50 -7.30
C PRO A 159 -9.53 -7.06 -7.39
N SER A 160 -9.28 -7.79 -6.27
CA SER A 160 -9.37 -9.25 -6.18
C SER A 160 -10.65 -9.62 -5.41
N SER A 161 -10.88 -10.92 -5.17
CA SER A 161 -12.07 -11.42 -4.48
C SER A 161 -12.22 -11.05 -2.98
N ASP A 162 -11.11 -10.99 -2.21
CA ASP A 162 -11.21 -10.75 -0.76
C ASP A 162 -11.54 -9.32 -0.38
N VAL A 163 -12.17 -9.16 0.79
CA VAL A 163 -12.46 -7.88 1.45
C VAL A 163 -11.50 -7.91 2.67
N LEU A 164 -10.69 -6.83 2.83
CA LEU A 164 -9.69 -6.81 3.89
C LEU A 164 -10.08 -5.94 5.05
N VAL A 165 -9.76 -6.37 6.26
CA VAL A 165 -10.04 -5.59 7.46
C VAL A 165 -8.69 -5.21 8.12
N PHE A 166 -8.53 -3.92 8.45
CA PHE A 166 -7.33 -3.39 9.09
C PHE A 166 -7.65 -2.58 10.35
N ASP A 167 -6.96 -2.85 11.46
CA ASP A 167 -7.03 -2.00 12.63
C ASP A 167 -5.75 -1.16 12.47
N TYR A 168 -5.85 0.13 11.99
CA TYR A 168 -4.63 0.90 11.73
C TYR A 168 -3.68 1.04 12.93
N THR A 169 -4.21 1.00 14.16
CA THR A 169 -3.34 1.10 15.34
C THR A 169 -2.40 -0.14 15.41
N LYS A 170 -2.87 -1.33 14.98
CA LYS A 170 -2.11 -2.59 14.93
C LYS A 170 -1.07 -2.67 13.75
N HIS A 171 -0.75 -1.52 13.11
CA HIS A 171 0.19 -1.41 11.98
C HIS A 171 1.16 -0.22 12.09
N PRO A 172 2.37 -0.24 11.48
CA PRO A 172 3.24 0.95 11.52
C PRO A 172 2.74 2.02 10.53
N SER A 173 3.00 3.31 10.86
CA SER A 173 2.61 4.44 10.02
C SER A 173 3.46 4.39 8.75
N LYS A 174 4.79 4.24 8.92
CA LYS A 174 5.75 4.15 7.82
C LYS A 174 5.71 2.72 7.26
N PRO A 175 5.26 2.51 5.99
CA PRO A 175 5.17 1.15 5.46
C PRO A 175 6.49 0.51 5.09
N ASP A 176 6.52 -0.82 5.18
CA ASP A 176 7.68 -1.62 4.82
C ASP A 176 7.89 -1.57 3.27
N PRO A 177 9.04 -1.08 2.78
CA PRO A 177 9.27 -1.01 1.32
C PRO A 177 9.12 -2.32 0.54
N SER A 178 9.14 -3.49 1.21
CA SER A 178 8.93 -4.80 0.59
C SER A 178 7.51 -4.90 0.00
N GLY A 179 6.58 -4.10 0.53
CA GLY A 179 5.21 -4.05 0.06
C GLY A 179 4.23 -5.07 0.61
N GLU A 180 4.74 -6.05 1.37
CA GLU A 180 3.97 -7.13 2.00
C GLU A 180 2.71 -6.59 2.73
N CYS A 181 1.51 -7.01 2.27
CA CYS A 181 0.20 -6.66 2.83
C CYS A 181 -0.23 -7.74 3.81
N ASN A 182 -0.36 -7.37 5.12
CA ASN A 182 -0.81 -8.27 6.19
C ASN A 182 -2.09 -7.71 6.81
N PRO A 183 -3.28 -7.97 6.21
CA PRO A 183 -4.54 -7.48 6.80
C PRO A 183 -4.87 -8.22 8.08
N ASP A 184 -5.61 -7.58 8.98
CA ASP A 184 -5.98 -8.20 10.24
C ASP A 184 -7.00 -9.33 10.05
N LEU A 185 -7.85 -9.20 9.01
CA LEU A 185 -8.84 -10.22 8.62
C LEU A 185 -8.96 -10.28 7.10
N ARG A 186 -9.31 -11.45 6.58
CA ARG A 186 -9.46 -11.69 5.16
C ARG A 186 -10.88 -12.25 4.98
N LEU A 187 -11.79 -11.46 4.44
CA LEU A 187 -13.19 -11.84 4.31
C LEU A 187 -13.56 -12.43 2.94
N ARG A 188 -13.90 -13.72 2.97
CA ARG A 188 -14.32 -14.57 1.84
C ARG A 188 -15.84 -14.81 1.98
N GLY A 189 -16.59 -14.92 0.89
CA GLY A 189 -16.07 -14.90 -0.46
C GLY A 189 -17.08 -14.60 -1.52
N HIS A 190 -16.60 -13.76 -2.43
CA HIS A 190 -17.17 -13.36 -3.70
C HIS A 190 -16.22 -14.02 -4.68
N GLN A 191 -16.51 -13.94 -5.99
CA GLN A 191 -15.59 -14.49 -6.99
C GLN A 191 -15.00 -13.36 -7.84
N LYS A 192 -15.45 -12.09 -7.58
CA LYS A 192 -14.99 -10.91 -8.32
C LYS A 192 -14.80 -9.72 -7.39
N GLU A 193 -14.23 -8.63 -7.92
CA GLU A 193 -14.07 -7.36 -7.19
C GLU A 193 -15.44 -6.63 -7.11
N GLY A 194 -15.51 -5.59 -6.28
CA GLY A 194 -16.70 -4.79 -6.10
C GLY A 194 -16.43 -3.43 -5.49
N TYR A 195 -17.47 -2.61 -5.35
CA TYR A 195 -17.29 -1.31 -4.73
C TYR A 195 -18.10 -1.18 -3.47
N GLY A 196 -19.34 -1.66 -3.48
CA GLY A 196 -20.25 -1.59 -2.35
C GLY A 196 -19.67 -2.15 -1.09
N LEU A 197 -19.73 -1.39 0.03
CA LEU A 197 -19.19 -1.76 1.37
C LEU A 197 -19.93 -0.95 2.49
N SER A 198 -20.50 -1.65 3.51
CA SER A 198 -21.31 -1.00 4.57
C SER A 198 -21.28 -1.66 5.94
N TRP A 199 -20.80 -0.95 6.98
CA TRP A 199 -20.80 -1.41 8.38
C TRP A 199 -22.14 -1.05 9.06
N ASN A 200 -22.78 -2.01 9.77
CA ASN A 200 -24.02 -1.77 10.51
C ASN A 200 -23.76 -0.81 11.69
N PRO A 201 -24.34 0.43 11.66
CA PRO A 201 -24.12 1.37 12.78
C PRO A 201 -24.86 0.97 14.06
N ASN A 202 -25.59 -0.18 14.07
CA ASN A 202 -26.37 -0.69 15.21
C ASN A 202 -26.03 -2.14 15.65
N LEU A 203 -25.12 -2.83 14.92
CA LEU A 203 -24.63 -4.17 15.22
C LEU A 203 -23.16 -4.11 14.93
N SER A 204 -22.36 -4.03 15.98
CA SER A 204 -20.91 -3.97 15.88
C SER A 204 -20.31 -5.15 15.09
N GLY A 205 -19.50 -4.86 14.07
CA GLY A 205 -18.79 -5.87 13.29
C GLY A 205 -19.55 -6.59 12.20
N HIS A 206 -20.74 -6.08 11.86
CA HIS A 206 -21.60 -6.61 10.80
C HIS A 206 -21.37 -5.81 9.56
N LEU A 207 -20.59 -6.36 8.65
CA LEU A 207 -20.21 -5.72 7.40
C LEU A 207 -20.87 -6.38 6.19
N LEU A 208 -21.33 -5.58 5.25
CA LEU A 208 -21.91 -6.04 3.99
C LEU A 208 -21.02 -5.57 2.86
N SER A 209 -20.96 -6.36 1.75
CA SER A 209 -20.23 -5.94 0.57
C SER A 209 -20.88 -6.46 -0.69
N ALA A 210 -20.90 -5.64 -1.74
CA ALA A 210 -21.47 -5.91 -3.07
C ALA A 210 -20.35 -6.26 -4.07
N SER A 211 -20.67 -7.10 -5.09
CA SER A 211 -19.66 -7.52 -6.06
C SER A 211 -20.22 -7.72 -7.46
N ASP A 212 -19.31 -7.71 -8.48
CA ASP A 212 -19.62 -7.92 -9.91
C ASP A 212 -20.03 -9.38 -10.19
N ASP A 213 -20.14 -10.18 -9.12
CA ASP A 213 -20.52 -11.59 -9.14
C ASP A 213 -22.04 -11.77 -8.84
N HIS A 214 -22.79 -10.65 -8.80
CA HIS A 214 -24.24 -10.54 -8.56
C HIS A 214 -24.65 -10.81 -7.11
N THR A 215 -23.69 -10.82 -6.15
CA THR A 215 -24.09 -11.12 -4.76
C THR A 215 -23.70 -10.07 -3.73
N ILE A 216 -24.27 -10.22 -2.52
CA ILE A 216 -24.05 -9.39 -1.35
C ILE A 216 -23.61 -10.35 -0.28
N CYS A 217 -22.45 -10.10 0.33
CA CYS A 217 -21.95 -10.97 1.39
C CYS A 217 -22.12 -10.27 2.72
N LEU A 218 -22.24 -11.05 3.78
CA LEU A 218 -22.38 -10.52 5.13
C LEU A 218 -21.42 -11.24 6.08
N TRP A 219 -20.68 -10.45 6.88
CA TRP A 219 -19.73 -11.01 7.85
C TRP A 219 -19.99 -10.48 9.25
N ASP A 220 -19.74 -11.32 10.27
CA ASP A 220 -19.88 -10.92 11.66
C ASP A 220 -18.49 -10.99 12.30
N ILE A 221 -17.60 -10.06 11.92
CA ILE A 221 -16.20 -9.98 12.38
C ILE A 221 -16.08 -9.81 13.92
N SER A 222 -17.19 -9.39 14.59
CA SER A 222 -17.31 -9.11 16.03
C SER A 222 -16.80 -10.21 16.97
N ALA A 223 -16.79 -11.48 16.54
CA ALA A 223 -16.32 -12.53 17.43
C ALA A 223 -15.60 -13.66 16.71
N VAL A 224 -15.83 -13.79 15.40
CA VAL A 224 -15.29 -14.88 14.59
C VAL A 224 -13.73 -14.85 14.45
N PRO A 225 -13.04 -15.98 14.82
CA PRO A 225 -11.57 -16.01 14.71
C PRO A 225 -11.09 -16.31 13.29
N GLY A 228 -7.83 -19.68 9.39
CA GLY A 228 -6.88 -18.88 10.14
C GLY A 228 -7.37 -17.48 10.40
N LYS A 229 -6.73 -16.48 9.75
CA LYS A 229 -7.08 -15.05 9.82
C LYS A 229 -8.12 -14.76 8.72
N VAL A 230 -8.78 -15.84 8.27
CA VAL A 230 -9.80 -15.87 7.23
C VAL A 230 -11.17 -16.08 7.89
N VAL A 231 -12.15 -15.34 7.41
CA VAL A 231 -13.54 -15.37 7.85
C VAL A 231 -14.41 -15.61 6.61
N ASP A 232 -15.33 -16.61 6.68
CA ASP A 232 -16.28 -16.89 5.61
C ASP A 232 -17.60 -16.09 5.80
N ALA A 233 -18.38 -15.89 4.72
CA ALA A 233 -19.62 -15.12 4.84
C ALA A 233 -20.70 -15.84 5.64
N LYS A 234 -21.27 -15.12 6.62
CA LYS A 234 -22.37 -15.56 7.51
C LYS A 234 -23.59 -15.80 6.63
N THR A 235 -23.85 -14.85 5.68
CA THR A 235 -24.95 -14.91 4.72
C THR A 235 -24.55 -14.33 3.37
N ILE A 236 -25.05 -14.94 2.29
CA ILE A 236 -24.87 -14.46 0.90
C ILE A 236 -26.29 -14.26 0.31
N PHE A 237 -26.60 -13.06 -0.15
CA PHE A 237 -27.92 -12.73 -0.74
C PHE A 237 -27.79 -12.74 -2.25
N THR A 238 -28.53 -13.66 -2.91
CA THR A 238 -28.47 -13.87 -4.37
C THR A 238 -29.64 -13.28 -5.19
N GLY A 239 -30.35 -12.27 -4.67
CA GLY A 239 -31.48 -11.66 -5.34
C GLY A 239 -31.24 -11.01 -6.69
N HIS A 240 -30.10 -10.32 -6.84
CA HIS A 240 -29.79 -9.61 -8.08
C HIS A 240 -29.39 -10.55 -9.18
N THR A 241 -29.51 -10.08 -10.42
CA THR A 241 -29.22 -10.83 -11.64
C THR A 241 -28.21 -10.08 -12.52
N ALA A 242 -27.48 -9.13 -11.94
CA ALA A 242 -26.45 -8.34 -12.59
C ALA A 242 -25.49 -7.85 -11.52
N VAL A 243 -24.42 -7.18 -11.97
CA VAL A 243 -23.39 -6.61 -11.11
C VAL A 243 -24.07 -5.76 -10.03
N VAL A 244 -23.82 -6.10 -8.74
CA VAL A 244 -24.35 -5.35 -7.61
C VAL A 244 -23.37 -4.21 -7.43
N GLU A 245 -23.87 -2.98 -7.47
CA GLU A 245 -23.04 -1.78 -7.43
C GLU A 245 -22.82 -1.23 -6.05
N ASP A 246 -23.89 -1.15 -5.24
CA ASP A 246 -23.78 -0.62 -3.89
C ASP A 246 -24.69 -1.34 -2.93
N VAL A 247 -24.38 -1.21 -1.64
CA VAL A 247 -25.11 -1.82 -0.55
C VAL A 247 -24.96 -0.88 0.66
N SER A 248 -26.04 -0.67 1.42
CA SER A 248 -26.03 0.18 2.60
C SER A 248 -27.03 -0.28 3.63
N TRP A 249 -26.61 -0.35 4.88
CA TRP A 249 -27.49 -0.68 6.00
C TRP A 249 -28.41 0.52 6.25
N HIS A 250 -29.59 0.24 6.84
CA HIS A 250 -30.53 1.26 7.26
C HIS A 250 -29.89 1.81 8.55
N LEU A 251 -29.77 3.14 8.68
CA LEU A 251 -29.10 3.76 9.82
C LEU A 251 -29.83 3.68 11.17
N LEU A 252 -31.11 3.28 11.21
CA LEU A 252 -31.86 3.23 12.46
C LEU A 252 -32.38 1.84 12.83
N HIS A 253 -32.61 0.96 11.83
CA HIS A 253 -33.11 -0.41 12.05
C HIS A 253 -32.09 -1.48 11.64
N GLU A 254 -31.46 -2.15 12.62
CA GLU A 254 -30.37 -3.12 12.47
C GLU A 254 -30.62 -4.34 11.53
N SER A 255 -31.87 -4.66 11.19
CA SER A 255 -32.08 -5.84 10.35
C SER A 255 -32.41 -5.47 8.90
N LEU A 256 -32.27 -4.19 8.55
CA LEU A 256 -32.55 -3.73 7.19
C LEU A 256 -31.38 -3.16 6.45
N PHE A 257 -31.35 -3.46 5.16
CA PHE A 257 -30.36 -2.91 4.25
C PHE A 257 -30.95 -2.80 2.86
N GLY A 258 -30.34 -1.99 2.03
CA GLY A 258 -30.75 -1.83 0.65
C GLY A 258 -29.58 -2.10 -0.26
N SER A 259 -29.87 -2.62 -1.45
CA SER A 259 -28.83 -2.88 -2.44
C SER A 259 -29.28 -2.39 -3.81
N VAL A 260 -28.31 -1.96 -4.62
CA VAL A 260 -28.55 -1.46 -5.97
C VAL A 260 -27.64 -2.17 -6.95
N ALA A 261 -28.20 -2.55 -8.10
CA ALA A 261 -27.45 -3.25 -9.15
C ALA A 261 -27.74 -2.76 -10.56
N ASP A 262 -26.95 -3.24 -11.54
CA ASP A 262 -27.11 -3.01 -12.98
C ASP A 262 -28.38 -3.70 -13.51
N ASP A 263 -29.11 -4.38 -12.60
CA ASP A 263 -30.42 -5.01 -12.67
C ASP A 263 -31.48 -3.97 -13.09
N GLN A 264 -31.18 -2.65 -12.81
CA GLN A 264 -31.97 -1.42 -12.92
C GLN A 264 -32.84 -1.31 -11.65
N LYS A 265 -32.60 -2.22 -10.67
CA LYS A 265 -33.36 -2.41 -9.44
C LYS A 265 -32.74 -1.97 -8.09
N LEU A 266 -33.64 -1.52 -7.17
CA LEU A 266 -33.40 -1.18 -5.78
C LEU A 266 -34.06 -2.31 -5.02
N MET A 267 -33.35 -2.95 -4.06
CA MET A 267 -33.90 -4.08 -3.28
C MET A 267 -33.72 -3.84 -1.82
N ILE A 268 -34.80 -3.99 -1.05
CA ILE A 268 -34.78 -3.83 0.39
C ILE A 268 -34.74 -5.21 1.01
N TRP A 269 -33.80 -5.40 1.92
CA TRP A 269 -33.57 -6.69 2.53
C TRP A 269 -33.79 -6.70 4.03
N ASP A 270 -34.14 -7.88 4.57
CA ASP A 270 -34.36 -8.08 6.00
C ASP A 270 -33.55 -9.30 6.40
N THR A 271 -32.52 -9.09 7.24
CA THR A 271 -31.61 -10.14 7.68
C THR A 271 -32.38 -11.28 8.32
N ARG A 272 -33.46 -10.95 9.09
CA ARG A 272 -34.37 -11.89 9.78
C ARG A 272 -35.02 -12.91 8.85
N SER A 273 -35.26 -12.55 7.56
CA SER A 273 -35.84 -13.46 6.56
C SER A 273 -34.89 -14.65 6.28
N ASN A 274 -35.49 -15.82 6.11
CA ASN A 274 -34.81 -17.08 5.86
C ASN A 274 -34.53 -17.33 4.36
N ASN A 275 -35.06 -16.46 3.49
CA ASN A 275 -34.90 -16.61 2.04
C ASN A 275 -33.98 -15.54 1.52
N THR A 276 -32.72 -15.94 1.23
CA THR A 276 -31.67 -15.04 0.74
C THR A 276 -31.71 -14.84 -0.80
N SER A 277 -32.57 -15.57 -1.52
CA SER A 277 -32.71 -15.40 -2.96
C SER A 277 -33.75 -14.31 -3.33
N LYS A 278 -34.68 -13.99 -2.41
CA LYS A 278 -35.74 -12.99 -2.60
C LYS A 278 -35.68 -11.86 -1.56
N PRO A 279 -35.74 -10.58 -1.97
CA PRO A 279 -35.75 -9.51 -0.96
C PRO A 279 -37.16 -9.22 -0.41
N SER A 280 -37.23 -8.34 0.63
CA SER A 280 -38.47 -7.87 1.23
C SER A 280 -39.22 -7.03 0.21
N HIS A 281 -38.48 -6.21 -0.57
CA HIS A 281 -39.04 -5.36 -1.61
C HIS A 281 -38.08 -5.27 -2.77
N SER A 282 -38.61 -5.21 -3.99
CA SER A 282 -37.84 -5.07 -5.22
C SER A 282 -38.52 -3.96 -6.05
N VAL A 283 -37.73 -2.96 -6.49
CA VAL A 283 -38.21 -1.77 -7.18
C VAL A 283 -37.48 -1.57 -8.51
N ASP A 284 -38.22 -1.30 -9.59
CA ASP A 284 -37.62 -0.96 -10.88
C ASP A 284 -37.39 0.52 -10.76
N ALA A 285 -36.24 0.84 -10.17
CA ALA A 285 -35.85 2.14 -9.74
C ALA A 285 -35.46 3.12 -10.82
N HIS A 286 -34.70 2.68 -11.85
CA HIS A 286 -34.17 3.60 -12.88
C HIS A 286 -34.20 3.00 -14.29
N THR A 287 -33.92 3.81 -15.32
CA THR A 287 -33.94 3.33 -16.71
C THR A 287 -32.58 2.79 -17.20
N ALA A 288 -31.59 2.73 -16.30
CA ALA A 288 -30.27 2.15 -16.51
C ALA A 288 -29.70 1.72 -15.14
N GLU A 289 -28.42 1.27 -15.14
CA GLU A 289 -27.68 0.78 -13.97
C GLU A 289 -27.82 1.73 -12.81
N VAL A 290 -28.08 1.19 -11.62
CA VAL A 290 -28.19 1.95 -10.36
C VAL A 290 -26.83 1.75 -9.65
N ASN A 291 -26.10 2.83 -9.35
CA ASN A 291 -24.73 2.78 -8.81
C ASN A 291 -24.56 3.08 -7.33
N CYS A 292 -25.53 3.71 -6.71
CA CYS A 292 -25.38 4.12 -5.33
C CYS A 292 -26.71 4.33 -4.68
N LEU A 293 -26.71 4.24 -3.35
CA LEU A 293 -27.87 4.48 -2.52
C LEU A 293 -27.43 5.03 -1.17
N SER A 294 -28.32 5.80 -0.53
CA SER A 294 -28.00 6.41 0.74
C SER A 294 -29.27 6.54 1.56
N PHE A 295 -29.22 6.05 2.81
CA PHE A 295 -30.36 6.16 3.71
C PHE A 295 -30.27 7.49 4.49
N ASN A 296 -31.37 8.23 4.60
CA ASN A 296 -31.42 9.47 5.35
C ASN A 296 -31.17 9.20 6.86
N PRO A 297 -30.23 9.90 7.54
CA PRO A 297 -30.02 9.63 8.99
C PRO A 297 -31.14 10.18 9.88
N TYR A 298 -31.92 11.14 9.35
CA TYR A 298 -33.01 11.77 10.08
C TYR A 298 -34.33 11.05 9.94
N SER A 299 -34.54 10.27 8.89
CA SER A 299 -35.81 9.59 8.63
C SER A 299 -35.69 8.07 8.56
N GLU A 300 -36.62 7.35 9.16
CA GLU A 300 -36.57 5.90 9.03
C GLU A 300 -37.14 5.42 7.65
N PHE A 301 -37.82 6.31 6.90
CA PHE A 301 -38.47 5.93 5.63
C PHE A 301 -37.76 6.36 4.33
N ILE A 302 -37.08 7.50 4.35
CA ILE A 302 -36.46 8.05 3.16
C ILE A 302 -35.08 7.49 2.84
N LEU A 303 -34.85 7.30 1.54
CA LEU A 303 -33.56 6.96 0.96
C LEU A 303 -33.44 7.58 -0.47
N ALA A 304 -32.24 7.61 -1.05
CA ALA A 304 -32.07 8.10 -2.41
C ALA A 304 -31.13 7.19 -3.16
N THR A 305 -31.35 7.07 -4.49
CA THR A 305 -30.55 6.23 -5.39
C THR A 305 -29.96 7.08 -6.50
N GLY A 306 -28.80 6.69 -6.99
CA GLY A 306 -28.12 7.37 -8.09
C GLY A 306 -27.92 6.40 -9.23
N SER A 307 -28.07 6.88 -10.47
CA SER A 307 -28.02 5.98 -11.63
C SER A 307 -27.25 6.47 -12.84
N ALA A 308 -26.96 5.53 -13.75
CA ALA A 308 -26.37 5.75 -15.07
C ALA A 308 -27.39 6.52 -15.94
N ASP A 309 -28.69 6.57 -15.54
CA ASP A 309 -29.76 7.28 -16.22
C ASP A 309 -29.66 8.83 -16.01
N LYS A 310 -28.60 9.28 -15.31
CA LYS A 310 -28.27 10.69 -15.02
C LYS A 310 -29.17 11.33 -13.95
N THR A 311 -29.98 10.51 -13.21
CA THR A 311 -30.87 11.06 -12.18
C THR A 311 -30.60 10.53 -10.78
N VAL A 312 -31.11 11.25 -9.77
CA VAL A 312 -31.10 10.86 -8.36
C VAL A 312 -32.60 10.65 -8.04
N ALA A 313 -32.98 9.43 -7.61
CA ALA A 313 -34.36 9.14 -7.27
C ALA A 313 -34.55 9.17 -5.79
N LEU A 314 -35.69 9.65 -5.36
CA LEU A 314 -36.09 9.73 -3.96
C LEU A 314 -37.20 8.69 -3.67
N TRP A 315 -37.02 7.95 -2.57
CA TRP A 315 -37.91 6.87 -2.15
C TRP A 315 -38.30 6.97 -0.68
N ASP A 316 -39.54 6.55 -0.35
CA ASP A 316 -40.11 6.45 0.99
C ASP A 316 -40.51 4.99 1.15
N LEU A 317 -39.86 4.26 2.06
CA LEU A 317 -40.10 2.83 2.34
C LEU A 317 -41.55 2.48 2.64
N ARG A 318 -42.39 3.45 3.00
CA ARG A 318 -43.81 3.16 3.26
C ARG A 318 -44.59 2.80 1.98
N ASN A 319 -44.12 3.29 0.82
CA ASN A 319 -44.68 3.08 -0.51
C ASN A 319 -43.61 3.13 -1.60
N LEU A 320 -42.96 1.97 -1.85
CA LEU A 320 -41.94 1.85 -2.90
C LEU A 320 -42.54 1.74 -4.34
N LYS A 321 -43.86 1.86 -4.47
CA LYS A 321 -44.54 1.82 -5.77
C LYS A 321 -44.70 3.26 -6.31
N LEU A 322 -44.01 4.22 -5.67
CA LEU A 322 -44.00 5.63 -6.03
C LEU A 322 -42.59 6.19 -5.84
N LYS A 323 -42.07 6.88 -6.87
CA LYS A 323 -40.78 7.55 -6.84
C LYS A 323 -41.16 8.96 -6.43
N LEU A 324 -40.97 9.34 -5.15
CA LEU A 324 -41.31 10.65 -4.59
C LEU A 324 -40.88 11.84 -5.44
N HIS A 325 -39.69 11.74 -6.05
CA HIS A 325 -39.07 12.81 -6.84
C HIS A 325 -37.90 12.27 -7.63
N SER A 326 -37.60 12.89 -8.75
CA SER A 326 -36.44 12.58 -9.58
C SER A 326 -35.65 13.87 -9.78
N PHE A 327 -34.40 13.91 -9.29
CA PHE A 327 -33.48 15.08 -9.40
C PHE A 327 -32.67 15.00 -10.67
N GLU A 328 -32.95 15.92 -11.60
CA GLU A 328 -32.30 15.97 -12.92
C GLU A 328 -31.48 17.24 -13.13
N SER A 329 -30.17 17.08 -13.34
CA SER A 329 -29.15 18.12 -13.62
C SER A 329 -27.83 17.56 -14.13
N HIS A 330 -27.33 16.46 -13.58
CA HIS A 330 -26.11 15.80 -14.03
C HIS A 330 -26.21 15.46 -15.52
N LYS A 331 -25.14 15.75 -16.31
CA LYS A 331 -25.10 15.48 -17.74
C LYS A 331 -24.62 14.03 -18.04
N ASP A 332 -24.30 13.25 -17.01
CA ASP A 332 -23.74 11.91 -17.17
C ASP A 332 -24.03 11.03 -15.94
N GLU A 333 -23.47 9.80 -15.87
CA GLU A 333 -23.64 8.85 -14.77
C GLU A 333 -23.40 9.46 -13.41
N ILE A 334 -24.15 9.01 -12.42
CA ILE A 334 -23.96 9.39 -11.03
C ILE A 334 -23.38 8.16 -10.31
N PHE A 335 -22.32 8.35 -9.54
CA PHE A 335 -21.71 7.25 -8.82
C PHE A 335 -21.74 7.40 -7.29
N GLN A 336 -22.10 8.59 -6.78
CA GLN A 336 -22.18 8.79 -5.34
C GLN A 336 -23.30 9.70 -5.06
N VAL A 337 -23.95 9.47 -3.95
CA VAL A 337 -25.14 10.18 -3.44
C VAL A 337 -25.00 10.06 -1.91
N GLN A 338 -25.00 11.20 -1.20
CA GLN A 338 -24.86 11.21 0.26
C GLN A 338 -25.73 12.29 0.88
N TRP A 339 -26.42 11.96 1.96
CA TRP A 339 -27.20 12.95 2.68
C TRP A 339 -26.25 13.79 3.60
N SER A 340 -26.59 15.05 3.87
CA SER A 340 -25.84 15.90 4.79
C SER A 340 -25.99 15.31 6.19
N PRO A 341 -24.92 15.09 7.01
CA PRO A 341 -25.14 14.56 8.36
C PRO A 341 -25.89 15.53 9.26
N HIS A 342 -25.97 16.80 8.86
CA HIS A 342 -26.54 17.88 9.65
C HIS A 342 -27.87 18.39 9.21
N ASN A 343 -28.25 18.17 7.95
CA ASN A 343 -29.52 18.70 7.47
C ASN A 343 -30.36 17.63 6.81
N GLU A 344 -31.60 17.31 7.37
CA GLU A 344 -32.44 16.24 6.79
C GLU A 344 -32.87 16.48 5.33
N THR A 345 -32.87 17.74 4.84
CA THR A 345 -33.35 18.03 3.47
C THR A 345 -32.24 18.15 2.46
N ILE A 346 -30.96 17.99 2.92
CA ILE A 346 -29.78 18.21 2.07
C ILE A 346 -29.10 16.91 1.70
N LEU A 347 -28.98 16.71 0.39
CA LEU A 347 -28.47 15.56 -0.34
C LEU A 347 -27.46 16.07 -1.38
N ALA A 348 -26.37 15.33 -1.59
CA ALA A 348 -25.34 15.73 -2.58
C ALA A 348 -25.12 14.55 -3.52
N SER A 349 -24.85 14.82 -4.78
CA SER A 349 -24.62 13.76 -5.75
C SER A 349 -23.42 14.07 -6.59
N SER A 350 -22.68 13.05 -6.97
CA SER A 350 -21.51 13.29 -7.80
C SER A 350 -21.42 12.25 -8.92
N GLY A 351 -20.60 12.56 -9.94
CA GLY A 351 -20.39 11.61 -11.03
C GLY A 351 -19.30 11.91 -12.03
N THR A 352 -19.48 11.36 -13.22
CA THR A 352 -18.54 11.48 -14.33
C THR A 352 -18.69 12.80 -15.11
N ASP A 353 -19.74 13.63 -14.83
CA ASP A 353 -19.91 14.91 -15.48
C ASP A 353 -18.98 15.98 -14.89
N ARG A 354 -18.17 15.54 -13.92
CA ARG A 354 -17.16 16.33 -13.25
C ARG A 354 -17.76 17.41 -12.32
N ARG A 355 -19.00 17.15 -11.84
CA ARG A 355 -19.71 18.10 -10.97
C ARG A 355 -20.26 17.43 -9.74
N LEU A 356 -20.40 18.20 -8.68
CA LEU A 356 -20.98 17.71 -7.44
C LEU A 356 -22.16 18.66 -7.17
N ASN A 357 -23.36 18.12 -7.22
CA ASN A 357 -24.59 18.88 -7.02
C ASN A 357 -25.13 18.70 -5.65
N VAL A 358 -25.44 19.81 -4.96
CA VAL A 358 -26.06 19.81 -3.64
C VAL A 358 -27.56 20.18 -3.86
N TRP A 359 -28.46 19.28 -3.41
CA TRP A 359 -29.92 19.39 -3.54
C TRP A 359 -30.60 19.69 -2.18
N ASP A 360 -31.72 20.42 -2.21
CA ASP A 360 -32.51 20.78 -1.04
C ASP A 360 -33.97 20.36 -1.31
N LEU A 361 -34.47 19.31 -0.64
CA LEU A 361 -35.84 18.87 -0.88
C LEU A 361 -36.92 19.90 -0.48
N SER A 362 -36.58 20.86 0.41
CA SER A 362 -37.52 21.87 0.90
C SER A 362 -37.82 22.92 -0.16
N LYS A 363 -36.99 22.96 -1.23
CA LYS A 363 -37.13 23.91 -2.32
C LYS A 363 -37.87 23.32 -3.50
N ILE A 364 -38.13 21.97 -3.51
CA ILE A 364 -38.92 21.29 -4.57
C ILE A 364 -40.23 22.02 -4.75
N GLY A 365 -40.54 22.38 -5.99
CA GLY A 365 -41.79 23.07 -6.31
C GLY A 365 -41.89 24.58 -6.12
N GLU A 366 -40.84 25.24 -5.56
CA GLU A 366 -40.80 26.68 -5.31
C GLU A 366 -40.89 27.48 -6.58
N GLU A 367 -41.77 28.51 -6.60
CA GLU A 367 -41.95 29.42 -7.74
C GLU A 367 -40.65 30.22 -7.94
N GLN A 368 -40.30 30.52 -9.21
CA GLN A 368 -39.05 31.19 -9.57
C GLN A 368 -39.23 32.29 -10.60
N SER A 369 -38.40 33.35 -10.48
CA SER A 369 -38.33 34.42 -11.48
C SER A 369 -37.68 33.83 -12.76
N PRO A 370 -37.91 34.38 -13.97
CA PRO A 370 -37.29 33.78 -15.16
C PRO A 370 -35.78 33.62 -15.07
N GLU A 371 -35.08 34.60 -14.46
CA GLU A 371 -33.61 34.64 -14.24
C GLU A 371 -33.15 33.50 -13.35
N ASP A 372 -33.86 33.30 -12.22
CA ASP A 372 -33.64 32.25 -11.26
C ASP A 372 -33.82 30.90 -11.95
N ALA A 373 -34.98 30.69 -12.61
CA ALA A 373 -35.35 29.43 -13.31
C ALA A 373 -34.39 29.02 -14.43
N GLU A 374 -33.65 30.00 -14.97
CA GLU A 374 -32.63 29.81 -16.00
C GLU A 374 -31.43 28.97 -15.45
N ASP A 375 -30.99 29.24 -14.20
CA ASP A 375 -29.88 28.52 -13.55
C ASP A 375 -30.18 27.07 -13.22
N GLY A 376 -31.46 26.72 -13.13
CA GLY A 376 -31.80 25.35 -12.84
C GLY A 376 -33.00 25.22 -11.93
N PRO A 377 -33.40 23.97 -11.64
CA PRO A 377 -34.59 23.76 -10.78
C PRO A 377 -34.41 24.30 -9.35
N PRO A 378 -35.50 24.63 -8.62
CA PRO A 378 -35.33 25.20 -7.27
C PRO A 378 -34.64 24.27 -6.30
N GLU A 379 -34.81 22.91 -6.40
CA GLU A 379 -34.13 21.91 -5.51
C GLU A 379 -32.59 21.92 -5.66
N LEU A 380 -32.04 22.41 -6.77
CA LEU A 380 -30.59 22.47 -7.01
C LEU A 380 -30.06 23.70 -6.26
N LEU A 381 -29.39 23.47 -5.11
CA LEU A 381 -28.87 24.52 -4.27
C LEU A 381 -27.55 25.03 -4.79
N PHE A 382 -26.62 24.11 -5.10
CA PHE A 382 -25.30 24.47 -5.54
C PHE A 382 -24.70 23.41 -6.47
N ILE A 383 -23.99 23.85 -7.53
CA ILE A 383 -23.15 23.07 -8.44
C ILE A 383 -21.69 23.39 -8.04
N HIS A 384 -20.88 22.37 -7.68
CA HIS A 384 -19.44 22.50 -7.42
C HIS A 384 -18.64 22.08 -8.68
N GLY A 385 -18.19 23.04 -9.49
CA GLY A 385 -17.41 22.76 -10.71
C GLY A 385 -15.90 22.92 -10.57
N GLY A 386 -15.36 22.62 -9.39
CA GLY A 386 -13.92 22.69 -9.13
C GLY A 386 -13.07 21.52 -9.64
N HIS A 387 -13.68 20.39 -10.01
CA HIS A 387 -12.99 19.22 -10.54
C HIS A 387 -12.91 19.24 -12.09
N THR A 388 -11.81 18.73 -12.62
CA THR A 388 -11.63 18.64 -14.07
C THR A 388 -11.55 17.17 -14.51
N ALA A 389 -12.10 16.24 -13.71
CA ALA A 389 -12.08 14.81 -13.98
C ALA A 389 -13.21 14.16 -13.19
N LYS A 390 -13.55 12.88 -13.52
CA LYS A 390 -14.59 12.13 -12.84
C LYS A 390 -14.35 12.20 -11.34
N ILE A 391 -15.43 12.34 -10.55
CA ILE A 391 -15.38 12.34 -9.09
C ILE A 391 -15.61 10.90 -8.59
N SER A 392 -14.53 10.32 -8.06
CA SER A 392 -14.46 8.96 -7.54
C SER A 392 -15.30 8.79 -6.26
N ASP A 393 -15.20 9.75 -5.33
CA ASP A 393 -15.96 9.73 -4.08
C ASP A 393 -15.94 11.11 -3.41
N PHE A 394 -16.77 11.27 -2.40
CA PHE A 394 -16.83 12.49 -1.63
C PHE A 394 -17.39 12.17 -0.23
N SER A 395 -17.21 13.08 0.73
CA SER A 395 -17.64 12.87 2.08
C SER A 395 -17.93 14.18 2.77
N TRP A 396 -19.09 14.24 3.45
CA TRP A 396 -19.53 15.39 4.24
C TRP A 396 -18.76 15.32 5.58
N ASN A 397 -18.12 16.40 5.99
CA ASN A 397 -17.38 16.47 7.25
C ASN A 397 -18.41 16.43 8.39
N PRO A 398 -18.32 15.41 9.31
CA PRO A 398 -19.31 15.28 10.39
C PRO A 398 -19.19 16.30 11.51
N ASN A 399 -18.10 17.06 11.58
CA ASN A 399 -17.87 18.00 12.67
C ASN A 399 -17.98 19.43 12.21
N GLU A 400 -17.81 19.64 10.93
CA GLU A 400 -17.94 20.96 10.38
C GLU A 400 -19.05 21.02 9.35
N PRO A 401 -20.20 21.60 9.75
CA PRO A 401 -21.31 21.75 8.77
C PRO A 401 -20.92 22.42 7.44
N TRP A 402 -21.46 21.81 6.35
CA TRP A 402 -21.33 22.15 4.93
C TRP A 402 -19.92 22.00 4.36
N VAL A 403 -19.02 21.42 5.08
CA VAL A 403 -17.66 21.13 4.58
C VAL A 403 -17.71 19.74 3.93
N ILE A 404 -17.39 19.65 2.65
CA ILE A 404 -17.33 18.38 1.89
C ILE A 404 -15.85 18.15 1.44
N CYS A 405 -15.40 16.89 1.39
CA CYS A 405 -14.13 16.54 0.78
C CYS A 405 -14.52 15.78 -0.43
N SER A 406 -13.96 16.11 -1.60
CA SER A 406 -14.31 15.39 -2.83
C SER A 406 -13.06 15.05 -3.59
N VAL A 407 -12.97 13.82 -4.12
CA VAL A 407 -11.75 13.37 -4.79
C VAL A 407 -11.97 12.97 -6.28
N SER A 408 -11.12 13.46 -7.18
CA SER A 408 -11.22 13.12 -8.60
C SER A 408 -10.09 12.22 -9.06
N GLU A 409 -10.28 11.59 -10.23
CA GLU A 409 -9.33 10.64 -10.80
C GLU A 409 -8.03 11.25 -11.40
N ASP A 410 -7.89 12.59 -11.31
CA ASP A 410 -6.73 13.34 -11.76
C ASP A 410 -5.80 13.62 -10.57
N ASN A 411 -6.02 12.94 -9.44
CA ASN A 411 -5.22 13.04 -8.20
C ASN A 411 -5.62 14.19 -7.27
N ILE A 412 -6.56 15.06 -7.73
CA ILE A 412 -6.98 16.21 -6.93
C ILE A 412 -8.01 15.88 -5.87
N MET A 413 -7.70 16.24 -4.63
CA MET A 413 -8.63 16.18 -3.52
C MET A 413 -9.01 17.63 -3.19
N GLN A 414 -10.29 17.95 -2.93
CA GLN A 414 -10.68 19.31 -2.50
C GLN A 414 -11.47 19.34 -1.18
N VAL A 415 -11.07 20.25 -0.28
CA VAL A 415 -11.79 20.43 0.95
C VAL A 415 -12.44 21.78 0.81
N TRP A 416 -13.76 21.79 0.67
CA TRP A 416 -14.47 23.02 0.38
C TRP A 416 -15.80 23.14 1.11
N GLN A 417 -16.27 24.38 1.22
CA GLN A 417 -17.50 24.81 1.83
C GLN A 417 -18.10 26.03 1.05
N MET A 418 -19.33 25.86 0.49
CA MET A 418 -20.06 26.90 -0.23
C MET A 418 -20.37 28.09 0.71
N ALA A 419 -20.46 29.32 0.12
CA ALA A 419 -20.72 30.57 0.82
C ALA A 419 -21.99 30.47 1.63
N GLU A 420 -21.94 30.90 2.91
CA GLU A 420 -23.03 30.89 3.88
C GLU A 420 -24.31 31.48 3.38
N ASN A 421 -24.30 32.63 2.68
CA ASN A 421 -25.54 33.25 2.21
C ASN A 421 -26.36 32.31 1.26
N ILE A 422 -25.74 31.28 0.65
CA ILE A 422 -26.48 30.32 -0.18
C ILE A 422 -27.52 29.58 0.73
N TYR A 423 -27.09 29.03 1.90
CA TYR A 423 -27.98 28.29 2.80
C TYR A 423 -28.55 29.07 3.99
N ASN A 424 -27.98 30.20 4.35
CA ASN A 424 -28.45 31.01 5.47
C ASN A 424 -29.15 32.27 4.99
N ASP A 425 -29.94 32.90 5.86
CA ASP A 425 -30.60 34.16 5.53
C ASP A 425 -30.16 35.29 6.48
N GLU A 426 -30.16 36.57 5.99
CA GLU A 426 -29.84 37.81 6.74
C GLU A 426 -28.53 37.71 7.57
N VAL B 4 -1.51 50.74 -39.95
CA VAL B 4 -2.48 51.00 -41.02
C VAL B 4 -3.55 49.91 -40.92
N GLN B 5 -3.99 49.33 -42.08
CA GLN B 5 -4.96 48.23 -42.17
C GLN B 5 -4.35 46.95 -41.59
N ALA B 6 -3.01 46.83 -41.64
CA ALA B 6 -2.29 45.68 -41.07
C ALA B 6 -2.36 45.73 -39.53
N ASP B 7 -2.29 46.94 -38.95
CA ASP B 7 -2.36 47.13 -37.49
C ASP B 7 -3.78 46.97 -37.00
N HIS B 8 -4.76 47.47 -37.77
CA HIS B 8 -6.18 47.37 -37.46
C HIS B 8 -6.66 45.91 -37.48
N GLU B 9 -6.14 45.10 -38.42
CA GLU B 9 -6.44 43.67 -38.54
C GLU B 9 -5.84 42.91 -37.36
N LEU B 10 -4.67 43.36 -36.83
CA LEU B 10 -4.05 42.73 -35.65
C LEU B 10 -4.88 43.02 -34.41
N PHE B 11 -5.45 44.24 -34.32
CA PHE B 11 -6.36 44.69 -33.27
C PHE B 11 -7.58 43.79 -33.30
N LEU B 12 -8.21 43.68 -34.49
CA LEU B 12 -9.38 42.85 -34.70
C LEU B 12 -9.09 41.44 -34.30
N GLN B 13 -7.92 40.91 -34.73
CA GLN B 13 -7.50 39.56 -34.42
C GLN B 13 -7.31 39.31 -32.96
N ALA B 14 -6.76 40.30 -32.23
CA ALA B 14 -6.55 40.19 -30.77
C ALA B 14 -7.88 39.99 -30.02
N PHE B 15 -8.91 40.77 -30.39
CA PHE B 15 -10.22 40.75 -29.74
C PHE B 15 -11.10 39.64 -30.22
N GLU B 16 -10.91 39.15 -31.45
CA GLU B 16 -11.67 38.06 -32.04
C GLU B 16 -11.50 36.69 -31.29
N LYS B 17 -10.23 36.28 -30.96
CA LYS B 17 -9.95 35.03 -30.26
C LYS B 17 -10.72 34.87 -28.90
N PRO B 18 -10.60 35.80 -27.92
CA PRO B 18 -11.37 35.63 -26.68
C PRO B 18 -12.87 35.80 -26.86
N THR B 19 -13.31 36.73 -27.74
CA THR B 19 -14.74 36.93 -28.00
C THR B 19 -15.37 35.62 -28.47
N GLN B 20 -14.70 34.90 -29.39
CA GLN B 20 -15.16 33.61 -29.89
C GLN B 20 -15.34 32.58 -28.75
N ILE B 21 -14.30 32.45 -27.89
CA ILE B 21 -14.31 31.55 -26.72
C ILE B 21 -15.54 31.85 -25.82
N TYR B 22 -15.69 33.11 -25.36
CA TYR B 22 -16.77 33.62 -24.50
C TYR B 22 -18.14 33.46 -25.10
N ARG B 23 -18.27 33.71 -26.40
CA ARG B 23 -19.55 33.51 -27.08
C ARG B 23 -19.90 32.01 -27.21
N PHE B 24 -18.86 31.15 -27.31
CA PHE B 24 -19.04 29.72 -27.38
C PHE B 24 -19.46 29.18 -26.01
N LEU B 25 -18.75 29.63 -24.94
CA LEU B 25 -19.04 29.24 -23.55
C LEU B 25 -20.43 29.71 -23.12
N ARG B 26 -20.92 30.82 -23.69
CA ARG B 26 -22.27 31.36 -23.47
C ARG B 26 -23.28 30.25 -23.82
N THR B 27 -23.06 29.53 -24.92
CA THR B 27 -23.93 28.45 -25.39
C THR B 27 -23.78 27.22 -24.50
N ARG B 28 -22.51 26.74 -24.31
CA ARG B 28 -22.17 25.56 -23.51
C ARG B 28 -22.68 25.68 -22.07
N ASN B 29 -22.24 26.69 -21.33
CA ASN B 29 -22.62 26.90 -19.94
C ASN B 29 -24.10 27.21 -19.71
N LEU B 30 -24.84 27.67 -20.73
CA LEU B 30 -26.29 27.86 -20.57
C LEU B 30 -27.02 26.51 -20.49
N ILE B 31 -26.40 25.44 -21.04
CA ILE B 31 -26.91 24.08 -21.02
C ILE B 31 -26.18 23.29 -19.89
N ALA B 32 -24.83 23.36 -19.85
CA ALA B 32 -23.96 22.64 -18.94
C ALA B 32 -23.10 23.61 -18.08
N PRO B 33 -23.67 24.16 -16.98
CA PRO B 33 -22.93 25.14 -16.19
C PRO B 33 -21.72 24.66 -15.42
N ILE B 34 -20.82 25.62 -15.13
CA ILE B 34 -19.62 25.44 -14.30
C ILE B 34 -20.13 25.64 -12.84
N PHE B 35 -21.01 26.62 -12.64
CA PHE B 35 -21.57 26.97 -11.34
C PHE B 35 -22.87 27.70 -11.61
N LEU B 36 -23.77 27.81 -10.61
CA LEU B 36 -25.04 28.54 -10.74
C LEU B 36 -24.73 30.03 -10.55
N HIS B 37 -25.15 30.92 -11.49
CA HIS B 37 -24.92 32.35 -11.26
C HIS B 37 -25.66 32.83 -10.02
N ARG B 38 -26.85 32.26 -9.74
CA ARG B 38 -27.61 32.65 -8.56
C ARG B 38 -26.87 32.36 -7.30
N THR B 39 -25.82 31.52 -7.32
CA THR B 39 -25.08 31.26 -6.08
C THR B 39 -23.90 32.19 -5.85
N LEU B 40 -23.55 33.09 -6.83
CA LEU B 40 -22.44 34.05 -6.65
C LEU B 40 -22.88 35.11 -5.66
N THR B 41 -22.00 35.53 -4.76
CA THR B 41 -22.35 36.52 -3.76
C THR B 41 -22.73 37.84 -4.42
N TYR B 42 -22.02 38.22 -5.52
CA TYR B 42 -22.29 39.48 -6.24
C TYR B 42 -23.46 39.36 -7.22
N MET B 43 -24.29 38.30 -7.08
CA MET B 43 -25.43 37.99 -7.95
C MET B 43 -26.67 37.54 -7.17
N SER B 44 -26.73 37.89 -5.89
CA SER B 44 -27.78 37.55 -4.94
C SER B 44 -29.20 37.88 -5.45
N HIS B 45 -29.35 39.06 -6.10
CA HIS B 45 -30.61 39.53 -6.66
C HIS B 45 -31.27 38.52 -7.58
N ARG B 46 -30.46 37.70 -8.25
CA ARG B 46 -30.87 36.66 -9.20
C ARG B 46 -31.81 35.62 -8.60
N ASN B 47 -31.63 35.31 -7.33
CA ASN B 47 -32.50 34.35 -6.69
C ASN B 47 -33.59 35.04 -5.90
N SER B 48 -34.83 34.81 -6.38
CA SER B 48 -36.09 35.31 -5.81
C SER B 48 -36.20 34.90 -4.30
N ARG B 49 -36.27 33.56 -4.11
CA ARG B 49 -36.51 32.72 -2.95
C ARG B 49 -35.57 32.92 -1.75
N THR B 50 -35.91 32.30 -0.61
CA THR B 50 -35.14 32.33 0.65
C THR B 50 -35.07 30.91 1.24
N ASN B 51 -34.41 30.76 2.38
CA ASN B 51 -34.25 29.48 3.05
C ASN B 51 -35.27 29.26 4.24
N ILE B 52 -36.47 29.91 4.20
CA ILE B 52 -37.50 29.80 5.27
C ILE B 52 -38.07 28.39 5.49
N LYS B 53 -38.71 27.75 4.44
CA LYS B 53 -39.31 26.42 4.57
C LYS B 53 -38.44 25.45 5.40
N ARG B 54 -37.14 25.31 5.04
CA ARG B 54 -36.20 24.34 5.60
C ARG B 54 -36.37 24.00 7.07
N LYS B 55 -36.33 25.01 7.98
CA LYS B 55 -36.49 24.76 9.44
C LYS B 55 -37.74 23.95 9.81
N THR B 56 -38.84 24.10 9.04
CA THR B 56 -40.11 23.39 9.26
C THR B 56 -40.40 22.26 8.29
N PHE B 57 -39.55 22.10 7.25
CA PHE B 57 -39.78 21.05 6.26
C PHE B 57 -39.52 19.67 6.86
N LYS B 58 -40.50 18.79 6.71
CA LYS B 58 -40.40 17.41 7.17
C LYS B 58 -40.45 16.45 5.97
N VAL B 59 -39.29 15.87 5.62
CA VAL B 59 -39.13 14.89 4.52
C VAL B 59 -40.19 13.80 4.58
N ASP B 60 -40.59 13.39 5.81
CA ASP B 60 -41.62 12.35 6.03
C ASP B 60 -42.94 12.67 5.42
N ASP B 61 -43.42 13.93 5.51
CA ASP B 61 -44.71 14.38 4.94
C ASP B 61 -44.79 14.41 3.38
N MET B 62 -43.68 14.16 2.69
CA MET B 62 -43.69 14.16 1.23
C MET B 62 -44.56 13.08 0.62
N LEU B 63 -44.61 11.86 1.24
CA LEU B 63 -45.39 10.74 0.73
C LEU B 63 -46.86 11.11 0.58
N SER B 64 -47.47 11.66 1.65
CA SER B 64 -48.88 12.06 1.68
C SER B 64 -49.20 13.02 0.53
N LYS B 65 -48.32 14.01 0.32
CA LYS B 65 -48.48 15.01 -0.72
C LYS B 65 -48.35 14.40 -2.11
N VAL B 66 -47.34 13.54 -2.32
CA VAL B 66 -47.11 12.88 -3.60
C VAL B 66 -48.23 11.92 -3.95
N GLU B 67 -48.68 11.07 -2.99
CA GLU B 67 -49.76 10.08 -3.13
C GLU B 67 -51.07 10.76 -3.55
N LYS B 68 -51.32 11.98 -3.03
CA LYS B 68 -52.50 12.79 -3.33
C LYS B 68 -52.43 13.32 -4.78
N MET B 69 -51.25 13.82 -5.25
CA MET B 69 -51.06 14.31 -6.63
C MET B 69 -51.35 13.18 -7.64
N LYS B 70 -50.90 11.93 -7.31
CA LYS B 70 -51.08 10.73 -8.12
C LYS B 70 -52.57 10.32 -8.19
N GLY B 71 -53.28 10.48 -7.07
CA GLY B 71 -54.71 10.20 -6.95
C GLY B 71 -55.58 11.04 -7.86
N GLU B 72 -55.06 12.20 -8.29
CA GLU B 72 -55.74 13.13 -9.21
C GLU B 72 -55.04 13.16 -10.58
N GLN B 73 -54.83 11.96 -11.16
CA GLN B 73 -54.20 11.73 -12.46
C GLN B 73 -54.91 10.60 -13.25
N GLU B 74 -54.70 10.55 -14.59
CA GLU B 74 -55.27 9.60 -15.57
C GLU B 74 -55.13 8.14 -15.13
N SER B 79 -54.97 -2.94 -21.87
CA SER B 79 -56.15 -2.07 -21.89
C SER B 79 -57.02 -2.34 -23.13
N ALA B 80 -56.62 -1.82 -24.32
CA ALA B 80 -57.35 -1.97 -25.58
C ALA B 80 -56.45 -2.23 -26.80
N HIS B 81 -56.98 -2.95 -27.81
CA HIS B 81 -56.30 -3.26 -29.07
C HIS B 81 -56.28 -2.02 -29.98
N LEU B 82 -55.29 -1.93 -30.89
CA LEU B 82 -55.16 -0.82 -31.83
C LEU B 82 -55.43 -1.32 -33.26
N GLN B 83 -56.51 -0.85 -33.91
CA GLN B 83 -56.79 -1.29 -35.28
C GLN B 83 -56.68 -0.14 -36.27
N LEU B 84 -56.00 -0.41 -37.40
CA LEU B 84 -55.76 0.56 -38.48
C LEU B 84 -56.28 0.02 -39.81
N THR B 85 -57.17 0.79 -40.46
CA THR B 85 -57.74 0.40 -41.76
C THR B 85 -57.29 1.40 -42.81
N PHE B 86 -56.56 0.92 -43.83
CA PHE B 86 -56.00 1.78 -44.87
C PHE B 86 -56.96 1.99 -46.05
N THR B 87 -57.23 3.27 -46.38
CA THR B 87 -58.15 3.68 -47.44
C THR B 87 -57.43 3.89 -48.80
N GLY B 88 -56.19 4.37 -48.76
CA GLY B 88 -55.43 4.59 -49.99
C GLY B 88 -54.21 5.48 -49.92
N PHE B 89 -53.24 5.17 -50.81
CA PHE B 89 -51.99 5.90 -50.98
C PHE B 89 -52.13 6.87 -52.15
N PHE B 90 -51.89 8.16 -51.89
CA PHE B 90 -52.01 9.21 -52.89
C PHE B 90 -50.65 9.74 -53.34
N HIS B 91 -50.45 9.81 -54.67
CA HIS B 91 -49.25 10.35 -55.34
C HIS B 91 -49.61 11.01 -56.69
N LYS B 92 -48.66 11.78 -57.29
CA LYS B 92 -48.80 12.48 -58.58
C LYS B 92 -49.92 13.53 -58.53
N VAL B 107 -49.74 -0.45 -54.36
CA VAL B 107 -48.54 -0.27 -53.52
C VAL B 107 -48.53 -1.19 -52.31
N THR B 108 -47.33 -1.67 -51.94
CA THR B 108 -47.14 -2.54 -50.79
C THR B 108 -46.77 -1.67 -49.57
N LEU B 109 -47.61 -1.74 -48.53
CA LEU B 109 -47.42 -0.98 -47.30
C LEU B 109 -47.20 -1.90 -46.13
N GLU B 110 -45.99 -1.84 -45.56
CA GLU B 110 -45.63 -2.59 -44.36
C GLU B 110 -45.54 -1.66 -43.18
N VAL B 111 -46.23 -2.03 -42.09
CA VAL B 111 -46.26 -1.29 -40.85
C VAL B 111 -45.43 -2.07 -39.85
N LEU B 112 -44.64 -1.34 -39.05
CA LEU B 112 -43.77 -1.87 -38.00
C LEU B 112 -44.05 -1.14 -36.70
N LEU B 113 -43.77 -1.81 -35.58
CA LEU B 113 -43.84 -1.19 -34.26
C LEU B 113 -42.40 -0.96 -33.82
N VAL B 114 -42.01 0.31 -33.81
CA VAL B 114 -40.67 0.73 -33.44
C VAL B 114 -40.59 0.95 -31.92
N LYS B 115 -39.80 0.11 -31.24
CA LYS B 115 -39.59 0.21 -29.80
C LYS B 115 -38.23 0.85 -29.53
N VAL B 116 -38.21 2.17 -29.23
CA VAL B 116 -36.95 2.83 -28.88
C VAL B 116 -36.72 2.62 -27.37
N CYS B 117 -35.70 1.82 -27.03
CA CYS B 117 -35.42 1.46 -25.66
C CYS B 117 -34.44 2.39 -24.99
N HIS B 118 -34.50 2.46 -23.65
CA HIS B 118 -33.60 3.28 -22.83
C HIS B 118 -32.16 2.84 -22.99
N LYS B 119 -31.26 3.78 -23.01
CA LYS B 119 -29.84 3.50 -23.14
C LYS B 119 -29.25 3.00 -21.79
N LYS B 120 -28.56 1.84 -21.85
CA LYS B 120 -27.83 1.26 -20.74
C LYS B 120 -26.36 1.69 -20.92
N ARG B 121 -25.58 1.79 -19.81
CA ARG B 121 -24.15 2.20 -19.76
C ARG B 121 -23.31 1.73 -20.97
N LYS B 122 -23.36 0.43 -21.30
CA LYS B 122 -22.63 -0.17 -22.41
C LYS B 122 -23.00 0.47 -23.76
N ASP B 123 -24.30 0.43 -24.14
CA ASP B 123 -24.88 0.95 -25.38
C ASP B 123 -24.29 2.29 -25.79
N VAL B 124 -24.03 2.45 -27.10
CA VAL B 124 -23.52 3.68 -27.70
C VAL B 124 -24.65 4.75 -27.78
N SER B 125 -25.88 4.28 -28.08
CA SER B 125 -27.12 5.05 -28.25
C SER B 125 -28.33 4.16 -27.90
N CYS B 126 -29.52 4.78 -27.79
CA CYS B 126 -30.81 4.13 -27.55
C CYS B 126 -31.00 2.94 -28.50
N PRO B 127 -31.03 1.68 -28.01
CA PRO B 127 -31.27 0.56 -28.94
C PRO B 127 -32.69 0.60 -29.51
N ILE B 128 -32.81 0.32 -30.82
CA ILE B 128 -34.07 0.28 -31.57
C ILE B 128 -34.43 -1.19 -31.78
N ARG B 129 -35.65 -1.56 -31.40
CA ARG B 129 -36.17 -2.91 -31.59
C ARG B 129 -37.32 -2.77 -32.59
N GLN B 130 -37.28 -3.54 -33.69
CA GLN B 130 -38.32 -3.48 -34.71
C GLN B 130 -39.18 -4.73 -34.73
N VAL B 131 -40.50 -4.54 -34.60
CA VAL B 131 -41.49 -5.63 -34.60
C VAL B 131 -42.36 -5.52 -35.87
N PRO B 132 -42.23 -6.46 -36.84
CA PRO B 132 -43.05 -6.37 -38.06
C PRO B 132 -44.52 -6.70 -37.82
N THR B 133 -45.44 -5.94 -38.47
CA THR B 133 -46.89 -6.10 -38.38
C THR B 133 -47.47 -6.53 -39.75
N GLY B 134 -46.80 -6.13 -40.84
CA GLY B 134 -47.19 -6.47 -42.20
C GLY B 134 -48.07 -5.43 -42.86
N LYS B 136 -49.12 -5.48 -46.32
CA LYS B 136 -50.40 -5.54 -47.03
C LYS B 136 -50.48 -4.63 -48.31
N GLN B 137 -51.43 -4.93 -49.23
CA GLN B 137 -51.65 -4.19 -50.48
C GLN B 137 -52.76 -3.12 -50.35
N VAL B 138 -52.38 -1.83 -50.47
CA VAL B 138 -53.28 -0.67 -50.34
C VAL B 138 -53.46 0.05 -51.73
N PRO B 139 -54.71 0.45 -52.13
CA PRO B 139 -54.89 1.10 -53.44
C PRO B 139 -54.09 2.37 -53.70
N LEU B 140 -53.62 2.52 -54.95
CA LEU B 140 -52.88 3.70 -55.42
C LEU B 140 -53.92 4.66 -56.01
N ASN B 141 -53.85 5.95 -55.61
CA ASN B 141 -54.77 7.03 -55.99
C ASN B 141 -56.22 6.52 -56.14
N PRO B 142 -56.84 6.06 -55.03
CA PRO B 142 -58.20 5.51 -55.14
C PRO B 142 -59.23 6.61 -55.39
N ASP B 143 -60.04 6.38 -56.42
CA ASP B 143 -61.11 7.25 -56.87
C ASP B 143 -62.29 7.16 -55.90
N LEU B 144 -62.63 8.28 -55.22
CA LEU B 144 -63.78 8.33 -54.31
C LEU B 144 -64.99 8.57 -55.19
N ASN B 145 -66.10 7.88 -54.88
CA ASN B 145 -67.36 7.78 -55.63
C ASN B 145 -67.22 6.62 -56.64
N GLN B 146 -66.18 5.78 -56.41
CA GLN B 146 -65.79 4.60 -57.20
C GLN B 146 -65.18 3.52 -56.26
N THR B 147 -65.26 3.74 -54.92
CA THR B 147 -64.76 2.84 -53.87
C THR B 147 -65.58 1.53 -53.82
N LYS B 148 -64.91 0.37 -53.57
CA LYS B 148 -65.57 -0.95 -53.50
C LYS B 148 -65.42 -1.58 -52.11
N PRO B 153 -60.05 -0.92 -47.06
CA PRO B 153 -60.19 -2.38 -46.92
C PRO B 153 -59.04 -3.06 -46.17
N SER B 154 -57.78 -2.68 -46.46
CA SER B 154 -56.56 -3.25 -45.88
C SER B 154 -56.50 -3.17 -44.34
N LEU B 155 -56.62 -4.33 -43.68
CA LEU B 155 -56.65 -4.47 -42.22
C LEU B 155 -55.30 -4.87 -41.62
N ALA B 156 -54.79 -4.05 -40.68
CA ALA B 156 -53.52 -4.26 -39.97
C ALA B 156 -53.67 -3.80 -38.52
N VAL B 157 -53.98 -4.77 -37.62
CA VAL B 157 -54.22 -4.58 -36.18
C VAL B 157 -52.93 -4.80 -35.36
N SER B 158 -52.85 -4.18 -34.18
CA SER B 158 -51.71 -4.25 -33.26
C SER B 158 -52.13 -4.71 -31.85
N SER B 159 -51.48 -5.79 -31.38
CA SER B 159 -51.69 -6.40 -30.06
C SER B 159 -51.12 -5.49 -28.96
N ASN B 160 -51.54 -5.71 -27.71
CA ASN B 160 -51.09 -4.93 -26.55
C ASN B 160 -49.64 -5.26 -26.14
N GLU B 161 -48.69 -4.81 -27.00
CA GLU B 161 -47.23 -4.94 -26.85
C GLU B 161 -46.67 -3.84 -25.94
N PHE B 162 -47.50 -2.83 -25.67
CA PHE B 162 -47.24 -1.70 -24.80
C PHE B 162 -47.55 -2.15 -23.38
N GLU B 163 -46.82 -1.60 -22.39
CA GLU B 163 -46.99 -1.96 -20.98
C GLU B 163 -46.45 -0.87 -20.03
N PRO B 164 -47.16 -0.60 -18.90
CA PRO B 164 -46.60 0.34 -17.90
C PRO B 164 -45.54 -0.38 -17.03
N SER B 165 -45.36 -1.70 -17.29
CA SER B 165 -44.46 -2.65 -16.66
C SER B 165 -43.05 -2.57 -17.26
N ASN B 166 -42.95 -2.49 -18.61
CA ASN B 166 -41.67 -2.41 -19.32
C ASN B 166 -41.23 -0.97 -19.56
N SER B 167 -41.79 -0.03 -18.77
CA SER B 167 -41.51 1.41 -18.78
C SER B 167 -40.06 1.72 -18.42
N HIS B 168 -39.40 0.79 -17.67
CA HIS B 168 -38.00 0.88 -17.27
C HIS B 168 -37.08 0.42 -18.42
N MET B 169 -37.64 -0.32 -19.40
CA MET B 169 -36.90 -0.83 -20.56
C MET B 169 -37.14 0.02 -21.80
N VAL B 170 -38.42 0.18 -22.22
CA VAL B 170 -38.82 0.94 -23.41
C VAL B 170 -39.01 2.42 -23.14
N LYS B 171 -38.24 3.27 -23.87
CA LYS B 171 -38.27 4.72 -23.78
C LYS B 171 -39.57 5.25 -24.39
N SER B 172 -39.85 4.89 -25.67
CA SER B 172 -41.07 5.27 -26.37
C SER B 172 -41.46 4.29 -27.48
N TYR B 173 -42.75 4.27 -27.84
CA TYR B 173 -43.28 3.41 -28.89
C TYR B 173 -43.70 4.30 -30.05
N SER B 174 -43.45 3.84 -31.28
CA SER B 174 -43.73 4.57 -32.52
C SER B 174 -44.19 3.61 -33.63
N LEU B 175 -44.91 4.14 -34.65
CA LEU B 175 -45.38 3.35 -35.81
C LEU B 175 -44.63 3.75 -37.06
N LEU B 176 -44.05 2.77 -37.74
CA LEU B 176 -43.32 3.03 -38.97
C LEU B 176 -44.15 2.56 -40.17
N PHE B 177 -44.39 3.47 -41.12
CA PHE B 177 -45.14 3.19 -42.35
C PHE B 177 -44.17 3.26 -43.54
N ARG B 178 -44.11 2.19 -44.35
CA ARG B 178 -43.23 2.13 -45.53
C ARG B 178 -43.82 1.32 -46.69
N PHE B 220 -40.39 5.87 -50.01
CA PHE B 220 -41.38 6.64 -49.29
C PHE B 220 -41.65 6.05 -47.94
N VAL B 221 -41.44 6.84 -46.89
CA VAL B 221 -41.63 6.37 -45.55
C VAL B 221 -42.20 7.46 -44.65
N ALA B 222 -42.81 7.06 -43.55
CA ALA B 222 -43.37 8.01 -42.57
C ALA B 222 -43.42 7.36 -41.18
N GLN B 223 -43.15 8.16 -40.12
CA GLN B 223 -43.13 7.70 -38.74
C GLN B 223 -44.01 8.56 -37.85
N MET B 224 -44.57 7.98 -36.78
CA MET B 224 -45.50 8.68 -35.89
C MET B 224 -45.50 8.01 -34.52
N THR B 225 -45.18 8.74 -33.44
CA THR B 225 -45.14 8.14 -32.09
C THR B 225 -46.54 7.91 -31.56
N VAL B 226 -46.74 6.76 -30.91
CA VAL B 226 -48.02 6.41 -30.30
C VAL B 226 -48.03 6.91 -28.85
N PHE B 227 -46.92 6.67 -28.10
CA PHE B 227 -46.69 7.11 -26.72
C PHE B 227 -45.38 7.87 -26.59
N ASP B 228 -45.41 9.04 -25.94
CA ASP B 228 -44.22 9.85 -25.71
C ASP B 228 -43.34 9.26 -24.56
N LYS B 229 -42.35 10.06 -24.09
CA LYS B 229 -41.44 9.76 -22.99
C LYS B 229 -42.18 9.66 -21.63
N ASN B 230 -43.08 10.66 -21.35
CA ASN B 230 -43.92 10.77 -20.15
C ASN B 230 -45.13 9.81 -20.23
N ARG B 231 -45.12 8.95 -21.26
CA ARG B 231 -46.08 7.92 -21.64
C ARG B 231 -47.55 8.40 -21.61
N ARG B 232 -47.92 9.15 -22.66
CA ARG B 232 -49.27 9.64 -22.88
C ARG B 232 -49.68 9.27 -24.32
N LEU B 233 -50.86 8.69 -24.47
CA LEU B 233 -51.39 8.28 -25.78
C LEU B 233 -51.70 9.53 -26.59
N GLN B 234 -50.97 9.74 -27.69
CA GLN B 234 -51.21 10.92 -28.50
C GLN B 234 -51.85 10.58 -29.83
N LEU B 235 -51.95 9.29 -30.17
CA LEU B 235 -52.65 8.84 -31.37
C LEU B 235 -54.06 8.41 -30.98
N LEU B 236 -55.00 9.37 -30.97
CA LEU B 236 -56.41 9.16 -30.60
C LEU B 236 -57.19 8.53 -31.76
N ASP B 237 -58.41 8.07 -31.50
CA ASP B 237 -59.28 7.44 -32.51
C ASP B 237 -59.72 8.48 -33.56
N GLY B 238 -59.63 8.14 -34.84
CA GLY B 238 -60.05 9.05 -35.90
C GLY B 238 -59.64 8.71 -37.32
N GLU B 239 -59.84 9.69 -38.23
CA GLU B 239 -59.52 9.59 -39.65
C GLU B 239 -58.21 10.34 -39.88
N TYR B 240 -57.15 9.60 -40.22
CA TYR B 240 -55.79 10.13 -40.41
C TYR B 240 -55.35 10.25 -41.87
N GLU B 241 -54.38 11.15 -42.08
CA GLU B 241 -53.70 11.43 -43.34
C GLU B 241 -52.28 11.84 -42.99
N VAL B 242 -51.30 10.99 -43.35
CA VAL B 242 -49.88 11.24 -43.08
C VAL B 242 -49.11 11.52 -44.36
N ALA B 243 -48.11 12.40 -44.29
CA ALA B 243 -47.25 12.72 -45.42
C ALA B 243 -46.07 11.73 -45.42
N MET B 244 -45.78 11.16 -46.59
CA MET B 244 -44.70 10.18 -46.79
C MET B 244 -43.46 10.88 -47.38
N GLN B 245 -42.28 10.23 -47.29
CA GLN B 245 -41.00 10.80 -47.76
C GLN B 245 -40.13 9.80 -48.53
N GLU B 246 -39.31 10.32 -49.50
CA GLU B 246 -38.34 9.54 -50.30
C GLU B 246 -37.24 8.96 -49.37
N MET B 247 -36.76 7.73 -49.71
CA MET B 247 -35.73 6.95 -49.00
C MET B 247 -36.04 6.77 -47.50
N GLN B 276 -49.95 18.07 -53.39
CA GLN B 276 -48.50 18.14 -53.31
C GLN B 276 -47.95 17.34 -52.10
N GLY B 277 -47.20 16.27 -52.41
CA GLY B 277 -46.61 15.37 -51.43
C GLY B 277 -47.28 14.00 -51.37
N PRO B 278 -46.50 12.89 -51.41
CA PRO B 278 -47.12 11.55 -51.31
C PRO B 278 -47.76 11.35 -49.94
N THR B 279 -49.01 10.83 -49.91
CA THR B 279 -49.78 10.66 -48.67
C THR B 279 -50.36 9.27 -48.45
N LEU B 280 -50.59 8.91 -47.17
CA LEU B 280 -51.25 7.66 -46.77
C LEU B 280 -52.46 8.05 -45.95
N GLN B 281 -53.62 7.48 -46.30
CA GLN B 281 -54.88 7.79 -45.62
C GLN B 281 -55.46 6.57 -44.93
N PHE B 282 -55.63 6.66 -43.61
CA PHE B 282 -56.14 5.55 -42.81
C PHE B 282 -57.11 5.97 -41.72
N THR B 283 -57.85 4.99 -41.18
CA THR B 283 -58.80 5.17 -40.09
C THR B 283 -58.29 4.35 -38.89
N LEU B 284 -57.97 5.04 -37.79
CA LEU B 284 -57.43 4.46 -36.57
C LEU B 284 -58.48 4.41 -35.48
N ARG B 285 -58.59 3.24 -34.81
CA ARG B 285 -59.53 3.03 -33.72
C ARG B 285 -58.91 2.16 -32.62
N TRP B 286 -59.17 2.53 -31.35
CA TRP B 286 -58.75 1.79 -30.17
C TRP B 286 -59.92 0.88 -29.76
N THR B 287 -59.96 -0.33 -30.34
CA THR B 287 -61.02 -1.32 -30.13
C THR B 287 -60.77 -2.23 -28.92
N GLY B 288 -61.39 -1.86 -27.79
CA GLY B 288 -61.30 -2.57 -26.52
C GLY B 288 -62.27 -3.74 -26.47
N ARG B 348 -34.88 50.51 -14.21
CA ARG B 348 -35.96 51.05 -15.05
C ARG B 348 -35.45 52.26 -15.85
N GLN B 349 -34.38 52.93 -15.35
CA GLN B 349 -33.77 54.10 -16.02
C GLN B 349 -32.49 53.70 -16.76
N LYS B 350 -32.48 53.93 -18.10
CA LYS B 350 -31.40 53.59 -19.03
C LYS B 350 -30.06 54.27 -18.71
N LEU B 351 -29.05 53.45 -18.34
CA LEU B 351 -27.69 53.91 -18.10
C LEU B 351 -26.95 53.93 -19.44
N ARG B 352 -25.97 54.83 -19.62
CA ARG B 352 -25.18 54.85 -20.85
C ARG B 352 -23.82 54.22 -20.55
N ILE B 353 -23.65 52.94 -20.97
CA ILE B 353 -22.44 52.14 -20.75
C ILE B 353 -21.65 52.01 -22.04
N PHE B 354 -20.50 52.66 -22.09
CA PHE B 354 -19.62 52.65 -23.24
C PHE B 354 -18.53 51.63 -23.03
N TYR B 355 -18.23 50.79 -24.04
CA TYR B 355 -17.10 49.87 -23.96
C TYR B 355 -16.09 50.40 -24.99
N GLN B 356 -14.93 50.88 -24.53
CA GLN B 356 -13.91 51.35 -25.46
CA GLN B 356 -13.88 51.39 -25.41
C GLN B 356 -12.87 50.27 -25.59
N PHE B 357 -12.62 49.81 -26.81
CA PHE B 357 -11.66 48.72 -27.02
C PHE B 357 -10.29 49.30 -27.31
N LEU B 358 -9.33 49.05 -26.41
CA LEU B 358 -7.97 49.58 -26.51
C LEU B 358 -7.00 48.56 -27.02
N TYR B 359 -6.06 49.01 -27.88
CA TYR B 359 -4.95 48.22 -28.44
C TYR B 359 -3.78 49.14 -28.57
N ASN B 360 -2.59 48.71 -28.12
CA ASN B 360 -1.37 49.56 -28.06
C ASN B 360 -1.61 50.72 -27.03
N ASN B 361 -2.51 50.42 -26.06
CA ASN B 361 -3.03 51.26 -24.98
C ASN B 361 -3.58 52.64 -25.48
N ASN B 362 -4.30 52.59 -26.62
CA ASN B 362 -5.01 53.73 -27.21
C ASN B 362 -6.24 53.19 -27.98
N THR B 363 -7.40 53.82 -27.73
CA THR B 363 -8.74 53.48 -28.23
C THR B 363 -8.81 53.25 -29.75
N ARG B 364 -9.20 52.05 -30.14
CA ARG B 364 -9.31 51.66 -31.55
C ARG B 364 -10.77 51.39 -31.95
N GLN B 365 -11.68 51.23 -30.97
CA GLN B 365 -13.10 51.02 -31.23
C GLN B 365 -13.94 51.48 -30.06
N GLN B 366 -14.81 52.46 -30.30
CA GLN B 366 -15.71 53.02 -29.30
C GLN B 366 -17.11 52.47 -29.56
N THR B 367 -17.69 51.84 -28.55
CA THR B 367 -19.01 51.23 -28.66
C THR B 367 -19.90 51.65 -27.47
N GLU B 368 -21.18 51.32 -27.50
CA GLU B 368 -22.12 51.62 -26.43
C GLU B 368 -23.06 50.46 -26.31
N ALA B 369 -23.18 49.89 -25.12
CA ALA B 369 -24.07 48.74 -24.93
C ALA B 369 -25.54 49.10 -25.17
N ARG B 370 -26.24 48.28 -25.98
CA ARG B 370 -27.68 48.42 -26.26
C ARG B 370 -28.44 48.03 -24.98
N ASP B 371 -28.20 46.82 -24.47
CA ASP B 371 -28.80 46.39 -23.22
C ASP B 371 -27.72 46.59 -22.15
N ASP B 372 -27.78 47.81 -21.57
CA ASP B 372 -26.89 48.47 -20.62
C ASP B 372 -26.29 47.56 -19.53
N LEU B 373 -27.11 46.82 -18.76
CA LEU B 373 -26.50 46.00 -17.71
C LEU B 373 -26.52 44.50 -18.05
N HIS B 374 -26.32 44.18 -19.35
CA HIS B 374 -26.20 42.82 -19.83
C HIS B 374 -24.78 42.73 -20.32
N CYS B 375 -24.18 41.60 -19.99
CA CYS B 375 -22.84 41.32 -20.45
C CYS B 375 -22.81 41.20 -21.99
N PRO B 376 -22.03 42.03 -22.70
CA PRO B 376 -22.03 41.92 -24.16
C PRO B 376 -21.56 40.57 -24.68
N TRP B 377 -20.65 39.87 -23.94
CA TRP B 377 -20.17 38.57 -24.39
C TRP B 377 -21.16 37.42 -24.20
N CYS B 378 -21.90 37.40 -23.10
CA CYS B 378 -22.70 36.23 -22.83
C CYS B 378 -24.14 36.50 -22.47
N THR B 379 -24.58 37.76 -22.62
CA THR B 379 -25.97 38.22 -22.45
C THR B 379 -26.53 38.06 -21.02
N LEU B 380 -25.67 37.79 -20.01
CA LEU B 380 -26.10 37.62 -18.63
C LEU B 380 -26.62 38.93 -18.18
N ASN B 381 -27.85 38.95 -17.63
CA ASN B 381 -28.44 40.17 -17.11
C ASN B 381 -28.05 40.35 -15.65
N CYS B 382 -26.89 41.03 -15.43
CA CYS B 382 -26.36 41.46 -14.14
C CYS B 382 -27.31 42.58 -13.81
N ARG B 383 -27.66 42.87 -12.58
CA ARG B 383 -28.78 43.85 -12.62
C ARG B 383 -28.38 45.24 -12.23
N LYS B 384 -27.19 45.29 -11.63
CA LYS B 384 -26.51 46.40 -11.02
C LYS B 384 -25.14 46.57 -11.68
N LEU B 385 -24.63 47.80 -11.70
CA LEU B 385 -23.29 48.04 -12.24
C LEU B 385 -22.20 47.27 -11.40
N TYR B 386 -22.44 47.13 -10.07
CA TYR B 386 -21.54 46.41 -9.18
C TYR B 386 -21.34 44.96 -9.67
N SER B 387 -22.47 44.30 -9.96
CA SER B 387 -22.55 42.93 -10.44
C SER B 387 -22.00 42.78 -11.82
N LEU B 388 -22.26 43.75 -12.72
CA LEU B 388 -21.73 43.72 -14.07
C LEU B 388 -20.20 43.80 -14.05
N LEU B 389 -19.62 44.70 -13.23
CA LEU B 389 -18.16 44.83 -13.14
C LEU B 389 -17.50 43.57 -12.55
N LYS B 390 -18.11 42.92 -11.57
CA LYS B 390 -17.54 41.70 -11.01
C LYS B 390 -17.62 40.62 -12.10
N HIS B 391 -18.84 40.41 -12.67
CA HIS B 391 -19.01 39.45 -13.74
C HIS B 391 -17.90 39.57 -14.80
N LEU B 392 -17.78 40.76 -15.42
CA LEU B 392 -16.80 41.02 -16.47
C LEU B 392 -15.38 40.62 -16.08
N LYS B 393 -14.88 41.21 -14.97
CA LYS B 393 -13.55 40.99 -14.39
C LYS B 393 -13.24 39.52 -14.01
N LEU B 394 -14.24 38.74 -13.62
CA LEU B 394 -14.00 37.37 -13.18
C LEU B 394 -14.30 36.30 -14.22
N CYS B 395 -15.47 36.42 -14.92
CA CYS B 395 -15.89 35.49 -15.97
C CYS B 395 -15.26 35.76 -17.36
N HIS B 396 -14.58 36.92 -17.58
CA HIS B 396 -13.97 37.32 -18.85
C HIS B 396 -12.52 37.87 -18.64
N SER B 397 -11.79 37.20 -17.72
CA SER B 397 -10.39 37.44 -17.29
C SER B 397 -9.37 37.47 -18.43
N ARG B 398 -9.77 37.11 -19.66
CA ARG B 398 -8.87 37.17 -20.82
C ARG B 398 -8.63 38.65 -21.20
N PHE B 399 -9.53 39.52 -20.69
CA PHE B 399 -9.53 40.96 -20.86
C PHE B 399 -9.31 41.64 -19.52
N ILE B 400 -8.81 42.84 -19.59
CA ILE B 400 -8.61 43.72 -18.45
C ILE B 400 -9.68 44.78 -18.66
N PHE B 401 -10.53 44.98 -17.64
CA PHE B 401 -11.58 45.99 -17.72
C PHE B 401 -11.23 47.20 -16.84
N ASN B 402 -11.24 48.38 -17.42
CA ASN B 402 -10.99 49.57 -16.63
C ASN B 402 -12.19 50.47 -16.57
N TYR B 403 -12.91 50.38 -15.46
CA TYR B 403 -14.12 51.15 -15.22
C TYR B 403 -13.80 52.60 -14.87
N VAL B 404 -14.59 53.54 -15.39
CA VAL B 404 -14.54 54.98 -15.10
C VAL B 404 -15.98 55.43 -14.82
N TYR B 405 -16.24 55.88 -13.59
CA TYR B 405 -17.53 56.30 -13.08
C TYR B 405 -18.04 57.54 -13.76
N HIS B 406 -19.35 57.52 -14.07
CA HIS B 406 -20.13 58.66 -14.54
C HIS B 406 -21.53 58.59 -13.95
N PRO B 407 -22.13 59.72 -13.46
CA PRO B 407 -23.54 59.67 -13.00
C PRO B 407 -24.56 59.14 -14.02
N LYS B 408 -24.32 59.33 -15.33
CA LYS B 408 -25.21 58.90 -16.43
C LYS B 408 -24.96 57.44 -16.93
N GLY B 409 -23.88 56.81 -16.47
CA GLY B 409 -23.51 55.45 -16.85
C GLY B 409 -22.10 55.04 -16.46
N ALA B 410 -21.29 54.66 -17.46
CA ALA B 410 -19.91 54.23 -17.21
C ALA B 410 -19.11 54.17 -18.51
N ARG B 411 -17.77 54.26 -18.42
CA ARG B 411 -16.86 54.04 -19.54
C ARG B 411 -16.01 52.87 -19.07
N ILE B 412 -16.17 51.72 -19.71
CA ILE B 412 -15.39 50.52 -19.40
C ILE B 412 -14.37 50.40 -20.55
N ASP B 413 -13.07 50.37 -20.23
CA ASP B 413 -11.98 50.25 -21.20
C ASP B 413 -11.55 48.80 -21.27
N VAL B 414 -11.75 48.15 -22.41
CA VAL B 414 -11.44 46.73 -22.60
C VAL B 414 -10.07 46.59 -23.26
N SER B 415 -9.19 45.84 -22.63
CA SER B 415 -7.83 45.61 -23.13
C SER B 415 -7.41 44.15 -22.95
N ILE B 416 -6.47 43.67 -23.77
CA ILE B 416 -6.02 42.27 -23.73
C ILE B 416 -5.12 42.01 -22.56
N ASN B 417 -5.52 41.04 -21.71
CA ASN B 417 -4.73 40.58 -20.57
C ASN B 417 -3.63 39.71 -21.14
N GLU B 418 -2.41 40.22 -21.07
CA GLU B 418 -1.22 39.58 -21.60
C GLU B 418 -0.53 38.65 -20.56
N CYS B 419 -1.28 38.15 -19.57
CA CYS B 419 -0.78 37.29 -18.51
C CYS B 419 -1.82 36.22 -18.23
N TYR B 420 -2.70 35.92 -19.21
CA TYR B 420 -3.77 34.94 -18.99
C TYR B 420 -3.25 33.57 -18.55
N ASP B 421 -2.10 33.12 -19.12
CA ASP B 421 -1.48 31.84 -18.77
C ASP B 421 0.04 31.90 -18.91
N PHE B 439 -4.21 15.39 -16.60
CA PHE B 439 -3.53 14.09 -16.78
C PHE B 439 -3.78 13.48 -18.19
N SER B 440 -3.14 12.31 -18.44
CA SER B 440 -3.20 11.53 -19.69
C SER B 440 -4.62 11.10 -20.09
N ARG B 441 -5.55 11.00 -19.09
CA ARG B 441 -6.94 10.55 -19.20
C ARG B 441 -6.99 9.03 -19.43
N ASN B 442 -5.80 8.42 -19.48
CA ASN B 442 -5.60 6.99 -19.63
C ASN B 442 -4.73 6.57 -18.44
N GLY B 443 -5.36 5.86 -17.50
CA GLY B 443 -4.74 5.33 -16.28
C GLY B 443 -4.20 6.29 -15.24
N PRO B 444 -3.97 5.81 -13.98
CA PRO B 444 -3.42 6.68 -12.92
C PRO B 444 -2.04 7.22 -13.25
N VAL B 445 -1.69 8.40 -12.70
CA VAL B 445 -0.45 9.10 -13.03
C VAL B 445 0.18 9.67 -11.73
N LYS B 446 1.48 9.37 -11.44
CA LYS B 446 2.13 9.89 -10.21
C LYS B 446 2.24 11.41 -10.26
N ARG B 447 2.17 12.08 -9.10
CA ARG B 447 2.25 13.55 -9.03
C ARG B 447 3.01 14.00 -7.79
N THR B 448 3.51 15.23 -7.79
CA THR B 448 4.20 15.73 -6.60
C THR B 448 3.16 16.43 -5.74
N PRO B 449 2.87 15.90 -4.52
CA PRO B 449 1.89 16.56 -3.65
C PRO B 449 2.17 18.03 -3.46
N ILE B 450 1.12 18.85 -3.57
CA ILE B 450 1.14 20.30 -3.46
C ILE B 450 -0.21 20.73 -2.95
N THR B 451 -0.24 21.67 -1.96
CA THR B 451 -1.50 22.18 -1.42
C THR B 451 -1.62 23.65 -1.72
N HIS B 452 -2.85 24.12 -1.97
CA HIS B 452 -3.17 25.52 -2.22
C HIS B 452 -4.44 25.88 -1.50
N ILE B 453 -4.48 27.04 -0.87
CA ILE B 453 -5.68 27.57 -0.20
C ILE B 453 -6.23 28.75 -1.01
N LEU B 454 -7.18 28.48 -1.91
CA LEU B 454 -7.80 29.47 -2.76
C LEU B 454 -8.70 30.43 -1.99
N VAL B 455 -9.47 29.94 -1.01
CA VAL B 455 -10.43 30.74 -0.24
C VAL B 455 -10.45 30.26 1.18
N CYS B 456 -10.49 31.22 2.12
CA CYS B 456 -10.67 30.98 3.53
C CYS B 456 -11.18 32.21 4.23
N ARG B 457 -12.47 32.20 4.57
CA ARG B 457 -13.17 33.30 5.20
C ARG B 457 -13.91 32.91 6.49
N PRO B 458 -13.74 33.72 7.59
CA PRO B 458 -14.51 33.47 8.84
C PRO B 458 -16.05 33.53 8.64
N LYS B 459 -16.77 32.51 9.14
CA LYS B 459 -18.24 32.42 9.02
C LYS B 459 -18.92 33.29 10.10
N ARG B 460 -20.03 33.94 9.71
CA ARG B 460 -20.86 34.84 10.54
C ARG B 460 -21.39 34.09 11.78
N THR B 461 -22.10 32.95 11.54
CA THR B 461 -22.68 32.07 12.57
C THR B 461 -21.76 30.85 12.73
N LYS B 462 -21.26 30.61 13.96
CA LYS B 462 -20.37 29.50 14.32
C LYS B 462 -21.20 28.20 14.37
N ALA B 463 -20.92 27.25 13.42
CA ALA B 463 -21.66 25.99 13.28
C ALA B 463 -20.94 24.73 13.84
N SER B 464 -19.59 24.76 13.93
CA SER B 464 -18.71 23.69 14.42
C SER B 464 -19.29 22.85 15.60
N MET B 465 -19.24 21.51 15.48
CA MET B 465 -19.69 20.54 16.50
C MET B 465 -18.62 20.42 17.63
N SER B 466 -18.52 21.48 18.46
CA SER B 466 -17.53 21.68 19.53
C SER B 466 -17.62 20.71 20.72
N GLU B 467 -18.77 20.03 20.88
CA GLU B 467 -19.02 19.07 21.97
C GLU B 467 -18.13 17.83 21.85
N PHE B 468 -17.93 17.34 20.61
CA PHE B 468 -17.17 16.13 20.23
C PHE B 468 -15.68 16.40 19.91
N LEU B 469 -15.23 17.66 20.16
CA LEU B 469 -13.87 18.15 19.95
C LEU B 469 -12.93 17.67 21.08
N GLU B 470 -11.77 17.07 20.72
CA GLU B 470 -10.76 16.58 21.67
C GLU B 470 -9.79 17.69 22.06
N TRP B 471 -9.86 18.10 23.36
CA TRP B 471 -9.10 19.15 24.08
C TRP B 471 -8.93 20.45 23.29
N PHE C 10 -27.26 25.60 -41.49
CA PHE C 10 -27.54 25.98 -40.10
C PHE C 10 -26.25 26.06 -39.24
N ASN C 11 -25.78 27.29 -38.95
CA ASN C 11 -24.65 27.55 -38.05
C ASN C 11 -25.30 28.05 -36.75
N LEU C 12 -25.16 27.28 -35.67
CA LEU C 12 -25.72 27.59 -34.35
C LEU C 12 -25.40 29.03 -33.89
N SER C 13 -24.13 29.42 -34.02
CA SER C 13 -23.61 30.73 -33.63
C SER C 13 -24.33 31.87 -34.36
N ALA C 14 -24.41 31.77 -35.71
CA ALA C 14 -25.05 32.76 -36.60
C ALA C 14 -26.56 32.84 -36.33
N HIS C 15 -27.21 31.69 -36.14
CA HIS C 15 -28.63 31.58 -35.85
C HIS C 15 -29.00 32.31 -34.56
N ILE C 16 -28.35 31.94 -33.42
CA ILE C 16 -28.54 32.52 -32.08
C ILE C 16 -28.32 34.03 -32.13
N GLU C 17 -27.34 34.47 -32.92
CA GLU C 17 -27.01 35.89 -33.05
C GLU C 17 -28.02 36.68 -33.85
N SER C 18 -28.67 36.07 -34.86
CA SER C 18 -29.69 36.74 -35.65
C SER C 18 -31.06 36.52 -35.01
N LEU C 19 -31.75 35.40 -35.39
CA LEU C 19 -33.08 35.00 -34.91
C LEU C 19 -33.21 34.89 -33.38
N GLY C 20 -32.21 34.30 -32.73
CA GLY C 20 -32.20 34.03 -31.30
C GLY C 20 -31.94 35.11 -30.27
N LYS C 21 -31.65 36.36 -30.73
CA LYS C 21 -31.37 37.56 -29.90
C LYS C 21 -30.15 37.38 -28.94
N GLY C 22 -29.33 36.37 -29.21
CA GLY C 22 -28.11 36.05 -28.46
C GLY C 22 -28.26 35.04 -27.33
N HIS C 23 -29.42 34.37 -27.21
CA HIS C 23 -29.65 33.42 -26.11
C HIS C 23 -30.69 32.32 -26.42
N SER C 24 -31.35 32.37 -27.59
CA SER C 24 -32.40 31.41 -27.89
C SER C 24 -32.24 30.71 -29.25
N VAL C 25 -32.96 29.58 -29.44
CA VAL C 25 -33.02 28.80 -30.68
C VAL C 25 -34.42 29.03 -31.22
N VAL C 26 -34.54 29.26 -32.52
CA VAL C 26 -35.84 29.49 -33.14
C VAL C 26 -36.16 28.31 -34.02
N PHE C 27 -37.27 27.63 -33.70
CA PHE C 27 -37.80 26.45 -34.38
C PHE C 27 -38.94 26.80 -35.33
N HIS C 28 -39.03 26.05 -36.43
CA HIS C 28 -40.08 26.20 -37.42
C HIS C 28 -40.82 24.88 -37.53
N SER C 29 -42.17 24.95 -37.57
CA SER C 29 -42.98 23.74 -37.67
C SER C 29 -43.36 23.46 -39.11
N THR C 30 -43.74 22.20 -39.37
CA THR C 30 -44.22 21.68 -40.65
C THR C 30 -45.33 20.67 -40.32
N VAL C 31 -46.42 20.71 -41.09
CA VAL C 31 -47.52 19.77 -40.88
C VAL C 31 -47.11 18.47 -41.60
N ILE C 32 -46.89 17.40 -40.81
CA ILE C 32 -46.47 16.09 -41.32
C ILE C 32 -47.63 15.08 -41.27
N ALA C 33 -48.74 15.43 -40.58
CA ALA C 33 -49.97 14.64 -40.46
C ALA C 33 -51.17 15.47 -39.98
N LYS C 34 -52.38 14.98 -40.27
CA LYS C 34 -53.65 15.58 -39.87
C LYS C 34 -54.66 14.48 -39.52
N ARG C 35 -55.54 14.74 -38.54
CA ARG C 35 -56.57 13.77 -38.13
C ARG C 35 -57.93 14.43 -37.93
N LYS C 36 -58.98 13.70 -38.26
CA LYS C 36 -60.35 14.15 -38.07
C LYS C 36 -60.95 13.16 -37.10
N GLU C 37 -61.14 13.60 -35.84
CA GLU C 37 -61.72 12.83 -34.73
C GLU C 37 -63.20 12.35 -35.03
N ASP C 38 -63.71 11.37 -34.23
CA ASP C 38 -65.09 10.86 -34.34
C ASP C 38 -66.09 11.99 -33.98
N SER C 39 -65.59 12.99 -33.22
CA SER C 39 -66.25 14.23 -32.81
C SER C 39 -65.84 15.28 -33.84
N GLY C 40 -66.67 16.30 -34.05
CA GLY C 40 -66.38 17.38 -34.99
C GLY C 40 -65.24 18.29 -34.58
N LYS C 41 -63.98 17.82 -34.74
CA LYS C 41 -62.72 18.51 -34.43
C LYS C 41 -61.54 18.01 -35.27
N ILE C 42 -60.71 18.94 -35.78
CA ILE C 42 -59.55 18.62 -36.63
C ILE C 42 -58.22 18.99 -35.93
N LYS C 43 -57.33 17.99 -35.77
CA LYS C 43 -56.01 18.16 -35.15
C LYS C 43 -54.87 17.91 -36.17
N LEU C 44 -53.77 18.67 -36.03
CA LEU C 44 -52.58 18.61 -36.89
C LEU C 44 -51.30 18.23 -36.10
N LEU C 45 -50.43 17.41 -36.72
CA LEU C 45 -49.17 16.99 -36.12
C LEU C 45 -48.02 17.86 -36.63
N LEU C 46 -47.49 18.77 -35.78
CA LEU C 46 -46.39 19.69 -36.13
C LEU C 46 -45.02 19.09 -35.84
N HIS C 47 -44.14 19.13 -36.84
CA HIS C 47 -42.77 18.62 -36.75
C HIS C 47 -41.81 19.81 -36.75
N TRP C 48 -40.96 19.90 -35.71
CA TRP C 48 -40.01 21.02 -35.52
C TRP C 48 -38.71 20.89 -36.31
N MET C 49 -38.19 22.06 -36.75
CA MET C 49 -36.98 22.29 -37.54
C MET C 49 -36.15 23.44 -36.91
N PRO C 50 -34.91 23.25 -36.41
CA PRO C 50 -34.05 22.04 -36.36
C PRO C 50 -34.75 20.77 -35.89
N GLU C 51 -34.44 19.65 -36.56
CA GLU C 51 -35.04 18.36 -36.24
C GLU C 51 -34.29 17.57 -35.17
N ASP C 52 -35.00 16.65 -34.52
CA ASP C 52 -34.54 15.68 -33.50
C ASP C 52 -34.25 16.29 -32.11
N ILE C 53 -34.58 17.57 -31.90
CA ILE C 53 -34.39 18.26 -30.62
C ILE C 53 -35.74 18.39 -29.90
N LEU C 54 -36.76 18.91 -30.59
CA LEU C 54 -38.09 19.08 -30.01
C LEU C 54 -39.05 17.95 -30.45
N PRO C 55 -39.98 17.46 -29.59
CA PRO C 55 -40.90 16.41 -30.04
C PRO C 55 -42.05 16.94 -30.92
N ASP C 56 -42.65 16.03 -31.72
CA ASP C 56 -43.82 16.30 -32.57
C ASP C 56 -45.01 16.62 -31.64
N VAL C 57 -45.74 17.69 -31.94
CA VAL C 57 -46.87 18.09 -31.10
C VAL C 57 -48.22 18.14 -31.90
N TRP C 58 -49.28 17.54 -31.32
CA TRP C 58 -50.63 17.54 -31.89
C TRP C 58 -51.28 18.86 -31.49
N VAL C 59 -51.81 19.60 -32.47
CA VAL C 59 -52.32 20.96 -32.33
C VAL C 59 -53.67 21.18 -33.05
N ASN C 60 -54.55 22.04 -32.47
CA ASN C 60 -55.86 22.37 -33.05
C ASN C 60 -55.71 23.07 -34.42
N GLU C 61 -56.61 22.80 -35.38
CA GLU C 61 -56.53 23.39 -36.73
C GLU C 61 -56.42 24.95 -36.70
N SER C 62 -57.06 25.59 -35.70
CA SER C 62 -57.04 27.04 -35.50
C SER C 62 -55.70 27.50 -34.99
N GLU C 63 -55.07 26.69 -34.11
CA GLU C 63 -53.79 26.94 -33.45
C GLU C 63 -52.53 26.84 -34.36
N ARG C 64 -52.69 26.49 -35.66
CA ARG C 64 -51.56 26.38 -36.62
C ARG C 64 -50.72 27.68 -36.63
N HIS C 65 -51.40 28.84 -36.74
CA HIS C 65 -50.77 30.16 -36.69
C HIS C 65 -50.42 30.45 -35.21
N GLN C 66 -49.45 31.35 -34.99
CA GLN C 66 -48.92 31.66 -33.65
C GLN C 66 -48.25 30.38 -33.05
N LEU C 67 -47.81 29.47 -33.96
CA LEU C 67 -47.11 28.20 -33.74
C LEU C 67 -46.34 27.79 -35.02
N LYS C 68 -46.20 28.73 -35.99
CA LYS C 68 -45.45 28.57 -37.25
C LYS C 68 -43.95 28.56 -36.91
N THR C 69 -43.59 29.31 -35.83
CA THR C 69 -42.27 29.44 -35.23
C THR C 69 -42.42 29.28 -33.72
N LYS C 70 -41.34 28.88 -33.04
CA LYS C 70 -41.28 28.70 -31.59
C LYS C 70 -39.88 29.06 -31.15
N VAL C 71 -39.75 30.11 -30.33
CA VAL C 71 -38.44 30.56 -29.83
C VAL C 71 -38.21 30.00 -28.41
N VAL C 72 -37.22 29.10 -28.30
CA VAL C 72 -36.85 28.42 -27.06
C VAL C 72 -35.52 28.95 -26.53
N HIS C 73 -35.48 29.43 -25.26
CA HIS C 73 -34.26 29.89 -24.62
C HIS C 73 -33.37 28.67 -24.44
N LEU C 74 -32.06 28.82 -24.63
CA LEU C 74 -31.09 27.72 -24.53
C LEU C 74 -31.20 26.94 -23.25
N SER C 75 -31.41 27.64 -22.12
CA SER C 75 -31.56 27.00 -20.80
C SER C 75 -32.91 26.25 -20.65
N LYS C 76 -33.85 26.43 -21.61
CA LYS C 76 -35.17 25.78 -21.66
C LYS C 76 -35.24 24.57 -22.62
N LEU C 77 -34.19 24.36 -23.44
CA LEU C 77 -34.12 23.23 -24.38
C LEU C 77 -34.08 21.92 -23.58
N PRO C 78 -34.75 20.81 -24.05
CA PRO C 78 -34.63 19.53 -23.32
C PRO C 78 -33.14 19.19 -23.23
N LYS C 79 -32.61 19.04 -22.00
CA LYS C 79 -31.17 18.90 -21.75
C LYS C 79 -30.59 17.62 -22.35
N ASP C 80 -31.36 16.53 -22.35
CA ASP C 80 -30.92 15.26 -22.96
C ASP C 80 -30.55 15.45 -24.45
N THR C 81 -31.45 16.11 -25.20
CA THR C 81 -31.33 16.35 -26.63
C THR C 81 -30.59 17.67 -27.00
N ALA C 82 -30.41 18.61 -26.04
CA ALA C 82 -29.73 19.88 -26.30
C ALA C 82 -28.27 19.71 -26.71
N LEU C 83 -27.63 18.58 -26.33
CA LEU C 83 -26.24 18.30 -26.67
C LEU C 83 -25.98 18.03 -28.16
N LEU C 84 -27.06 17.64 -28.91
CA LEU C 84 -27.02 17.36 -30.36
C LEU C 84 -26.60 18.61 -31.16
N LEU C 85 -26.76 19.79 -30.53
CA LEU C 85 -26.46 21.13 -31.06
C LEU C 85 -24.97 21.34 -31.34
N ASP C 86 -24.05 20.64 -30.61
CA ASP C 86 -22.60 20.79 -30.79
C ASP C 86 -21.81 19.62 -30.18
N PRO C 87 -20.68 19.18 -30.80
CA PRO C 87 -19.87 18.10 -30.18
C PRO C 87 -19.25 18.46 -28.83
N ASN C 88 -19.07 19.77 -28.54
CA ASN C 88 -18.44 20.19 -27.27
C ASN C 88 -19.35 20.95 -26.30
N ILE C 89 -20.62 20.51 -26.12
CA ILE C 89 -21.49 21.12 -25.10
C ILE C 89 -21.21 20.36 -23.81
N TYR C 90 -21.18 19.02 -23.91
CA TYR C 90 -20.85 18.06 -22.88
C TYR C 90 -20.19 16.86 -23.55
N ARG C 91 -19.12 16.34 -22.95
CA ARG C 91 -18.40 15.16 -23.44
C ARG C 91 -17.96 14.33 -22.24
N THR C 92 -17.96 13.01 -22.38
CA THR C 92 -17.47 12.10 -21.33
C THR C 92 -15.96 11.99 -21.52
N MET C 93 -15.20 12.43 -20.48
CA MET C 93 -13.74 12.48 -20.50
C MET C 93 -13.07 11.61 -19.42
N PRO C 94 -12.46 10.47 -19.79
CA PRO C 94 -12.39 9.90 -21.15
C PRO C 94 -13.66 9.15 -21.50
N GLN C 95 -13.90 8.91 -22.80
CA GLN C 95 -15.08 8.14 -23.23
C GLN C 95 -14.84 6.68 -22.85
N LYS C 96 -13.60 6.20 -23.11
CA LYS C 96 -13.11 4.85 -22.85
C LYS C 96 -12.61 4.72 -21.42
N ARG C 97 -13.29 3.86 -20.62
CA ARG C 97 -12.99 3.62 -19.20
C ARG C 97 -12.41 2.23 -18.94
N LEU C 98 -11.29 2.18 -18.21
CA LEU C 98 -10.65 0.92 -17.80
C LEU C 98 -11.41 0.40 -16.55
N LYS C 99 -11.50 1.26 -15.51
CA LYS C 99 -12.17 1.05 -14.23
C LYS C 99 -13.53 1.77 -14.17
N ARG C 100 -14.39 1.40 -13.20
CA ARG C 100 -15.73 1.96 -12.95
C ARG C 100 -15.63 3.45 -12.61
N ARG D 4 -24.26 58.92 -32.50
CA ARG D 4 -24.28 57.70 -31.69
C ARG D 4 -23.21 56.68 -32.16
N LYS D 5 -22.73 55.84 -31.22
CA LYS D 5 -21.70 54.82 -31.47
C LYS D 5 -22.34 53.44 -31.84
N PRO D 6 -21.59 52.54 -32.57
CA PRO D 6 -22.12 51.19 -32.82
C PRO D 6 -22.39 50.49 -31.49
N LYS D 7 -23.31 49.55 -31.45
CA LYS D 7 -23.62 48.84 -30.21
C LYS D 7 -22.56 47.76 -29.90
N THR D 8 -22.12 47.69 -28.61
CA THR D 8 -21.09 46.74 -28.14
C THR D 8 -21.38 45.32 -28.58
N GLU D 9 -22.64 44.86 -28.37
CA GLU D 9 -23.11 43.52 -28.76
C GLU D 9 -22.93 43.28 -30.28
N ASP D 10 -23.19 44.32 -31.13
CA ASP D 10 -23.01 44.17 -32.58
C ASP D 10 -21.52 44.13 -32.95
N PHE D 11 -20.71 44.94 -32.26
CA PHE D 11 -19.28 44.89 -32.53
C PHE D 11 -18.78 43.44 -32.30
N LEU D 12 -19.05 42.91 -31.11
CA LEU D 12 -18.67 41.56 -30.73
C LEU D 12 -19.23 40.44 -31.63
N THR D 13 -20.42 40.66 -32.19
CA THR D 13 -21.05 39.72 -33.11
C THR D 13 -20.25 39.74 -34.41
N PHE D 14 -19.91 40.96 -34.89
CA PHE D 14 -19.08 41.14 -36.08
C PHE D 14 -17.84 40.27 -35.92
N LEU D 15 -17.11 40.48 -34.81
CA LEU D 15 -15.92 39.75 -34.41
C LEU D 15 -16.06 38.23 -34.51
N CYS D 16 -17.19 37.63 -34.11
CA CYS D 16 -17.34 36.18 -34.26
C CYS D 16 -17.51 35.79 -35.74
N LEU D 17 -18.58 36.31 -36.38
CA LEU D 17 -18.90 36.05 -37.78
C LEU D 17 -17.87 36.75 -38.69
N ARG D 18 -16.69 36.11 -38.88
CA ARG D 18 -15.56 36.59 -39.68
C ARG D 18 -14.69 35.40 -40.07
N LYS E 18 13.04 -32.77 -3.33
CA LYS E 18 13.66 -32.18 -4.50
C LYS E 18 15.17 -32.23 -4.41
N GLU E 19 15.79 -31.09 -4.65
CA GLU E 19 17.25 -31.00 -4.62
C GLU E 19 17.72 -30.62 -3.22
N ALA E 20 16.86 -29.94 -2.44
CA ALA E 20 17.14 -29.54 -1.05
C ALA E 20 16.95 -30.72 -0.08
N ALA E 21 16.16 -31.75 -0.48
CA ALA E 21 15.93 -32.97 0.31
C ALA E 21 17.23 -33.80 0.39
N PHE E 22 18.01 -33.80 -0.72
CA PHE E 22 19.30 -34.47 -0.86
C PHE E 22 20.40 -33.63 -0.17
N ASP E 23 20.46 -32.31 -0.49
CA ASP E 23 21.40 -31.33 0.06
C ASP E 23 21.29 -31.24 1.59
N ASP E 24 20.19 -31.77 2.17
CA ASP E 24 19.95 -31.84 3.61
C ASP E 24 20.47 -33.14 4.19
N ALA E 25 20.30 -34.24 3.44
CA ALA E 25 20.80 -35.56 3.82
C ALA E 25 22.34 -35.50 3.95
N VAL E 26 23.02 -34.70 3.05
CA VAL E 26 24.48 -34.43 2.98
C VAL E 26 24.90 -33.64 4.21
N GLU E 27 24.29 -32.43 4.40
CA GLU E 27 24.53 -31.51 5.51
C GLU E 27 24.41 -32.26 6.81
N GLU E 28 23.44 -33.20 6.90
CA GLU E 28 23.26 -34.01 8.09
C GLU E 28 24.53 -34.82 8.38
N ARG E 29 25.07 -35.48 7.33
CA ARG E 29 26.33 -36.24 7.37
C ARG E 29 27.51 -35.32 7.76
N VAL E 30 27.64 -34.14 7.10
CA VAL E 30 28.67 -33.12 7.34
C VAL E 30 28.64 -32.66 8.79
N ILE E 31 27.44 -32.33 9.32
CA ILE E 31 27.24 -31.88 10.71
C ILE E 31 27.81 -32.92 11.66
N ASN E 32 27.53 -34.21 11.40
CA ASN E 32 28.03 -35.30 12.23
C ASN E 32 29.56 -35.37 12.20
N GLU E 33 30.16 -35.28 11.00
CA GLU E 33 31.62 -35.31 10.81
C GLU E 33 32.27 -34.17 11.58
N GLU E 34 31.68 -32.96 11.48
CA GLU E 34 32.21 -31.77 12.15
C GLU E 34 32.12 -31.95 13.67
N TYR E 35 31.08 -32.68 14.15
CA TYR E 35 30.86 -32.96 15.58
C TYR E 35 32.00 -33.82 16.11
N LYS E 36 32.34 -34.89 15.35
CA LYS E 36 33.46 -35.79 15.63
C LYS E 36 34.76 -34.97 15.75
N ILE E 37 35.04 -34.04 14.79
CA ILE E 37 36.21 -33.14 14.85
C ILE E 37 36.20 -32.28 16.13
N TRP E 38 35.04 -31.72 16.53
CA TRP E 38 34.92 -30.95 17.77
C TRP E 38 35.23 -31.85 19.00
N LYS E 39 34.53 -33.04 19.13
CA LYS E 39 34.73 -34.00 20.23
C LYS E 39 36.21 -34.29 20.47
N LYS E 40 36.97 -34.56 19.39
CA LYS E 40 38.38 -34.89 19.43
C LYS E 40 39.23 -33.75 19.96
N ASN E 41 38.83 -32.50 19.68
CA ASN E 41 39.58 -31.34 20.13
C ASN E 41 39.07 -30.78 21.45
N THR E 42 38.10 -31.42 22.12
CA THR E 42 37.53 -30.83 23.34
C THR E 42 38.57 -30.67 24.47
N PRO E 43 39.57 -31.55 24.71
CA PRO E 43 40.51 -31.30 25.83
C PRO E 43 41.43 -30.07 25.66
N PHE E 44 41.45 -29.49 24.44
CA PHE E 44 42.32 -28.38 24.08
C PHE E 44 41.51 -27.10 23.89
N LEU E 45 40.20 -27.18 24.18
CA LEU E 45 39.28 -26.07 24.04
C LEU E 45 38.59 -25.74 25.37
N TYR E 46 38.30 -26.78 26.16
CA TYR E 46 37.54 -26.63 27.41
C TYR E 46 38.28 -27.21 28.59
N ASP E 47 37.91 -26.75 29.80
CA ASP E 47 38.38 -27.28 31.09
C ASP E 47 37.28 -28.23 31.60
N LEU E 48 36.02 -28.04 31.13
CA LEU E 48 34.88 -28.89 31.48
C LEU E 48 33.86 -29.03 30.34
N VAL E 49 33.47 -30.29 29.99
CA VAL E 49 32.45 -30.58 28.98
C VAL E 49 31.64 -31.73 29.48
N MET E 50 30.40 -31.46 29.91
CA MET E 50 29.46 -32.49 30.33
C MET E 50 28.32 -32.45 29.35
N THR E 51 28.05 -33.59 28.72
CA THR E 51 27.01 -33.78 27.72
C THR E 51 25.85 -34.47 28.43
N HIS E 52 24.61 -34.20 28.00
CA HIS E 52 23.44 -34.86 28.60
C HIS E 52 22.25 -34.91 27.65
N ALA E 53 21.75 -36.10 27.38
CA ALA E 53 20.56 -36.22 26.56
C ALA E 53 19.35 -36.23 27.50
N LEU E 54 18.50 -35.19 27.41
CA LEU E 54 17.27 -35.09 28.18
C LEU E 54 16.24 -35.98 27.45
N GLU E 55 15.26 -36.52 28.20
CA GLU E 55 14.20 -37.36 27.65
C GLU E 55 13.43 -36.62 26.56
N TRP E 56 13.11 -35.34 26.80
CA TRP E 56 12.43 -34.45 25.85
C TRP E 56 13.20 -33.15 25.81
N PRO E 57 13.31 -32.47 24.63
CA PRO E 57 14.07 -31.22 24.59
C PRO E 57 13.52 -30.12 25.48
N SER E 58 14.40 -29.20 25.91
CA SER E 58 13.98 -28.06 26.74
C SER E 58 14.12 -26.80 25.94
N LEU E 59 13.06 -25.99 25.84
CA LEU E 59 13.15 -24.72 25.11
C LEU E 59 13.74 -23.59 26.01
N THR E 60 13.89 -23.89 27.33
CA THR E 60 14.36 -22.97 28.37
C THR E 60 15.48 -23.61 29.22
N ALA E 61 16.37 -22.79 29.82
CA ALA E 61 17.46 -23.17 30.72
C ALA E 61 17.94 -21.98 31.52
N GLN E 62 17.87 -22.08 32.85
CA GLN E 62 18.33 -21.03 33.77
C GLN E 62 18.86 -21.60 35.10
N TRP E 63 20.12 -21.29 35.45
CA TRP E 63 20.66 -21.76 36.73
C TRP E 63 19.93 -21.01 37.82
N LEU E 64 19.62 -21.74 38.90
CA LEU E 64 19.04 -21.20 40.11
C LEU E 64 20.24 -20.61 40.91
N PRO E 65 20.07 -19.77 41.97
CA PRO E 65 21.26 -19.16 42.61
C PRO E 65 22.08 -20.01 43.57
N ASP E 66 21.43 -20.96 44.23
CA ASP E 66 21.95 -21.83 45.28
C ASP E 66 22.96 -22.89 44.86
N VAL E 67 23.97 -23.08 45.70
CA VAL E 67 24.98 -24.14 45.61
C VAL E 67 24.92 -24.83 46.95
N THR E 68 25.10 -26.14 46.92
CA THR E 68 25.15 -27.01 48.09
C THR E 68 26.53 -27.63 47.98
N ARG E 69 27.40 -27.40 48.97
CA ARG E 69 28.75 -27.96 48.95
C ARG E 69 28.79 -29.04 50.03
N PRO E 70 28.45 -30.30 49.66
CA PRO E 70 28.36 -31.35 50.68
C PRO E 70 29.71 -31.76 51.20
N GLU E 71 29.95 -31.55 52.50
CA GLU E 71 31.21 -31.97 53.10
C GLU E 71 31.05 -33.42 53.53
N GLY E 72 32.02 -34.28 53.20
CA GLY E 72 33.28 -33.93 52.53
C GLY E 72 33.40 -34.56 51.16
N LYS E 73 32.73 -33.97 50.19
CA LYS E 73 32.75 -34.52 48.84
C LYS E 73 33.62 -33.70 47.85
N ASP E 74 33.95 -34.34 46.71
CA ASP E 74 34.77 -33.84 45.60
C ASP E 74 34.01 -32.97 44.58
N PHE E 75 32.72 -32.69 44.87
CA PHE E 75 31.83 -31.92 44.00
C PHE E 75 30.94 -30.95 44.80
N SER E 76 30.18 -30.14 44.07
CA SER E 76 29.20 -29.19 44.58
C SER E 76 27.91 -29.41 43.76
N ILE E 77 26.74 -29.20 44.37
CA ILE E 77 25.47 -29.41 43.67
C ILE E 77 24.85 -28.08 43.25
N HIS E 78 24.68 -27.93 41.93
CA HIS E 78 24.11 -26.76 41.26
C HIS E 78 22.73 -27.14 40.71
N ARG E 79 21.80 -26.15 40.52
CA ARG E 79 20.45 -26.48 40.06
C ARG E 79 19.95 -25.65 38.90
N LEU E 80 19.18 -26.26 38.00
CA LEU E 80 18.67 -25.62 36.80
C LEU E 80 17.19 -25.74 36.61
N VAL E 81 16.58 -24.66 36.15
CA VAL E 81 15.17 -24.63 35.78
C VAL E 81 15.17 -24.98 34.31
N LEU E 82 14.51 -26.10 33.98
CA LEU E 82 14.37 -26.61 32.63
C LEU E 82 12.88 -26.86 32.35
N GLY E 83 12.59 -27.28 31.14
CA GLY E 83 11.24 -27.58 30.67
C GLY E 83 11.27 -28.71 29.67
N THR E 84 10.10 -29.00 29.09
CA THR E 84 9.92 -30.08 28.12
C THR E 84 9.19 -29.51 26.93
N HIS E 85 9.37 -30.14 25.78
CA HIS E 85 8.70 -29.83 24.53
C HIS E 85 8.52 -31.21 23.96
N THR E 86 7.31 -31.75 24.13
CA THR E 86 6.99 -33.12 23.77
C THR E 86 6.22 -33.24 22.47
N SER E 87 5.91 -34.50 22.07
CA SER E 87 5.08 -34.88 20.92
C SER E 87 3.95 -35.72 21.50
N ASP E 88 2.84 -35.03 21.81
CA ASP E 88 1.61 -35.60 22.37
C ASP E 88 1.88 -36.57 23.54
N GLU E 89 2.38 -36.00 24.65
CA GLU E 89 2.70 -36.63 25.93
C GLU E 89 2.79 -35.49 26.95
N GLN E 90 2.51 -35.76 28.22
CA GLN E 90 2.53 -34.72 29.26
C GLN E 90 3.85 -33.96 29.33
N ASN E 91 3.74 -32.63 29.48
CA ASN E 91 4.86 -31.70 29.64
C ASN E 91 5.04 -31.39 31.10
N HIS E 92 6.26 -31.05 31.52
CA HIS E 92 6.52 -30.75 32.92
C HIS E 92 7.46 -29.57 33.09
N LEU E 93 7.29 -28.80 34.19
CA LEU E 93 8.24 -27.77 34.60
C LEU E 93 9.25 -28.63 35.41
N VAL E 94 10.52 -28.57 35.03
CA VAL E 94 11.59 -29.43 35.52
C VAL E 94 12.69 -28.69 36.24
N ILE E 95 13.13 -29.23 37.38
CA ILE E 95 14.27 -28.70 38.11
C ILE E 95 15.25 -29.83 38.23
N ALA E 96 16.39 -29.69 37.53
CA ALA E 96 17.43 -30.71 37.50
C ALA E 96 18.66 -30.25 38.31
N SER E 97 19.34 -31.21 38.95
CA SER E 97 20.56 -30.99 39.73
C SER E 97 21.79 -31.39 38.89
N VAL E 98 22.91 -30.63 39.02
CA VAL E 98 24.19 -30.86 38.33
C VAL E 98 25.35 -30.95 39.34
N GLN E 99 26.15 -32.03 39.26
CA GLN E 99 27.32 -32.20 40.12
C GLN E 99 28.52 -31.58 39.39
N LEU E 100 29.06 -30.47 39.95
CA LEU E 100 30.22 -29.81 39.36
C LEU E 100 31.45 -30.06 40.18
N PRO E 101 32.53 -30.55 39.54
CA PRO E 101 33.77 -30.84 40.29
C PRO E 101 34.37 -29.62 40.95
N ASN E 102 35.01 -29.82 42.09
CA ASN E 102 35.69 -28.72 42.77
C ASN E 102 37.03 -28.52 42.03
N ASP E 103 37.81 -27.51 42.44
CA ASP E 103 39.14 -27.18 41.88
C ASP E 103 40.18 -28.33 41.98
N ASP E 104 39.96 -29.28 42.89
CA ASP E 104 40.82 -30.43 43.22
C ASP E 104 40.40 -31.80 42.61
N ALA E 105 39.26 -31.85 41.87
CA ALA E 105 38.67 -33.09 41.33
C ALA E 105 39.02 -33.43 39.87
N GLN E 106 39.29 -34.73 39.64
CA GLN E 106 39.62 -35.38 38.36
C GLN E 106 40.65 -34.61 37.53
N GLY E 121 36.67 -38.45 26.28
CA GLY E 121 37.45 -39.08 27.35
C GLY E 121 36.64 -40.05 28.17
N PHE E 122 35.96 -39.54 29.22
CA PHE E 122 35.05 -40.30 30.10
C PHE E 122 33.65 -40.37 29.42
N GLY E 123 32.70 -41.03 30.08
CA GLY E 123 31.34 -41.16 29.55
C GLY E 123 30.46 -42.17 30.26
N SER E 124 29.15 -42.08 29.99
CA SER E 124 28.06 -42.90 30.55
C SER E 124 28.05 -42.86 32.09
N VAL E 125 27.99 -41.63 32.67
CA VAL E 125 28.01 -41.43 34.11
C VAL E 125 26.59 -41.39 34.72
N SER E 126 26.42 -42.12 35.84
CA SER E 126 25.17 -42.29 36.59
C SER E 126 25.25 -41.58 37.95
N GLY E 127 24.59 -40.42 38.03
CA GLY E 127 24.52 -39.62 39.24
C GLY E 127 24.90 -38.16 39.11
N LYS E 128 25.64 -37.80 38.03
CA LYS E 128 26.07 -36.43 37.79
C LYS E 128 24.88 -35.47 37.49
N ILE E 129 23.98 -35.83 36.56
CA ILE E 129 22.79 -35.03 36.25
C ILE E 129 21.53 -35.84 36.56
N GLU E 130 20.69 -35.29 37.47
CA GLU E 130 19.45 -35.91 37.94
C GLU E 130 18.31 -34.90 37.97
N ILE E 131 17.07 -35.36 37.71
CA ILE E 131 15.87 -34.52 37.75
C ILE E 131 15.38 -34.58 39.19
N GLU E 132 15.31 -33.43 39.87
CA GLU E 132 14.85 -33.40 41.25
C GLU E 132 13.34 -33.22 41.33
N ILE E 133 12.79 -32.32 40.51
CA ILE E 133 11.37 -31.99 40.52
C ILE E 133 10.81 -31.94 39.09
N LYS E 134 9.62 -32.53 38.93
CA LYS E 134 8.84 -32.52 37.70
C LYS E 134 7.43 -32.11 38.11
N ILE E 135 6.92 -31.00 37.56
CA ILE E 135 5.57 -30.53 37.90
C ILE E 135 4.74 -30.41 36.56
N ASN E 136 3.57 -31.10 36.46
CA ASN E 136 2.70 -31.10 35.27
C ASN E 136 2.49 -29.69 34.69
N HIS E 137 2.62 -29.55 33.36
CA HIS E 137 2.50 -28.26 32.66
C HIS E 137 1.65 -28.38 31.40
N GLU E 138 0.70 -27.43 31.20
CA GLU E 138 -0.18 -27.40 30.02
C GLU E 138 0.58 -26.91 28.81
N GLY E 139 0.99 -27.87 28.00
CA GLY E 139 1.79 -27.59 26.81
C GLY E 139 3.23 -27.37 27.17
N GLU E 140 4.06 -27.12 26.16
CA GLU E 140 5.51 -26.89 26.25
C GLU E 140 5.84 -25.71 27.17
N VAL E 141 6.98 -25.79 27.83
CA VAL E 141 7.47 -24.68 28.64
C VAL E 141 8.35 -23.87 27.66
N ASN E 142 7.76 -22.82 27.04
CA ASN E 142 8.43 -21.93 26.07
C ASN E 142 9.56 -21.19 26.80
N ARG E 143 9.27 -20.71 28.03
CA ARG E 143 10.24 -20.02 28.88
C ARG E 143 9.85 -20.14 30.34
N ALA E 144 10.84 -20.35 31.23
CA ALA E 144 10.63 -20.40 32.68
C ALA E 144 11.70 -19.54 33.39
N ARG E 145 11.25 -18.63 34.26
CA ARG E 145 12.12 -17.70 35.00
C ARG E 145 11.77 -17.71 36.47
N TYR E 146 12.78 -17.74 37.34
CA TYR E 146 12.54 -17.76 38.79
C TYR E 146 12.47 -16.33 39.34
N MET E 147 11.75 -16.11 40.45
CA MET E 147 11.66 -14.78 41.03
C MET E 147 12.95 -14.49 41.84
N PRO E 148 13.75 -13.45 41.46
CA PRO E 148 14.97 -13.15 42.22
C PRO E 148 14.76 -12.97 43.72
N GLN E 149 13.61 -12.42 44.15
CA GLN E 149 13.25 -12.19 45.55
C GLN E 149 12.92 -13.51 46.31
N ASN E 150 12.26 -14.48 45.62
CA ASN E 150 11.97 -15.83 46.12
C ASN E 150 12.14 -16.84 44.99
N PRO E 151 13.29 -17.55 44.89
CA PRO E 151 13.49 -18.49 43.77
C PRO E 151 12.65 -19.77 43.80
N CYS E 152 11.74 -19.93 44.76
CA CYS E 152 10.83 -21.09 44.77
C CYS E 152 9.71 -20.83 43.77
N ILE E 153 9.46 -19.54 43.50
CA ILE E 153 8.46 -19.02 42.57
C ILE E 153 9.03 -18.99 41.15
N ILE E 154 8.36 -19.70 40.22
CA ILE E 154 8.77 -19.78 38.83
C ILE E 154 7.63 -19.41 37.87
N ALA E 155 7.84 -18.38 37.03
CA ALA E 155 6.88 -17.97 36.00
C ALA E 155 7.17 -18.76 34.74
N THR E 156 6.12 -19.32 34.09
CA THR E 156 6.28 -20.07 32.84
C THR E 156 5.37 -19.56 31.75
N LYS E 157 5.94 -19.45 30.53
CA LYS E 157 5.25 -19.06 29.31
C LYS E 157 4.82 -20.32 28.58
N THR E 158 3.54 -20.37 28.27
CA THR E 158 2.83 -21.51 27.71
C THR E 158 2.46 -21.29 26.23
N PRO E 159 2.24 -22.38 25.42
CA PRO E 159 1.76 -22.20 24.02
C PRO E 159 0.36 -21.58 23.91
N SER E 160 -0.31 -21.35 25.06
CA SER E 160 -1.61 -20.70 25.12
C SER E 160 -1.42 -19.21 25.44
N SER E 161 -2.47 -18.52 25.88
CA SER E 161 -2.44 -17.10 26.18
C SER E 161 -2.10 -16.77 27.65
N ASP E 162 -2.16 -17.77 28.53
CA ASP E 162 -1.93 -17.59 29.95
C ASP E 162 -0.48 -17.79 30.38
N VAL E 163 -0.02 -16.96 31.33
CA VAL E 163 1.31 -17.05 31.95
C VAL E 163 1.03 -17.72 33.28
N LEU E 164 1.72 -18.83 33.57
CA LEU E 164 1.51 -19.59 34.80
C LEU E 164 2.61 -19.31 35.80
N VAL E 165 2.27 -19.33 37.10
CA VAL E 165 3.23 -19.13 38.20
C VAL E 165 3.12 -20.35 39.11
N PHE E 166 4.27 -20.92 39.53
CA PHE E 166 4.32 -22.08 40.41
C PHE E 166 5.32 -21.88 41.52
N ASP E 167 5.01 -22.36 42.73
CA ASP E 167 5.90 -22.38 43.89
C ASP E 167 6.22 -23.87 44.03
N TYR E 168 7.43 -24.32 43.59
CA TYR E 168 7.75 -25.77 43.60
C TYR E 168 7.61 -26.41 44.96
N THR E 169 7.74 -25.62 46.04
CA THR E 169 7.57 -26.09 47.41
C THR E 169 6.09 -26.40 47.73
N LYS E 170 5.12 -25.90 46.92
CA LYS E 170 3.67 -26.09 47.07
C LYS E 170 3.11 -27.24 46.18
N HIS E 171 4.01 -27.92 45.44
CA HIS E 171 3.71 -29.04 44.55
C HIS E 171 4.56 -30.26 44.93
N PRO E 172 4.13 -31.53 44.66
CA PRO E 172 5.02 -32.67 44.94
C PRO E 172 6.21 -32.69 43.96
N SER E 173 7.28 -33.44 44.31
CA SER E 173 8.46 -33.58 43.43
C SER E 173 8.12 -34.56 42.30
N LYS E 174 7.35 -35.61 42.65
CA LYS E 174 6.84 -36.64 41.74
C LYS E 174 5.44 -36.18 41.29
N PRO E 175 5.24 -35.86 39.99
CA PRO E 175 3.94 -35.36 39.55
C PRO E 175 2.86 -36.44 39.55
N ASP E 176 1.59 -36.03 39.74
CA ASP E 176 0.48 -36.99 39.73
C ASP E 176 0.22 -37.51 38.30
N PRO E 177 0.02 -38.85 38.13
CA PRO E 177 -0.14 -39.40 36.77
C PRO E 177 -1.36 -38.89 36.00
N SER E 178 -2.32 -38.23 36.71
CA SER E 178 -3.54 -37.63 36.14
C SER E 178 -3.23 -36.55 35.08
N GLY E 179 -2.08 -35.89 35.21
CA GLY E 179 -1.62 -34.86 34.30
C GLY E 179 -2.27 -33.51 34.54
N GLU E 180 -3.02 -33.36 35.65
CA GLU E 180 -3.72 -32.14 36.01
C GLU E 180 -2.74 -31.00 36.33
N CYS E 181 -2.78 -29.93 35.51
CA CYS E 181 -1.94 -28.74 35.65
C CYS E 181 -2.66 -27.75 36.56
N ASN E 182 -2.14 -27.58 37.78
CA ASN E 182 -2.70 -26.67 38.78
C ASN E 182 -1.66 -25.60 39.16
N PRO E 183 -1.55 -24.48 38.40
CA PRO E 183 -0.56 -23.47 38.78
C PRO E 183 -1.02 -22.67 40.00
N ASP E 184 -0.04 -22.08 40.72
CA ASP E 184 -0.28 -21.24 41.89
C ASP E 184 -0.98 -19.95 41.52
N LEU E 185 -0.63 -19.38 40.35
CA LEU E 185 -1.33 -18.24 39.77
C LEU E 185 -1.48 -18.38 38.25
N ARG E 186 -2.59 -17.87 37.72
CA ARG E 186 -2.93 -17.89 36.30
C ARG E 186 -3.02 -16.45 35.84
N LEU E 187 -1.99 -15.97 35.19
CA LEU E 187 -1.92 -14.58 34.76
C LEU E 187 -2.56 -14.33 33.38
N ARG E 188 -3.52 -13.40 33.35
CA ARG E 188 -4.28 -12.98 32.17
C ARG E 188 -4.02 -11.48 31.92
N GLY E 189 -4.04 -11.00 30.68
CA GLY E 189 -4.34 -11.74 29.48
C GLY E 189 -3.75 -11.20 28.20
N HIS E 190 -3.05 -12.10 27.51
CA HIS E 190 -2.51 -11.95 26.18
C HIS E 190 -3.56 -12.72 25.39
N GLN E 191 -3.60 -12.57 24.06
CA GLN E 191 -4.53 -13.33 23.23
C GLN E 191 -3.80 -14.50 22.55
N LYS E 192 -2.46 -14.52 22.64
CA LYS E 192 -1.61 -15.53 22.03
C LYS E 192 -0.35 -15.79 22.86
N GLU E 193 0.42 -16.84 22.48
CA GLU E 193 1.67 -17.23 23.16
C GLU E 193 2.82 -16.22 22.93
N GLY E 194 3.89 -16.39 23.69
CA GLY E 194 5.09 -15.57 23.64
C GLY E 194 6.27 -16.28 24.27
N TYR E 195 7.42 -15.57 24.34
CA TYR E 195 8.66 -16.10 24.89
C TYR E 195 9.22 -15.15 25.95
N GLY E 196 9.21 -13.84 25.67
CA GLY E 196 9.68 -12.80 26.58
C GLY E 196 9.00 -12.87 27.94
N LEU E 197 9.82 -12.88 29.02
CA LEU E 197 9.39 -13.02 30.43
C LEU E 197 10.48 -12.43 31.34
N SER E 198 10.12 -11.51 32.25
CA SER E 198 11.07 -10.83 33.14
C SER E 198 10.48 -10.37 34.49
N TRP E 199 11.14 -10.75 35.60
CA TRP E 199 10.79 -10.38 36.99
C TRP E 199 11.58 -9.11 37.38
N ASN E 200 10.94 -8.11 38.01
CA ASN E 200 11.60 -6.88 38.44
C ASN E 200 12.50 -7.20 39.59
N PRO E 201 13.84 -7.05 39.38
CA PRO E 201 14.79 -7.37 40.46
C PRO E 201 14.81 -6.35 41.61
N ASN E 202 13.95 -5.28 41.55
CA ASN E 202 13.83 -4.19 42.54
C ASN E 202 12.42 -3.94 43.07
N LEU E 203 11.40 -4.65 42.55
CA LEU E 203 9.99 -4.60 43.01
C LEU E 203 9.44 -6.01 43.01
N SER E 204 9.42 -6.64 44.18
CA SER E 204 8.96 -8.02 44.34
C SER E 204 7.53 -8.25 43.82
N GLY E 205 7.42 -9.20 42.90
CA GLY E 205 6.14 -9.60 42.31
C GLY E 205 5.78 -8.96 40.99
N HIS E 206 6.60 -8.01 40.53
CA HIS E 206 6.37 -7.34 39.25
C HIS E 206 6.92 -8.18 38.13
N LEU E 207 6.02 -8.71 37.28
CA LEU E 207 6.35 -9.57 36.15
C LEU E 207 5.92 -8.98 34.82
N LEU E 208 6.83 -9.03 33.82
CA LEU E 208 6.61 -8.57 32.44
C LEU E 208 6.56 -9.74 31.48
N SER E 209 5.66 -9.65 30.50
CA SER E 209 5.53 -10.72 29.52
C SER E 209 5.25 -10.19 28.14
N ALA E 210 6.05 -10.64 27.16
CA ALA E 210 5.99 -10.28 25.75
C ALA E 210 5.28 -11.42 24.97
N SER E 211 4.36 -11.07 24.05
CA SER E 211 3.63 -12.07 23.28
C SER E 211 3.45 -11.72 21.79
N ASP E 212 3.14 -12.77 20.99
CA ASP E 212 2.86 -12.75 19.56
C ASP E 212 1.70 -11.82 19.19
N ASP E 213 0.89 -11.43 20.20
CA ASP E 213 -0.25 -10.55 20.04
C ASP E 213 0.11 -9.04 20.00
N HIS E 214 1.42 -8.72 19.86
CA HIS E 214 2.01 -7.38 19.75
C HIS E 214 2.02 -6.56 21.07
N THR E 215 1.70 -7.20 22.20
CA THR E 215 1.66 -6.52 23.50
C THR E 215 2.58 -7.08 24.60
N ILE E 216 2.76 -6.27 25.65
CA ILE E 216 3.56 -6.55 26.83
C ILE E 216 2.62 -6.35 27.98
N CYS E 217 2.46 -7.38 28.81
CA CYS E 217 1.62 -7.30 30.02
C CYS E 217 2.53 -7.14 31.26
N LEU E 218 2.05 -6.36 32.24
CA LEU E 218 2.71 -6.13 33.52
C LEU E 218 1.75 -6.59 34.57
N TRP E 219 2.27 -7.42 35.49
CA TRP E 219 1.49 -7.97 36.60
C TRP E 219 2.15 -7.71 37.94
N ASP E 220 1.34 -7.47 38.96
CA ASP E 220 1.85 -7.33 40.32
C ASP E 220 1.25 -8.48 41.12
N ILE E 221 1.97 -9.62 41.14
CA ILE E 221 1.58 -10.85 41.83
C ILE E 221 1.69 -10.71 43.35
N SER E 222 2.40 -9.67 43.83
CA SER E 222 2.55 -9.38 45.27
C SER E 222 1.21 -8.88 45.85
N ALA E 223 0.49 -8.04 45.10
CA ALA E 223 -0.82 -7.52 45.46
C ALA E 223 -1.94 -8.50 45.01
N VAL E 224 -1.92 -9.74 45.58
CA VAL E 224 -2.88 -10.82 45.31
C VAL E 224 -3.37 -11.44 46.63
N LYS E 229 -6.56 -16.53 42.46
CA LYS E 229 -5.84 -17.59 41.78
C LYS E 229 -5.81 -17.37 40.28
N VAL E 230 -6.19 -16.17 39.88
CA VAL E 230 -6.23 -15.74 38.51
C VAL E 230 -6.02 -14.26 38.65
N VAL E 231 -4.99 -13.72 38.01
CA VAL E 231 -4.62 -12.30 38.13
C VAL E 231 -4.70 -11.63 36.76
N ASP E 232 -5.46 -10.53 36.68
CA ASP E 232 -5.56 -9.74 35.46
C ASP E 232 -4.40 -8.75 35.42
N ALA E 233 -4.00 -8.29 34.21
CA ALA E 233 -2.85 -7.39 34.05
C ALA E 233 -3.07 -5.98 34.58
N LYS E 234 -2.05 -5.47 35.32
CA LYS E 234 -2.00 -4.13 35.90
C LYS E 234 -1.88 -3.12 34.74
N THR E 235 -1.11 -3.47 33.69
CA THR E 235 -0.87 -2.60 32.56
C THR E 235 -0.60 -3.44 31.31
N ILE E 236 -1.02 -2.94 30.14
CA ILE E 236 -0.76 -3.54 28.84
C ILE E 236 -0.13 -2.46 27.96
N PHE E 237 1.12 -2.69 27.52
CA PHE E 237 1.89 -1.78 26.66
C PHE E 237 1.68 -2.20 25.20
N THR E 238 1.34 -1.25 24.33
CA THR E 238 0.93 -1.52 22.95
C THR E 238 1.80 -0.93 21.81
N GLY E 239 2.96 -0.37 22.18
CA GLY E 239 3.91 0.27 21.27
C GLY E 239 4.29 -0.48 20.02
N HIS E 240 4.64 -1.77 20.15
CA HIS E 240 5.07 -2.59 19.02
C HIS E 240 3.97 -2.84 17.97
N THR E 241 4.36 -2.91 16.68
CA THR E 241 3.44 -3.13 15.56
C THR E 241 3.61 -4.50 14.92
N ALA E 242 4.22 -5.45 15.68
CA ALA E 242 4.48 -6.85 15.33
C ALA E 242 4.74 -7.67 16.59
N VAL E 243 4.94 -8.99 16.43
CA VAL E 243 5.19 -9.98 17.48
C VAL E 243 6.27 -9.48 18.45
N VAL E 244 6.00 -9.49 19.78
CA VAL E 244 7.00 -9.03 20.75
C VAL E 244 7.85 -10.22 21.21
N GLU E 245 9.08 -10.20 20.74
CA GLU E 245 10.04 -11.26 20.93
C GLU E 245 10.60 -11.37 22.32
N ASP E 246 10.96 -10.25 22.97
CA ASP E 246 11.56 -10.29 24.32
C ASP E 246 11.34 -8.99 25.08
N VAL E 247 11.30 -9.10 26.41
CA VAL E 247 11.11 -8.02 27.36
C VAL E 247 12.10 -8.22 28.52
N SER E 248 12.69 -7.12 29.03
CA SER E 248 13.61 -7.18 30.17
C SER E 248 13.59 -5.90 30.99
N TRP E 249 13.48 -6.03 32.31
CA TRP E 249 13.53 -4.89 33.21
C TRP E 249 14.99 -4.39 33.31
N HIS E 250 15.15 -3.09 33.58
CA HIS E 250 16.44 -2.49 33.84
C HIS E 250 16.85 -3.02 35.23
N LEU E 251 18.11 -3.40 35.39
CA LEU E 251 18.60 -4.02 36.62
C LEU E 251 18.79 -3.05 37.81
N LEU E 252 18.85 -1.74 37.51
CA LEU E 252 19.02 -0.69 38.51
C LEU E 252 17.74 0.17 38.70
N HIS E 253 17.21 0.76 37.62
CA HIS E 253 16.03 1.60 37.68
C HIS E 253 14.76 0.77 37.64
N GLU E 254 14.06 0.70 38.78
CA GLU E 254 12.85 -0.10 38.99
C GLU E 254 11.63 0.31 38.15
N SER E 255 11.72 1.42 37.41
CA SER E 255 10.58 1.87 36.58
C SER E 255 10.79 1.64 35.09
N LEU E 256 12.06 1.37 34.68
CA LEU E 256 12.43 1.15 33.28
C LEU E 256 12.47 -0.29 32.84
N PHE E 257 12.08 -0.51 31.59
CA PHE E 257 12.16 -1.81 30.94
C PHE E 257 12.37 -1.66 29.45
N GLY E 258 12.96 -2.68 28.85
CA GLY E 258 13.25 -2.74 27.42
C GLY E 258 12.45 -3.83 26.74
N SER E 259 12.18 -3.64 25.45
CA SER E 259 11.43 -4.59 24.64
C SER E 259 11.92 -4.60 23.23
N VAL E 260 11.96 -5.80 22.62
CA VAL E 260 12.41 -6.04 21.25
C VAL E 260 11.35 -6.81 20.46
N ALA E 261 11.10 -6.43 19.21
CA ALA E 261 10.05 -7.07 18.40
C ALA E 261 10.36 -7.25 16.91
N ASP E 262 9.52 -8.02 16.18
CA ASP E 262 9.61 -8.27 14.73
C ASP E 262 9.41 -6.97 13.90
N ASP E 263 9.36 -5.83 14.61
CA ASP E 263 9.24 -4.43 14.21
C ASP E 263 10.57 -3.90 13.68
N GLN E 264 11.68 -4.58 14.05
CA GLN E 264 13.07 -4.15 13.84
C GLN E 264 13.37 -3.06 14.93
N LYS E 265 12.46 -2.92 15.94
CA LYS E 265 12.53 -1.91 17.01
C LYS E 265 12.88 -2.40 18.43
N LEU E 266 13.67 -1.57 19.11
CA LEU E 266 14.05 -1.69 20.50
C LEU E 266 13.37 -0.51 21.20
N MET E 267 12.63 -0.79 22.28
CA MET E 267 11.95 0.28 22.99
C MET E 267 12.30 0.33 24.45
N ILE E 268 12.31 1.55 25.01
CA ILE E 268 12.58 1.77 26.42
C ILE E 268 11.30 2.37 26.98
N TRP E 269 10.72 1.69 27.97
CA TRP E 269 9.45 2.04 28.59
C TRP E 269 9.62 2.51 30.02
N ASP E 270 8.70 3.38 30.46
CA ASP E 270 8.67 3.92 31.81
C ASP E 270 7.29 3.70 32.39
N THR E 271 7.23 2.84 33.41
CA THR E 271 6.00 2.51 34.14
C THR E 271 5.35 3.76 34.73
N ARG E 272 6.18 4.75 35.12
CA ARG E 272 5.79 6.03 35.69
C ARG E 272 5.01 6.92 34.70
N SER E 273 5.24 6.74 33.38
CA SER E 273 4.58 7.53 32.33
C SER E 273 3.21 6.93 31.96
N ASN E 274 2.16 7.76 32.01
CA ASN E 274 0.77 7.41 31.72
C ASN E 274 0.48 6.80 30.33
N ASN E 275 1.28 7.13 29.30
CA ASN E 275 1.07 6.61 27.94
C ASN E 275 1.58 5.17 27.74
N THR E 276 0.66 4.23 27.41
CA THR E 276 0.97 2.81 27.18
C THR E 276 1.20 2.52 25.71
N SER E 277 0.89 3.46 24.82
CA SER E 277 1.10 3.27 23.39
C SER E 277 2.44 3.87 22.92
N LYS E 278 2.96 4.90 23.62
CA LYS E 278 4.23 5.56 23.29
C LYS E 278 5.31 5.34 24.37
N PRO E 279 6.47 4.74 23.99
CA PRO E 279 7.55 4.54 24.97
C PRO E 279 8.51 5.73 25.07
N SER E 280 9.40 5.74 26.08
CA SER E 280 10.38 6.81 26.31
C SER E 280 11.36 6.96 25.17
N HIS E 281 11.83 5.83 24.60
CA HIS E 281 12.78 5.80 23.51
C HIS E 281 12.46 4.64 22.58
N SER E 282 12.52 4.91 21.26
CA SER E 282 12.28 3.96 20.19
C SER E 282 13.47 4.01 19.23
N VAL E 283 14.07 2.84 18.99
CA VAL E 283 15.29 2.70 18.19
C VAL E 283 15.04 1.74 17.03
N ASP E 284 15.57 2.06 15.82
CA ASP E 284 15.56 1.13 14.69
C ASP E 284 16.88 0.35 14.84
N ALA E 285 16.83 -0.64 15.73
CA ALA E 285 17.95 -1.45 16.19
C ALA E 285 18.62 -2.34 15.16
N HIS E 286 17.81 -2.97 14.28
CA HIS E 286 18.35 -3.94 13.33
C HIS E 286 17.65 -3.88 11.98
N THR E 287 18.21 -4.60 10.98
CA THR E 287 17.65 -4.69 9.62
C THR E 287 16.63 -5.81 9.49
N ALA E 288 16.35 -6.53 10.58
CA ALA E 288 15.36 -7.61 10.61
C ALA E 288 14.77 -7.70 12.05
N GLU E 289 13.99 -8.76 12.32
CA GLU E 289 13.34 -9.03 13.61
C GLU E 289 14.35 -8.97 14.74
N VAL E 290 13.94 -8.46 15.90
CA VAL E 290 14.87 -8.42 17.02
C VAL E 290 14.36 -9.46 18.00
N ASN E 291 15.17 -10.49 18.30
CA ASN E 291 14.76 -11.61 19.10
C ASN E 291 15.04 -11.53 20.59
N CYS E 292 16.13 -10.86 20.99
CA CYS E 292 16.51 -10.80 22.41
C CYS E 292 17.18 -9.52 22.78
N LEU E 293 17.23 -9.25 24.09
CA LEU E 293 17.87 -8.11 24.72
C LEU E 293 18.37 -8.48 26.12
N SER E 294 19.49 -7.89 26.53
CA SER E 294 20.11 -8.17 27.81
C SER E 294 20.85 -6.93 28.33
N PHE E 295 20.59 -6.56 29.59
CA PHE E 295 21.22 -5.43 30.27
C PHE E 295 22.55 -5.81 30.91
N ASN E 296 23.59 -5.00 30.72
CA ASN E 296 24.90 -5.30 31.31
C ASN E 296 24.81 -4.99 32.83
N PRO E 297 25.02 -6.01 33.70
CA PRO E 297 24.87 -5.79 35.15
C PRO E 297 25.90 -4.86 35.76
N TYR E 298 27.03 -4.66 35.10
CA TYR E 298 28.13 -3.82 35.59
C TYR E 298 28.06 -2.38 35.13
N SER E 299 27.01 -2.04 34.38
CA SER E 299 26.74 -0.69 33.88
C SER E 299 25.28 -0.35 34.13
N GLU E 300 24.93 0.96 34.05
CA GLU E 300 23.54 1.39 34.16
C GLU E 300 23.03 1.95 32.82
N PHE E 301 23.83 1.81 31.75
CA PHE E 301 23.50 2.32 30.41
C PHE E 301 23.67 1.29 29.28
N ILE E 302 24.63 0.34 29.43
CA ILE E 302 24.97 -0.66 28.42
C ILE E 302 23.95 -1.83 28.36
N LEU E 303 23.49 -2.13 27.15
CA LEU E 303 22.62 -3.26 26.85
C LEU E 303 22.95 -3.84 25.44
N ALA E 304 22.53 -5.10 25.18
CA ALA E 304 22.77 -5.73 23.88
C ALA E 304 21.50 -6.32 23.28
N THR E 305 21.41 -6.32 21.95
CA THR E 305 20.26 -6.89 21.21
C THR E 305 20.75 -7.96 20.20
N GLY E 306 19.94 -9.00 20.03
CA GLY E 306 20.20 -10.08 19.10
C GLY E 306 19.13 -10.09 18.03
N SER E 307 19.51 -10.34 16.79
CA SER E 307 18.57 -10.26 15.67
C SER E 307 18.64 -11.37 14.63
N ALA E 308 17.56 -11.45 13.82
CA ALA E 308 17.38 -12.31 12.66
C ALA E 308 18.31 -11.84 11.51
N ASP E 309 18.90 -10.62 11.64
CA ASP E 309 19.86 -10.02 10.70
C ASP E 309 21.28 -10.56 10.91
N LYS E 310 21.42 -11.64 11.72
CA LYS E 310 22.66 -12.34 12.07
C LYS E 310 23.64 -11.56 13.00
N THR E 311 23.25 -10.35 13.52
CA THR E 311 24.16 -9.53 14.36
C THR E 311 23.74 -9.30 15.82
N VAL E 312 24.72 -8.88 16.67
CA VAL E 312 24.50 -8.50 18.06
C VAL E 312 24.83 -7.01 18.16
N ALA E 313 23.85 -6.17 18.55
CA ALA E 313 24.08 -4.74 18.62
C ALA E 313 24.33 -4.28 20.03
N LEU E 314 25.29 -3.37 20.20
CA LEU E 314 25.60 -2.84 21.51
C LEU E 314 25.07 -1.40 21.64
N TRP E 315 24.34 -1.11 22.74
CA TRP E 315 23.70 0.19 22.97
C TRP E 315 24.09 0.86 24.26
N ASP E 316 23.96 2.19 24.31
CA ASP E 316 24.19 3.04 25.48
C ASP E 316 22.94 3.89 25.67
N LEU E 317 22.21 3.66 26.78
CA LEU E 317 20.96 4.35 27.07
C LEU E 317 21.07 5.88 27.03
N ARG E 318 22.28 6.44 27.20
CA ARG E 318 22.49 7.88 27.12
C ARG E 318 22.17 8.39 25.70
N ASN E 319 22.78 7.75 24.68
CA ASN E 319 22.57 8.11 23.27
C ASN E 319 22.11 6.91 22.44
N LEU E 320 20.79 6.70 22.35
CA LEU E 320 20.27 5.58 21.56
C LEU E 320 20.22 5.91 20.07
N LYS E 321 20.71 7.09 19.67
CA LYS E 321 20.73 7.48 18.27
C LYS E 321 21.99 6.88 17.58
N LEU E 322 22.86 6.24 18.39
CA LEU E 322 24.11 5.63 17.97
C LEU E 322 24.25 4.19 18.45
N LYS E 323 24.69 3.31 17.56
CA LYS E 323 24.94 1.91 17.86
C LYS E 323 26.42 1.80 18.12
N LEU E 324 26.80 1.49 19.37
CA LEU E 324 28.22 1.40 19.77
C LEU E 324 29.03 0.39 18.94
N HIS E 325 28.47 -0.79 18.66
CA HIS E 325 29.17 -1.82 17.91
C HIS E 325 28.18 -2.80 17.29
N SER E 326 28.64 -3.58 16.31
CA SER E 326 27.91 -4.65 15.65
C SER E 326 28.77 -5.93 15.69
N PHE E 327 28.27 -7.00 16.35
CA PHE E 327 28.97 -8.27 16.44
C PHE E 327 28.50 -9.22 15.33
N GLU E 328 29.40 -9.41 14.35
CA GLU E 328 29.16 -10.23 13.16
C GLU E 328 30.09 -11.41 13.15
N SER E 329 29.50 -12.60 13.12
CA SER E 329 30.12 -13.93 13.05
C SER E 329 29.08 -15.01 12.95
N HIS E 330 27.86 -14.79 13.49
CA HIS E 330 26.81 -15.79 13.41
C HIS E 330 26.37 -15.92 11.98
N LYS E 331 26.15 -17.16 11.55
CA LYS E 331 25.77 -17.47 10.16
C LYS E 331 24.25 -17.48 9.95
N ASP E 332 23.47 -17.24 11.03
CA ASP E 332 22.00 -17.29 11.00
C ASP E 332 21.43 -16.49 12.20
N GLU E 333 20.07 -16.52 12.41
CA GLU E 333 19.32 -15.84 13.49
C GLU E 333 19.98 -15.95 14.88
N ILE E 334 19.90 -14.88 15.71
CA ILE E 334 20.35 -14.88 17.09
C ILE E 334 19.11 -14.82 18.00
N PHE E 335 18.84 -15.91 18.70
CA PHE E 335 17.70 -16.00 19.58
C PHE E 335 18.01 -15.67 21.03
N GLN E 336 19.26 -15.88 21.48
CA GLN E 336 19.62 -15.58 22.85
C GLN E 336 20.91 -14.78 22.95
N VAL E 337 20.94 -13.84 23.92
CA VAL E 337 22.04 -12.94 24.27
C VAL E 337 22.04 -12.80 25.83
N GLN E 338 23.20 -12.97 26.46
CA GLN E 338 23.38 -12.89 27.91
C GLN E 338 24.76 -12.35 28.26
N TRP E 339 24.85 -11.35 29.15
CA TRP E 339 26.11 -10.80 29.64
C TRP E 339 26.69 -11.77 30.67
N SER E 340 28.00 -11.75 30.91
CA SER E 340 28.60 -12.59 31.94
C SER E 340 28.34 -11.99 33.35
N PRO E 341 27.90 -12.83 34.30
CA PRO E 341 27.66 -12.38 35.69
C PRO E 341 28.91 -11.87 36.38
N HIS E 342 30.09 -12.30 35.89
CA HIS E 342 31.42 -12.09 36.44
C HIS E 342 32.30 -11.08 35.68
N ASN E 343 31.97 -10.74 34.41
CA ASN E 343 32.83 -9.80 33.67
C ASN E 343 32.02 -8.82 32.84
N GLU E 344 32.24 -7.52 33.07
CA GLU E 344 31.49 -6.44 32.38
C GLU E 344 31.72 -6.41 30.87
N THR E 345 32.84 -6.94 30.39
CA THR E 345 33.15 -6.92 28.95
C THR E 345 32.81 -8.21 28.24
N ILE E 346 32.34 -9.27 28.96
CA ILE E 346 32.03 -10.56 28.34
C ILE E 346 30.56 -10.73 28.13
N LEU E 347 30.18 -11.05 26.89
CA LEU E 347 28.81 -11.25 26.40
C LEU E 347 28.79 -12.56 25.59
N ALA E 348 27.67 -13.27 25.58
CA ALA E 348 27.57 -14.50 24.80
C ALA E 348 26.31 -14.47 23.98
N SER E 349 26.32 -15.05 22.76
CA SER E 349 25.15 -15.10 21.86
C SER E 349 24.94 -16.48 21.23
N SER E 350 23.72 -16.80 20.83
CA SER E 350 23.46 -18.12 20.24
C SER E 350 22.30 -18.10 19.28
N GLY E 351 22.11 -19.19 18.54
CA GLY E 351 21.00 -19.27 17.61
C GLY E 351 20.88 -20.51 16.75
N THR E 352 20.30 -20.29 15.58
CA THR E 352 19.96 -21.31 14.60
C THR E 352 21.17 -21.78 13.83
N ASP E 353 22.32 -21.09 13.99
CA ASP E 353 23.56 -21.49 13.30
C ASP E 353 24.32 -22.61 14.04
N ARG E 354 23.72 -23.13 15.15
CA ARG E 354 24.21 -24.20 16.01
C ARG E 354 25.51 -23.81 16.77
N ARG E 355 25.75 -22.48 16.95
CA ARG E 355 26.95 -21.99 17.66
C ARG E 355 26.64 -21.01 18.77
N LEU E 356 27.54 -20.94 19.77
CA LEU E 356 27.44 -20.04 20.91
C LEU E 356 28.77 -19.28 20.92
N ASN E 357 28.69 -17.98 20.64
CA ASN E 357 29.86 -17.14 20.52
C ASN E 357 30.06 -16.36 21.78
N VAL E 358 31.30 -16.31 22.27
CA VAL E 358 31.62 -15.52 23.45
C VAL E 358 32.45 -14.32 22.97
N TRP E 359 31.99 -13.08 23.25
CA TRP E 359 32.64 -11.86 22.80
C TRP E 359 33.21 -11.09 23.98
N ASP E 360 34.36 -10.45 23.79
CA ASP E 360 35.02 -9.62 24.78
C ASP E 360 35.10 -8.20 24.22
N LEU E 361 34.33 -7.22 24.79
CA LEU E 361 34.36 -5.85 24.27
C LEU E 361 35.73 -5.17 24.41
N SER E 362 36.56 -5.61 25.38
CA SER E 362 37.87 -5.02 25.60
C SER E 362 38.80 -5.13 24.38
N LYS E 363 38.56 -6.14 23.54
CA LYS E 363 39.30 -6.52 22.35
C LYS E 363 38.84 -5.84 21.04
N ILE E 364 37.73 -5.08 21.02
CA ILE E 364 37.26 -4.41 19.79
C ILE E 364 38.38 -3.50 19.25
N GLY E 365 38.68 -3.64 17.97
CA GLY E 365 39.68 -2.81 17.31
C GLY E 365 41.13 -3.20 17.47
N GLU E 366 41.47 -4.29 18.21
CA GLU E 366 42.87 -4.72 18.38
C GLU E 366 43.47 -5.12 17.03
N GLU E 367 44.76 -4.77 16.78
CA GLU E 367 45.48 -5.17 15.55
C GLU E 367 45.74 -6.69 15.59
N GLN E 368 45.67 -7.38 14.44
CA GLN E 368 45.88 -8.82 14.46
C GLN E 368 46.87 -9.26 13.42
N SER E 369 47.57 -10.39 13.70
CA SER E 369 48.46 -11.02 12.73
C SER E 369 47.56 -11.62 11.60
N PRO E 370 48.05 -11.74 10.34
CA PRO E 370 47.20 -12.33 9.29
C PRO E 370 46.47 -13.64 9.65
N GLU E 371 47.13 -14.55 10.42
CA GLU E 371 46.55 -15.83 10.86
C GLU E 371 45.50 -15.61 11.93
N ASP E 372 45.72 -14.60 12.81
CA ASP E 372 44.79 -14.26 13.87
C ASP E 372 43.54 -13.71 13.20
N ALA E 373 43.71 -12.78 12.24
CA ALA E 373 42.65 -12.15 11.47
C ALA E 373 41.81 -13.18 10.73
N GLU E 374 42.45 -14.30 10.32
CA GLU E 374 41.86 -15.43 9.62
C GLU E 374 40.79 -16.12 10.49
N ASP E 375 41.01 -16.25 11.80
CA ASP E 375 40.03 -16.95 12.65
C ASP E 375 38.77 -16.09 13.01
N GLY E 376 38.87 -14.79 12.90
CA GLY E 376 37.70 -13.95 13.19
C GLY E 376 38.06 -12.64 13.84
N PRO E 377 37.06 -11.76 14.01
CA PRO E 377 37.34 -10.44 14.62
C PRO E 377 37.95 -10.56 16.01
N PRO E 378 38.78 -9.55 16.48
CA PRO E 378 39.37 -9.66 17.83
C PRO E 378 38.37 -9.76 18.96
N GLU E 379 37.13 -9.19 18.81
CA GLU E 379 36.04 -9.25 19.81
C GLU E 379 35.61 -10.72 20.08
N LEU E 380 35.76 -11.59 19.06
CA LEU E 380 35.34 -12.99 19.14
C LEU E 380 36.33 -13.78 19.91
N LEU E 381 36.06 -13.99 21.22
CA LEU E 381 36.88 -14.71 22.16
C LEU E 381 36.83 -16.23 21.94
N PHE E 382 35.63 -16.81 21.70
CA PHE E 382 35.42 -18.26 21.60
C PHE E 382 34.15 -18.60 20.84
N ILE E 383 34.18 -19.69 20.06
CA ILE E 383 33.07 -20.31 19.35
C ILE E 383 32.86 -21.67 19.99
N HIS E 384 31.67 -21.89 20.57
CA HIS E 384 31.32 -23.20 21.11
C HIS E 384 30.56 -23.98 20.00
N GLY E 385 31.17 -25.01 19.47
CA GLY E 385 30.55 -25.75 18.37
C GLY E 385 30.21 -27.21 18.64
N GLY E 386 29.73 -27.49 19.85
CA GLY E 386 29.37 -28.83 20.29
C GLY E 386 27.92 -29.23 20.13
N HIS E 387 27.06 -28.29 19.68
CA HIS E 387 25.63 -28.53 19.45
C HIS E 387 25.37 -28.88 17.98
N THR E 388 24.45 -29.80 17.70
CA THR E 388 24.20 -30.21 16.30
C THR E 388 22.79 -29.86 15.88
N ALA E 389 22.19 -28.89 16.60
CA ALA E 389 20.83 -28.40 16.40
C ALA E 389 20.81 -26.95 16.88
N LYS E 390 19.68 -26.26 16.63
CA LYS E 390 19.47 -24.88 17.05
C LYS E 390 19.64 -24.80 18.58
N ILE E 391 20.21 -23.71 19.08
CA ILE E 391 20.32 -23.54 20.53
C ILE E 391 19.03 -22.80 20.98
N SER E 392 18.24 -23.47 21.84
CA SER E 392 17.00 -22.91 22.35
C SER E 392 17.24 -21.85 23.44
N ASP E 393 18.20 -22.08 24.36
CA ASP E 393 18.55 -21.17 25.45
C ASP E 393 19.90 -21.55 26.06
N PHE E 394 20.46 -20.67 26.90
CA PHE E 394 21.71 -20.90 27.64
C PHE E 394 21.71 -20.03 28.86
N SER E 395 22.52 -20.39 29.85
CA SER E 395 22.60 -19.65 31.09
C SER E 395 24.01 -19.68 31.64
N TRP E 396 24.52 -18.52 32.04
CA TRP E 396 25.83 -18.45 32.64
C TRP E 396 25.64 -18.82 34.11
N ASN E 397 26.47 -19.75 34.62
CA ASN E 397 26.41 -20.17 36.02
C ASN E 397 26.84 -19.03 36.95
N PRO E 398 25.95 -18.55 37.86
CA PRO E 398 26.32 -17.43 38.76
C PRO E 398 27.35 -17.74 39.85
N ASN E 399 27.59 -19.03 40.13
CA ASN E 399 28.53 -19.46 41.19
C ASN E 399 29.87 -19.97 40.66
N GLU E 400 29.96 -20.34 39.40
CA GLU E 400 31.22 -20.86 38.89
C GLU E 400 31.58 -20.06 37.67
N PRO E 401 32.50 -19.06 37.76
CA PRO E 401 32.80 -18.26 36.55
C PRO E 401 33.31 -19.08 35.35
N TRP E 402 32.78 -18.74 34.16
CA TRP E 402 32.97 -19.23 32.79
C TRP E 402 32.24 -20.53 32.49
N VAL E 403 31.45 -21.05 33.46
CA VAL E 403 30.59 -22.23 33.29
C VAL E 403 29.26 -21.76 32.69
N ILE E 404 28.88 -22.36 31.55
CA ILE E 404 27.65 -22.10 30.79
C ILE E 404 26.89 -23.42 30.58
N CYS E 405 25.56 -23.36 30.64
CA CYS E 405 24.68 -24.46 30.32
C CYS E 405 23.96 -24.00 29.12
N SER E 406 24.02 -24.77 28.02
CA SER E 406 23.32 -24.46 26.77
C SER E 406 22.47 -25.66 26.41
N VAL E 407 21.26 -25.42 25.94
CA VAL E 407 20.35 -26.51 25.54
C VAL E 407 19.97 -26.42 24.05
N SER E 408 19.92 -27.55 23.36
CA SER E 408 19.55 -27.60 21.95
C SER E 408 18.35 -28.47 21.71
N GLU E 409 17.61 -28.15 20.65
CA GLU E 409 16.36 -28.81 20.32
C GLU E 409 16.48 -30.29 19.90
N ASP E 410 17.67 -30.89 19.98
CA ASP E 410 17.87 -32.33 19.71
C ASP E 410 17.98 -33.12 21.05
N ASN E 411 17.49 -32.48 22.16
CA ASN E 411 17.43 -32.99 23.54
C ASN E 411 18.74 -32.83 24.30
N ILE E 412 19.80 -32.38 23.65
CA ILE E 412 21.11 -32.26 24.26
C ILE E 412 21.24 -31.00 25.11
N MET E 413 21.80 -31.19 26.30
CA MET E 413 22.10 -30.16 27.29
C MET E 413 23.60 -30.27 27.53
N GLN E 414 24.34 -29.14 27.50
CA GLN E 414 25.79 -29.12 27.74
C GLN E 414 26.15 -28.17 28.84
N VAL E 415 27.03 -28.61 29.74
CA VAL E 415 27.50 -27.83 30.88
C VAL E 415 28.99 -27.74 30.62
N TRP E 416 29.41 -26.59 30.14
CA TRP E 416 30.77 -26.45 29.67
C TRP E 416 31.45 -25.17 30.16
N GLN E 417 32.77 -25.17 30.04
CA GLN E 417 33.64 -24.08 30.46
C GLN E 417 34.94 -24.15 29.59
N MET E 418 35.22 -23.06 28.84
CA MET E 418 36.41 -22.99 28.01
C MET E 418 37.68 -23.06 28.85
N ALA E 419 38.80 -23.38 28.20
CA ALA E 419 40.09 -23.51 28.85
C ALA E 419 40.57 -22.14 29.35
N GLU E 420 41.02 -22.10 30.62
CA GLU E 420 41.48 -20.90 31.34
C GLU E 420 42.42 -20.01 30.52
N ASN E 421 43.38 -20.61 29.79
CA ASN E 421 44.37 -19.87 28.99
C ASN E 421 43.75 -18.99 27.94
N ILE E 422 42.49 -19.28 27.51
CA ILE E 422 41.80 -18.45 26.51
C ILE E 422 41.58 -17.05 27.07
N TYR E 423 40.99 -16.96 28.27
CA TYR E 423 40.65 -15.70 28.94
C TYR E 423 41.72 -15.19 29.94
N ASN E 424 42.68 -16.03 30.38
CA ASN E 424 43.72 -15.61 31.32
C ASN E 424 45.14 -15.67 30.77
N ASP E 425 46.00 -14.75 31.25
CA ASP E 425 47.43 -14.66 30.87
C ASP E 425 48.36 -15.17 32.00
N GLU E 426 49.38 -15.98 31.62
CA GLU E 426 50.43 -16.61 32.44
C GLU E 426 50.64 -15.99 33.86
N HIS F 3 51.23 -55.27 -8.84
CA HIS F 3 49.88 -54.95 -8.40
C HIS F 3 48.85 -54.89 -9.55
N VAL F 4 47.58 -55.24 -9.23
CA VAL F 4 46.48 -55.21 -10.18
C VAL F 4 45.88 -53.79 -10.19
N GLN F 5 45.13 -53.41 -11.26
CA GLN F 5 44.51 -52.09 -11.35
C GLN F 5 43.54 -51.85 -10.22
N ALA F 6 42.64 -52.83 -9.95
CA ALA F 6 41.67 -52.73 -8.85
C ALA F 6 42.37 -52.59 -7.50
N ASP F 7 43.59 -53.18 -7.32
CA ASP F 7 44.36 -53.01 -6.08
C ASP F 7 44.78 -51.52 -5.94
N HIS F 8 45.39 -50.96 -6.99
CA HIS F 8 45.83 -49.57 -7.06
C HIS F 8 44.67 -48.62 -6.91
N GLU F 9 43.55 -48.93 -7.61
CA GLU F 9 42.32 -48.15 -7.58
C GLU F 9 41.71 -48.16 -6.20
N LEU F 10 41.75 -49.35 -5.54
CA LEU F 10 41.24 -49.50 -4.17
C LEU F 10 42.13 -48.75 -3.18
N PHE F 11 43.46 -48.67 -3.48
CA PHE F 11 44.41 -47.88 -2.68
C PHE F 11 44.10 -46.39 -2.84
N LEU F 12 44.13 -45.90 -4.10
CA LEU F 12 43.88 -44.49 -4.43
C LEU F 12 42.54 -44.02 -3.91
N GLN F 13 41.50 -44.88 -3.93
CA GLN F 13 40.19 -44.54 -3.38
C GLN F 13 40.19 -44.53 -1.88
N ALA F 14 40.98 -45.39 -1.21
CA ALA F 14 41.02 -45.47 0.26
C ALA F 14 41.32 -44.11 0.89
N PHE F 15 42.29 -43.38 0.30
CA PHE F 15 42.77 -42.08 0.71
C PHE F 15 41.95 -40.98 0.07
N GLU F 16 41.48 -41.17 -1.18
CA GLU F 16 40.68 -40.17 -1.86
C GLU F 16 39.43 -39.82 -1.08
N LYS F 17 38.68 -40.84 -0.60
CA LYS F 17 37.41 -40.62 0.09
C LYS F 17 37.58 -39.67 1.30
N PRO F 18 38.48 -39.96 2.29
CA PRO F 18 38.70 -38.98 3.37
C PRO F 18 39.33 -37.65 2.90
N THR F 19 40.25 -37.68 1.92
CA THR F 19 40.85 -36.46 1.38
C THR F 19 39.81 -35.51 0.76
N GLN F 20 38.80 -36.04 0.03
CA GLN F 20 37.75 -35.19 -0.53
C GLN F 20 37.02 -34.45 0.62
N ILE F 21 36.61 -35.19 1.67
CA ILE F 21 35.94 -34.67 2.87
C ILE F 21 36.73 -33.50 3.51
N TYR F 22 38.04 -33.72 3.73
CA TYR F 22 38.92 -32.76 4.38
C TYR F 22 39.20 -31.55 3.52
N ARG F 23 39.25 -31.71 2.17
CA ARG F 23 39.46 -30.59 1.26
C ARG F 23 38.16 -29.74 1.13
N PHE F 24 37.00 -30.38 1.37
CA PHE F 24 35.71 -29.69 1.33
C PHE F 24 35.54 -28.86 2.58
N LEU F 25 35.80 -29.48 3.75
CA LEU F 25 35.69 -28.81 5.04
C LEU F 25 36.69 -27.69 5.11
N ARG F 26 37.83 -27.77 4.36
CA ARG F 26 38.83 -26.69 4.32
C ARG F 26 38.12 -25.41 3.96
N THR F 27 37.31 -25.46 2.88
CA THR F 27 36.49 -24.36 2.35
C THR F 27 35.35 -24.01 3.31
N ARG F 28 34.52 -25.01 3.70
CA ARG F 28 33.38 -24.82 4.60
C ARG F 28 33.79 -24.16 5.91
N ASN F 29 34.75 -24.75 6.65
CA ASN F 29 35.24 -24.27 7.95
C ASN F 29 36.02 -22.97 7.87
N LEU F 30 36.54 -22.57 6.72
CA LEU F 30 37.19 -21.26 6.64
C LEU F 30 36.14 -20.14 6.62
N ILE F 31 34.87 -20.47 6.32
CA ILE F 31 33.75 -19.53 6.29
C ILE F 31 32.85 -19.74 7.55
N ALA F 32 32.50 -21.00 7.84
CA ALA F 32 31.66 -21.40 8.94
C ALA F 32 32.46 -22.36 9.86
N PRO F 33 33.16 -21.78 10.83
CA PRO F 33 33.96 -22.58 11.76
C PRO F 33 33.17 -23.44 12.76
N ILE F 34 33.82 -24.53 13.22
CA ILE F 34 33.35 -25.43 14.25
C ILE F 34 33.82 -24.76 15.57
N PHE F 35 35.10 -24.34 15.60
CA PHE F 35 35.80 -23.72 16.72
C PHE F 35 36.88 -22.74 16.19
N LEU F 36 37.53 -21.97 17.07
CA LEU F 36 38.61 -21.07 16.64
C LEU F 36 39.98 -21.78 16.85
N HIS F 37 40.83 -21.83 15.82
CA HIS F 37 42.13 -22.50 15.97
C HIS F 37 42.93 -21.79 16.98
N ARG F 38 42.82 -20.44 17.02
CA ARG F 38 43.52 -19.59 17.96
C ARG F 38 43.14 -19.86 19.39
N THR F 39 42.07 -20.66 19.63
CA THR F 39 41.63 -21.02 20.98
C THR F 39 42.05 -22.46 21.32
N LEU F 40 42.85 -23.14 20.46
CA LEU F 40 43.34 -24.49 20.78
C LEU F 40 44.62 -24.37 21.62
N THR F 41 44.76 -25.17 22.70
CA THR F 41 45.96 -25.10 23.55
C THR F 41 47.20 -25.39 22.71
N TYR F 42 47.10 -26.27 21.69
CA TYR F 42 48.21 -26.61 20.81
C TYR F 42 48.40 -25.61 19.67
N MET F 43 47.58 -24.56 19.58
CA MET F 43 47.74 -23.55 18.54
C MET F 43 47.75 -22.15 19.15
N SER F 44 47.96 -22.05 20.48
CA SER F 44 47.98 -20.79 21.24
C SER F 44 48.83 -19.70 20.55
N HIS F 45 49.95 -20.11 19.90
CA HIS F 45 50.85 -19.23 19.15
C HIS F 45 50.15 -18.44 18.04
N ARG F 46 48.98 -18.91 17.60
CA ARG F 46 48.18 -18.31 16.55
C ARG F 46 47.54 -16.97 16.97
N ASN F 47 47.38 -16.75 18.28
CA ASN F 47 46.81 -15.51 18.78
C ASN F 47 47.94 -14.51 18.98
N SER F 48 47.90 -13.41 18.21
CA SER F 48 48.91 -12.33 18.30
C SER F 48 48.78 -11.47 19.57
N ARG F 49 47.51 -11.19 19.99
CA ARG F 49 47.12 -10.35 21.11
C ARG F 49 47.19 -11.04 22.48
N THR F 50 47.04 -10.25 23.59
CA THR F 50 46.98 -10.72 25.00
C THR F 50 45.65 -10.28 25.68
N ASN F 51 45.45 -10.67 26.95
CA ASN F 51 44.26 -10.33 27.73
C ASN F 51 44.46 -9.08 28.63
N ILE F 52 45.56 -8.30 28.43
CA ILE F 52 45.92 -7.12 29.27
C ILE F 52 44.81 -6.09 29.40
N LYS F 53 44.33 -5.57 28.25
CA LYS F 53 43.30 -4.54 28.10
C LYS F 53 42.08 -4.67 29.04
N ARG F 54 41.62 -5.91 29.35
CA ARG F 54 40.43 -6.22 30.11
C ARG F 54 40.34 -5.64 31.52
N LYS F 55 41.39 -5.83 32.35
CA LYS F 55 41.44 -5.39 33.75
C LYS F 55 41.16 -3.88 33.92
N THR F 56 41.53 -3.08 32.89
CA THR F 56 41.37 -1.62 32.89
C THR F 56 40.24 -1.10 31.99
N PHE F 57 39.67 -1.94 31.12
CA PHE F 57 38.62 -1.50 30.20
C PHE F 57 37.31 -1.23 30.90
N LYS F 58 36.68 -0.08 30.57
CA LYS F 58 35.40 0.34 31.11
C LYS F 58 34.41 0.54 29.97
N VAL F 59 33.30 -0.22 30.01
CA VAL F 59 32.23 -0.17 29.00
C VAL F 59 31.54 1.23 28.86
N ASP F 60 31.41 1.99 29.96
CA ASP F 60 30.78 3.31 29.97
C ASP F 60 31.57 4.38 29.20
N ASP F 61 32.87 4.14 28.96
CA ASP F 61 33.76 5.02 28.19
C ASP F 61 33.59 4.89 26.66
N MET F 62 32.98 3.80 26.18
CA MET F 62 32.75 3.53 24.75
C MET F 62 31.94 4.63 24.02
N LEU F 63 30.77 5.09 24.58
CA LEU F 63 29.91 6.11 23.96
C LEU F 63 30.70 7.31 23.47
N SER F 64 31.46 7.98 24.38
CA SER F 64 32.27 9.16 24.04
C SER F 64 33.20 8.85 22.86
N LYS F 65 34.01 7.79 22.97
CA LYS F 65 34.91 7.35 21.91
C LYS F 65 34.15 7.20 20.57
N VAL F 66 32.96 6.57 20.61
CA VAL F 66 32.09 6.36 19.44
C VAL F 66 31.58 7.72 18.92
N GLU F 67 31.17 8.61 19.83
CA GLU F 67 30.68 9.96 19.51
C GLU F 67 31.75 10.80 18.83
N LYS F 68 33.02 10.68 19.28
CA LYS F 68 34.17 11.39 18.71
C LYS F 68 34.41 11.02 17.24
N MET F 69 34.37 9.70 16.93
CA MET F 69 34.53 9.15 15.58
C MET F 69 33.43 9.62 14.63
N LYS F 70 32.19 9.77 15.13
CA LYS F 70 31.05 10.23 14.34
C LYS F 70 31.06 11.74 14.10
N GLY F 71 31.74 12.47 14.98
CA GLY F 71 31.94 13.92 14.87
C GLY F 71 32.84 14.21 13.70
N GLU F 72 33.87 13.37 13.51
CA GLU F 72 34.85 13.44 12.42
C GLU F 72 34.42 12.52 11.24
N GLN F 73 33.19 12.73 10.74
CA GLN F 73 32.62 11.96 9.63
C GLN F 73 32.39 12.79 8.37
N GLU F 74 32.49 12.12 7.22
CA GLU F 74 32.30 12.73 5.90
C GLU F 74 30.79 12.92 5.71
N SER F 75 30.27 14.06 6.23
CA SER F 75 28.85 14.44 6.21
C SER F 75 28.32 14.64 4.78
N HIS F 76 27.75 13.56 4.19
CA HIS F 76 27.20 13.56 2.84
C HIS F 76 25.86 14.30 2.82
N SER F 77 25.79 15.41 2.04
CA SER F 77 24.62 16.30 1.88
C SER F 77 23.38 15.51 1.45
N LEU F 78 23.49 14.82 0.28
CA LEU F 78 22.55 13.93 -0.43
C LEU F 78 21.12 14.52 -0.69
N SER F 79 20.56 15.39 0.19
CA SER F 79 19.23 16.01 0.08
C SER F 79 19.16 17.03 -1.09
N ALA F 80 19.21 16.47 -2.31
CA ALA F 80 19.24 17.15 -3.59
C ALA F 80 18.67 16.24 -4.67
N HIS F 81 18.13 16.84 -5.74
CA HIS F 81 17.59 16.12 -6.90
C HIS F 81 18.74 15.47 -7.68
N LEU F 82 18.43 14.39 -8.39
CA LEU F 82 19.36 13.65 -9.25
C LEU F 82 18.79 13.68 -10.66
N GLN F 83 19.42 14.43 -11.56
CA GLN F 83 18.93 14.50 -12.93
C GLN F 83 19.89 13.90 -13.91
N LEU F 84 19.36 12.98 -14.73
CA LEU F 84 20.08 12.25 -15.77
C LEU F 84 19.60 12.77 -17.12
N THR F 85 20.54 13.33 -17.90
CA THR F 85 20.28 13.87 -19.23
C THR F 85 20.85 12.90 -20.26
N PHE F 86 19.97 12.24 -21.00
CA PHE F 86 20.28 11.23 -22.02
C PHE F 86 20.63 11.87 -23.35
N THR F 87 21.87 11.65 -23.81
CA THR F 87 22.43 12.22 -25.03
C THR F 87 22.19 11.33 -26.27
N GLY F 88 22.55 10.04 -26.18
CA GLY F 88 22.37 9.10 -27.27
C GLY F 88 22.59 7.63 -26.93
N PHE F 89 22.09 6.73 -27.80
CA PHE F 89 22.23 5.28 -27.68
C PHE F 89 23.01 4.79 -28.91
N PHE F 90 23.90 3.79 -28.73
CA PHE F 90 24.77 3.28 -29.81
C PHE F 90 24.70 1.76 -30.00
N HIS F 91 24.25 1.32 -31.19
CA HIS F 91 24.11 -0.10 -31.58
C HIS F 91 24.19 -0.26 -33.13
N LYS F 92 24.47 -1.52 -33.59
CA LYS F 92 24.64 -1.92 -34.99
C LYS F 92 25.83 -1.21 -35.60
N VAL F 107 14.85 4.83 -30.61
CA VAL F 107 14.77 3.80 -29.57
C VAL F 107 14.13 4.33 -28.27
N THR F 108 13.36 3.47 -27.58
CA THR F 108 12.70 3.83 -26.32
C THR F 108 13.48 3.26 -25.14
N LEU F 109 13.90 4.17 -24.23
CA LEU F 109 14.65 3.85 -23.02
C LEU F 109 13.75 4.14 -21.82
N GLU F 110 13.75 3.24 -20.83
CA GLU F 110 12.99 3.34 -19.58
C GLU F 110 13.95 3.21 -18.37
N VAL F 111 13.83 4.14 -17.40
CA VAL F 111 14.67 4.13 -16.20
C VAL F 111 13.81 3.70 -15.00
N LEU F 112 14.29 2.73 -14.23
CA LEU F 112 13.61 2.19 -13.07
C LEU F 112 14.52 2.27 -11.84
N LEU F 113 13.98 2.69 -10.69
CA LEU F 113 14.78 2.72 -9.47
C LEU F 113 14.62 1.34 -8.79
N VAL F 114 15.74 0.63 -8.62
CA VAL F 114 15.74 -0.70 -8.04
C VAL F 114 16.12 -0.60 -6.59
N LYS F 115 15.17 -1.01 -5.73
CA LYS F 115 15.30 -0.98 -4.27
C LYS F 115 15.47 -2.41 -3.81
N VAL F 116 16.62 -2.69 -3.22
CA VAL F 116 16.87 -4.02 -2.66
C VAL F 116 16.66 -3.90 -1.15
N CYS F 117 15.63 -4.57 -0.67
CA CYS F 117 15.20 -4.54 0.72
C CYS F 117 15.99 -5.50 1.56
N HIS F 118 16.22 -5.18 2.84
CA HIS F 118 16.93 -6.06 3.76
C HIS F 118 16.14 -7.37 3.99
N LYS F 119 16.89 -8.46 4.08
CA LYS F 119 16.41 -9.82 4.29
C LYS F 119 15.76 -9.88 5.68
N LYS F 120 14.47 -10.26 5.74
CA LYS F 120 13.75 -10.45 7.00
C LYS F 120 13.76 -11.96 7.29
N ARG F 121 13.15 -12.43 8.41
CA ARG F 121 13.14 -13.85 8.76
C ARG F 121 12.55 -14.73 7.66
N LYS F 122 11.34 -14.42 7.16
CA LYS F 122 10.70 -15.24 6.14
C LYS F 122 11.40 -15.15 4.76
N ASP F 123 12.32 -14.19 4.61
CA ASP F 123 13.02 -13.96 3.36
C ASP F 123 14.23 -14.88 3.14
N VAL F 124 14.19 -15.59 2.00
CA VAL F 124 15.26 -16.49 1.52
C VAL F 124 16.40 -15.61 0.97
N SER F 125 16.02 -14.58 0.22
CA SER F 125 16.92 -13.57 -0.34
C SER F 125 16.23 -12.19 -0.26
N CYS F 126 17.03 -11.11 -0.34
CA CYS F 126 16.61 -9.72 -0.31
C CYS F 126 15.55 -9.46 -1.36
N PRO F 127 14.33 -8.98 -0.98
CA PRO F 127 13.31 -8.71 -2.00
C PRO F 127 13.70 -7.55 -2.91
N ILE F 128 13.41 -7.67 -4.21
CA ILE F 128 13.73 -6.64 -5.19
C ILE F 128 12.44 -5.92 -5.53
N ARG F 129 12.46 -4.58 -5.45
CA ARG F 129 11.32 -3.71 -5.75
C ARG F 129 11.69 -2.70 -6.81
N GLN F 130 10.78 -2.44 -7.77
CA GLN F 130 11.03 -1.52 -8.88
C GLN F 130 10.04 -0.37 -8.97
N VAL F 131 10.57 0.87 -8.84
CA VAL F 131 9.79 2.11 -8.94
C VAL F 131 10.07 2.73 -10.33
N PRO F 132 9.21 2.48 -11.35
CA PRO F 132 9.48 3.07 -12.68
C PRO F 132 9.60 4.60 -12.57
N THR F 133 10.70 5.17 -13.10
CA THR F 133 10.96 6.62 -13.03
C THR F 133 10.72 7.31 -14.37
N GLY F 134 9.91 6.67 -15.21
CA GLY F 134 9.51 7.18 -16.51
C GLY F 134 10.42 6.76 -17.65
N LYS F 135 9.83 6.73 -18.87
CA LYS F 135 10.50 6.37 -20.12
C LYS F 135 10.66 7.57 -21.02
N LYS F 136 11.67 7.55 -21.90
CA LYS F 136 11.97 8.64 -22.83
C LYS F 136 12.48 8.10 -24.16
N GLN F 137 12.35 8.90 -25.25
CA GLN F 137 12.83 8.52 -26.59
C GLN F 137 14.23 9.04 -26.79
N VAL F 138 15.20 8.13 -26.82
CA VAL F 138 16.62 8.43 -26.99
C VAL F 138 17.03 8.33 -28.49
N PRO F 139 17.73 9.34 -29.07
CA PRO F 139 18.10 9.25 -30.49
C PRO F 139 19.19 8.22 -30.80
N LEU F 140 18.97 7.38 -31.85
CA LEU F 140 19.90 6.32 -32.26
C LEU F 140 21.15 6.87 -32.96
N ASN F 141 22.32 6.29 -32.59
CA ASN F 141 23.68 6.58 -33.07
C ASN F 141 23.93 8.07 -33.47
N PRO F 142 23.80 9.07 -32.53
CA PRO F 142 24.05 10.48 -32.92
C PRO F 142 25.46 10.78 -33.47
N ASP F 143 25.58 11.89 -34.23
CA ASP F 143 26.84 12.32 -34.84
C ASP F 143 27.24 13.72 -34.36
N PRO F 153 19.66 15.28 -25.20
CA PRO F 153 18.29 15.74 -25.44
C PRO F 153 17.30 15.39 -24.32
N SER F 154 16.89 14.10 -24.19
CA SER F 154 15.93 13.61 -23.17
C SER F 154 16.47 13.73 -21.74
N LEU F 155 15.58 13.97 -20.75
CA LEU F 155 16.01 14.10 -19.34
C LEU F 155 14.95 13.64 -18.34
N ALA F 156 15.38 12.79 -17.36
CA ALA F 156 14.56 12.25 -16.26
C ALA F 156 15.19 12.58 -14.91
N VAL F 157 14.35 12.94 -13.92
CA VAL F 157 14.80 13.35 -12.59
C VAL F 157 14.28 12.44 -11.47
N SER F 158 15.17 12.03 -10.57
CA SER F 158 14.91 11.21 -9.39
C SER F 158 15.23 12.08 -8.17
N SER F 159 14.36 12.14 -7.16
CA SER F 159 14.64 13.01 -6.02
C SER F 159 14.09 12.53 -4.71
N ASN F 160 14.93 12.60 -3.65
CA ASN F 160 14.61 12.30 -2.24
C ASN F 160 13.74 11.03 -2.03
N GLU F 161 13.99 10.00 -2.84
CA GLU F 161 13.34 8.69 -2.75
C GLU F 161 14.23 7.81 -1.89
N PHE F 162 15.50 8.26 -1.72
CA PHE F 162 16.54 7.64 -0.91
C PHE F 162 16.40 8.11 0.57
N GLU F 163 15.27 7.75 1.22
CA GLU F 163 14.97 8.13 2.61
C GLU F 163 15.97 7.55 3.64
N PRO F 164 16.71 8.43 4.38
CA PRO F 164 17.67 7.92 5.39
C PRO F 164 16.96 7.27 6.59
N SER F 165 15.64 7.50 6.70
CA SER F 165 14.73 6.93 7.68
C SER F 165 14.46 5.45 7.34
N ASN F 166 14.59 5.09 6.04
CA ASN F 166 14.37 3.75 5.50
C ASN F 166 15.66 2.92 5.42
N SER F 167 16.76 3.46 6.00
CA SER F 167 18.11 2.85 6.04
C SER F 167 18.15 1.48 6.67
N HIS F 168 17.18 1.20 7.58
CA HIS F 168 17.06 -0.07 8.29
C HIS F 168 16.19 -1.09 7.52
N MET F 169 15.51 -0.65 6.43
CA MET F 169 14.67 -1.51 5.60
C MET F 169 15.15 -1.68 4.16
N VAL F 170 15.89 -0.70 3.61
CA VAL F 170 16.44 -0.79 2.25
C VAL F 170 17.99 -0.91 2.30
N LYS F 171 18.50 -2.01 1.74
CA LYS F 171 19.91 -2.37 1.64
C LYS F 171 20.62 -1.44 0.67
N SER F 172 20.14 -1.35 -0.58
CA SER F 172 20.76 -0.45 -1.56
C SER F 172 19.80 0.03 -2.63
N TYR F 173 20.21 1.10 -3.34
CA TYR F 173 19.45 1.73 -4.42
C TYR F 173 20.27 1.61 -5.72
N SER F 174 19.63 1.29 -6.84
CA SER F 174 20.29 1.17 -8.15
C SER F 174 19.43 1.73 -9.27
N LEU F 175 20.05 2.06 -10.40
CA LEU F 175 19.33 2.50 -11.58
C LEU F 175 19.39 1.39 -12.60
N LEU F 176 18.22 1.02 -13.13
CA LEU F 176 18.10 0.01 -14.17
C LEU F 176 17.63 0.74 -15.41
N PHE F 177 18.36 0.53 -16.54
CA PHE F 177 18.10 1.15 -17.84
C PHE F 177 17.70 0.08 -18.84
N ARG F 178 16.47 0.15 -19.40
CA ARG F 178 16.05 -0.83 -20.40
C ARG F 178 15.74 -0.17 -21.77
N VAL F 179 16.53 -0.52 -22.79
CA VAL F 179 16.32 -0.02 -24.14
C VAL F 179 15.52 -1.06 -24.92
N THR F 180 14.36 -0.62 -25.45
CA THR F 180 13.38 -1.43 -26.17
C THR F 180 13.15 -0.86 -27.59
N THR F 219 16.06 -6.22 -26.81
CA THR F 219 16.01 -5.50 -25.52
C THR F 219 17.31 -5.61 -24.74
N PHE F 220 17.86 -4.45 -24.33
CA PHE F 220 19.12 -4.36 -23.60
C PHE F 220 18.92 -3.74 -22.24
N VAL F 221 19.71 -4.22 -21.26
CA VAL F 221 19.63 -3.79 -19.85
C VAL F 221 21.01 -3.48 -19.23
N ALA F 222 21.04 -2.48 -18.33
CA ALA F 222 22.24 -2.07 -17.60
C ALA F 222 21.86 -1.51 -16.24
N GLN F 223 22.32 -2.16 -15.18
CA GLN F 223 22.04 -1.75 -13.80
C GLN F 223 23.29 -1.16 -13.14
N MET F 224 23.12 -0.05 -12.42
CA MET F 224 24.22 0.65 -11.77
C MET F 224 23.75 1.15 -10.42
N THR F 225 24.38 0.69 -9.36
CA THR F 225 24.00 1.05 -7.99
C THR F 225 24.35 2.54 -7.72
N VAL F 226 23.39 3.27 -7.09
CA VAL F 226 23.55 4.70 -6.77
C VAL F 226 24.09 4.85 -5.33
N PHE F 227 23.61 4.05 -4.38
CA PHE F 227 24.11 4.02 -3.00
C PHE F 227 24.47 2.58 -2.66
N ASP F 228 25.70 2.34 -2.14
CA ASP F 228 26.12 0.98 -1.74
C ASP F 228 25.45 0.54 -0.43
N LYS F 229 25.65 -0.75 -0.03
CA LYS F 229 25.08 -1.30 1.20
C LYS F 229 25.58 -0.54 2.46
N ASN F 230 26.76 0.13 2.37
CA ASN F 230 27.37 0.92 3.44
C ASN F 230 26.99 2.42 3.31
N ARG F 231 25.85 2.70 2.64
CA ARG F 231 25.24 4.02 2.41
C ARG F 231 26.24 5.08 1.91
N ARG F 232 26.89 4.79 0.79
CA ARG F 232 27.87 5.70 0.17
C ARG F 232 27.55 5.94 -1.28
N LEU F 233 27.50 7.22 -1.66
CA LEU F 233 27.22 7.65 -3.03
C LEU F 233 28.36 7.21 -3.93
N GLN F 234 28.02 6.47 -5.01
CA GLN F 234 29.02 6.05 -5.99
C GLN F 234 28.68 6.54 -7.39
N LEU F 235 27.47 7.11 -7.58
CA LEU F 235 27.12 7.73 -8.85
C LEU F 235 27.42 9.22 -8.75
N LEU F 236 28.68 9.58 -9.05
CA LEU F 236 29.17 10.95 -8.98
C LEU F 236 28.86 11.77 -10.22
N ASP F 237 28.81 13.10 -10.09
CA ASP F 237 28.48 14.02 -11.19
C ASP F 237 29.50 13.90 -12.32
N GLY F 238 29.01 13.70 -13.54
CA GLY F 238 29.85 13.57 -14.73
C GLY F 238 29.17 13.05 -15.98
N GLU F 239 29.93 12.98 -17.08
CA GLU F 239 29.47 12.48 -18.38
C GLU F 239 29.74 10.97 -18.41
N TYR F 240 28.67 10.16 -18.36
CA TYR F 240 28.68 8.69 -18.33
C TYR F 240 28.47 8.00 -19.68
N GLU F 241 28.91 6.74 -19.76
CA GLU F 241 28.75 5.84 -20.90
C GLU F 241 28.65 4.42 -20.33
N VAL F 242 27.47 3.80 -20.39
CA VAL F 242 27.23 2.46 -19.83
C VAL F 242 27.06 1.39 -20.90
N ALA F 243 27.58 0.18 -20.62
CA ALA F 243 27.47 -0.95 -21.53
C ALA F 243 26.17 -1.71 -21.32
N MET F 244 25.34 -1.74 -22.38
CA MET F 244 24.05 -2.42 -22.41
C MET F 244 24.27 -3.89 -22.73
N GLN F 245 23.50 -4.80 -22.10
CA GLN F 245 23.62 -6.23 -22.35
C GLN F 245 22.30 -6.82 -22.83
N GLU F 246 22.34 -7.59 -23.93
CA GLU F 246 21.19 -8.24 -24.57
C GLU F 246 20.67 -9.41 -23.73
N MET F 247 19.32 -9.46 -23.51
CA MET F 247 18.59 -10.45 -22.71
C MET F 247 19.02 -10.46 -21.24
N GLY F 277 29.84 -4.40 -27.99
CA GLY F 277 28.41 -4.47 -27.68
C GLY F 277 27.67 -3.14 -27.75
N PRO F 278 26.39 -3.07 -27.32
CA PRO F 278 25.67 -1.78 -27.36
C PRO F 278 26.08 -0.87 -26.20
N THR F 279 25.74 0.44 -26.28
CA THR F 279 26.11 1.42 -25.25
C THR F 279 25.10 2.53 -25.10
N LEU F 280 24.95 3.04 -23.87
CA LEU F 280 24.08 4.17 -23.54
C LEU F 280 24.94 5.32 -23.01
N GLN F 281 24.75 6.52 -23.57
CA GLN F 281 25.52 7.71 -23.21
C GLN F 281 24.61 8.73 -22.57
N PHE F 282 24.90 9.11 -21.33
CA PHE F 282 24.13 10.10 -20.59
C PHE F 282 25.02 10.93 -19.69
N THR F 283 24.50 12.04 -19.17
CA THR F 283 25.21 12.93 -18.25
C THR F 283 24.40 13.04 -16.97
N LEU F 284 25.06 12.77 -15.86
CA LEU F 284 24.48 12.73 -14.52
C LEU F 284 24.82 14.00 -13.73
N ARG F 285 23.81 14.55 -13.02
CA ARG F 285 23.95 15.76 -12.21
C ARG F 285 23.11 15.76 -10.94
N TRP F 286 23.72 16.13 -9.82
CA TRP F 286 23.08 16.28 -8.52
C TRP F 286 22.97 17.79 -8.26
N THR F 287 21.75 18.29 -7.99
CA THR F 287 21.49 19.73 -7.74
C THR F 287 20.55 19.94 -6.55
N GLY F 288 20.96 20.82 -5.62
CA GLY F 288 20.20 21.15 -4.42
C GLY F 288 18.90 21.90 -4.67
N ARG F 348 61.99 -20.96 11.58
CA ARG F 348 63.09 -20.28 10.87
C ARG F 348 63.77 -21.22 9.87
N GLN F 349 64.29 -22.39 10.35
CA GLN F 349 64.95 -23.38 9.50
C GLN F 349 63.88 -24.24 8.81
N LYS F 350 63.98 -24.37 7.48
CA LYS F 350 63.05 -25.20 6.71
C LYS F 350 63.24 -26.69 7.10
N LEU F 351 62.12 -27.39 7.27
CA LEU F 351 62.13 -28.80 7.63
C LEU F 351 61.70 -29.61 6.45
N ARG F 352 62.33 -30.73 6.20
CA ARG F 352 61.90 -31.61 5.14
C ARG F 352 60.87 -32.57 5.79
N ILE F 353 59.57 -32.41 5.47
CA ILE F 353 58.56 -33.27 6.09
C ILE F 353 58.04 -34.24 5.06
N PHE F 354 58.33 -35.52 5.29
CA PHE F 354 57.98 -36.61 4.38
C PHE F 354 56.70 -37.33 4.80
N TYR F 355 55.73 -37.45 3.89
CA TYR F 355 54.49 -38.17 4.16
C TYR F 355 54.48 -39.46 3.34
N GLN F 356 54.49 -40.62 4.04
CA GLN F 356 54.46 -41.92 3.37
CA GLN F 356 54.47 -41.95 3.42
C GLN F 356 53.04 -42.50 3.52
N PHE F 357 52.40 -42.76 2.38
CA PHE F 357 51.03 -43.30 2.32
C PHE F 357 51.08 -44.84 2.25
N LEU F 358 50.61 -45.49 3.34
CA LEU F 358 50.66 -46.94 3.48
C LEU F 358 49.28 -47.56 3.33
N TYR F 359 49.21 -48.67 2.58
CA TYR F 359 47.99 -49.42 2.35
C TYR F 359 48.36 -50.88 2.34
N ASN F 360 47.62 -51.69 3.13
CA ASN F 360 47.83 -53.15 3.26
C ASN F 360 49.27 -53.44 3.68
N ASN F 361 49.74 -52.70 4.72
CA ASN F 361 51.08 -52.81 5.32
C ASN F 361 52.24 -52.69 4.29
N ASN F 362 52.14 -51.68 3.40
CA ASN F 362 53.12 -51.40 2.37
C ASN F 362 53.11 -49.93 2.11
N THR F 363 54.30 -49.30 1.98
CA THR F 363 54.37 -47.87 1.68
C THR F 363 54.13 -47.73 0.17
N ARG F 364 52.86 -47.51 -0.16
CA ARG F 364 52.36 -47.40 -1.52
C ARG F 364 52.64 -46.04 -2.20
N GLN F 365 53.00 -44.98 -1.44
CA GLN F 365 53.29 -43.65 -2.02
C GLN F 365 54.18 -42.78 -1.11
N GLN F 366 55.31 -42.33 -1.62
CA GLN F 366 56.23 -41.47 -0.87
C GLN F 366 56.07 -40.02 -1.34
N THR F 367 55.94 -39.10 -0.38
CA THR F 367 55.78 -37.66 -0.70
C THR F 367 56.62 -36.80 0.26
N GLU F 368 56.65 -35.49 -0.02
CA GLU F 368 57.33 -34.48 0.77
C GLU F 368 56.55 -33.20 0.63
N ALA F 369 56.26 -32.54 1.76
CA ALA F 369 55.50 -31.28 1.78
C ALA F 369 56.28 -30.12 1.16
N ARG F 370 55.60 -29.34 0.33
CA ARG F 370 56.10 -28.12 -0.30
C ARG F 370 56.19 -27.07 0.83
N ASP F 371 55.11 -26.93 1.61
CA ASP F 371 55.04 -26.04 2.76
C ASP F 371 55.03 -26.93 3.98
N ASP F 372 56.26 -27.23 4.45
CA ASP F 372 56.63 -28.13 5.53
C ASP F 372 55.65 -28.20 6.69
N LEU F 373 55.37 -27.06 7.38
CA LEU F 373 54.51 -27.02 8.57
C LEU F 373 53.06 -26.54 8.28
N HIS F 374 52.66 -26.61 7.01
CA HIS F 374 51.29 -26.34 6.57
C HIS F 374 50.67 -27.69 6.33
N CYS F 375 49.61 -27.96 7.05
CA CYS F 375 48.83 -29.17 6.89
C CYS F 375 48.47 -29.36 5.41
N PRO F 376 48.85 -30.48 4.75
CA PRO F 376 48.53 -30.61 3.31
C PRO F 376 47.04 -30.72 3.00
N TRP F 377 46.18 -31.21 3.93
CA TRP F 377 44.75 -31.31 3.68
C TRP F 377 44.02 -29.97 3.67
N CYS F 378 44.09 -29.19 4.76
CA CYS F 378 43.35 -27.94 4.93
C CYS F 378 44.20 -26.65 4.84
N THR F 379 45.49 -26.76 4.47
CA THR F 379 46.44 -25.64 4.31
C THR F 379 46.63 -24.79 5.59
N LEU F 380 46.11 -25.27 6.76
CA LEU F 380 46.29 -24.58 8.05
C LEU F 380 47.78 -24.49 8.35
N ASN F 381 48.24 -23.29 8.75
CA ASN F 381 49.66 -23.12 9.07
C ASN F 381 49.92 -23.33 10.55
N CYS F 382 50.40 -24.52 10.86
CA CYS F 382 50.77 -24.90 12.22
C CYS F 382 52.19 -24.39 12.25
N ARG F 383 52.68 -23.78 13.29
CA ARG F 383 54.02 -23.25 13.01
C ARG F 383 55.10 -24.15 13.56
N LYS F 384 54.71 -25.04 14.48
CA LYS F 384 55.58 -25.97 15.17
C LYS F 384 55.24 -27.39 14.73
N LEU F 385 56.23 -28.30 14.80
CA LEU F 385 56.07 -29.71 14.43
C LEU F 385 55.10 -30.38 15.38
N TYR F 386 55.24 -30.11 16.67
CA TYR F 386 54.33 -30.66 17.67
C TYR F 386 52.86 -30.33 17.32
N SER F 387 52.59 -29.04 17.03
CA SER F 387 51.29 -28.47 16.68
C SER F 387 50.76 -29.11 15.44
N LEU F 388 51.64 -29.29 14.41
CA LEU F 388 51.27 -29.96 13.17
C LEU F 388 50.77 -31.37 13.48
N LEU F 389 51.57 -32.12 14.25
CA LEU F 389 51.21 -33.48 14.62
C LEU F 389 49.89 -33.59 15.38
N LYS F 390 49.60 -32.66 16.33
CA LYS F 390 48.32 -32.62 17.04
C LYS F 390 47.21 -32.31 16.03
N HIS F 391 47.40 -31.28 15.19
CA HIS F 391 46.40 -30.92 14.18
C HIS F 391 45.95 -32.13 13.38
N LEU F 392 46.89 -32.86 12.81
CA LEU F 392 46.65 -34.04 11.99
C LEU F 392 45.89 -35.14 12.72
N LYS F 393 46.38 -35.47 13.91
CA LYS F 393 45.84 -36.53 14.75
C LYS F 393 44.40 -36.27 15.20
N LEU F 394 44.06 -35.01 15.51
CA LEU F 394 42.74 -34.63 16.01
C LEU F 394 41.75 -34.08 14.95
N CYS F 395 42.22 -33.34 13.96
CA CYS F 395 41.35 -32.79 12.93
C CYS F 395 41.14 -33.72 11.75
N HIS F 396 42.07 -34.67 11.50
CA HIS F 396 42.02 -35.60 10.37
C HIS F 396 42.10 -37.06 10.78
N SER F 397 41.38 -37.40 11.88
CA SER F 397 41.26 -38.71 12.55
C SER F 397 40.77 -39.84 11.63
N ARG F 398 40.41 -39.53 10.35
CA ARG F 398 40.04 -40.58 9.39
C ARG F 398 41.28 -41.34 8.96
N PHE F 399 42.49 -40.78 9.32
CA PHE F 399 43.81 -41.32 9.08
C PHE F 399 44.53 -41.47 10.38
N ILE F 400 45.49 -42.38 10.41
CA ILE F 400 46.35 -42.62 11.54
C ILE F 400 47.67 -42.03 11.13
N PHE F 401 48.19 -41.11 11.94
CA PHE F 401 49.48 -40.48 11.63
C PHE F 401 50.48 -41.01 12.61
N ASN F 402 51.65 -41.40 12.10
CA ASN F 402 52.75 -41.95 12.89
C ASN F 402 54.01 -41.12 12.70
N TYR F 403 54.46 -40.39 13.74
CA TYR F 403 55.69 -39.60 13.64
C TYR F 403 56.94 -40.48 13.79
N VAL F 404 57.89 -40.31 12.89
CA VAL F 404 59.17 -41.01 12.89
C VAL F 404 60.26 -39.96 12.68
N TYR F 405 61.30 -40.04 13.52
CA TYR F 405 62.43 -39.13 13.44
C TYR F 405 63.03 -39.20 12.03
N HIS F 406 63.43 -38.04 11.51
CA HIS F 406 64.17 -37.90 10.29
C HIS F 406 65.20 -36.82 10.56
N PRO F 407 66.48 -36.95 10.17
CA PRO F 407 67.44 -35.89 10.50
C PRO F 407 67.35 -34.65 9.58
N LYS F 408 66.15 -34.32 9.02
CA LYS F 408 66.08 -33.20 8.08
C LYS F 408 64.76 -32.27 8.02
N GLY F 409 63.69 -32.47 8.79
CA GLY F 409 63.53 -33.51 9.78
C GLY F 409 62.18 -33.86 10.36
N ALA F 410 61.45 -34.73 9.65
CA ALA F 410 60.24 -35.44 10.06
C ALA F 410 59.72 -36.34 8.96
N ARG F 411 59.27 -37.54 9.36
CA ARG F 411 58.66 -38.55 8.51
C ARG F 411 57.31 -38.94 9.17
N ILE F 412 56.19 -38.75 8.47
CA ILE F 412 54.85 -39.07 8.98
C ILE F 412 54.23 -40.20 8.17
N ASP F 413 53.94 -41.34 8.80
CA ASP F 413 53.29 -42.45 8.09
C ASP F 413 51.77 -42.30 8.19
N VAL F 414 51.10 -42.04 7.03
CA VAL F 414 49.65 -41.87 6.89
C VAL F 414 49.01 -43.20 6.46
N SER F 415 48.08 -43.67 7.28
CA SER F 415 47.37 -44.94 7.03
C SER F 415 45.87 -44.78 7.32
N ILE F 416 45.05 -45.63 6.72
CA ILE F 416 43.60 -45.54 6.95
C ILE F 416 43.20 -46.01 8.36
N ASN F 417 42.55 -45.11 9.13
CA ASN F 417 42.01 -45.46 10.45
C ASN F 417 40.78 -46.37 10.23
N GLU F 418 41.02 -47.70 10.29
CA GLU F 418 40.04 -48.78 10.07
C GLU F 418 38.88 -48.76 11.06
N CYS F 419 39.12 -48.28 12.30
CA CYS F 419 38.09 -48.21 13.33
C CYS F 419 37.66 -46.76 13.62
N TYR F 420 37.06 -46.11 12.59
CA TYR F 420 36.61 -44.72 12.67
C TYR F 420 35.18 -44.60 13.23
N ASP F 421 34.21 -45.33 12.61
CA ASP F 421 32.79 -45.35 13.00
C ASP F 421 32.05 -46.61 12.53
N PHE F 439 19.37 -35.07 14.85
CA PHE F 439 18.13 -35.85 14.99
C PHE F 439 17.31 -35.92 13.67
N SER F 440 15.98 -36.23 13.77
CA SER F 440 15.04 -36.34 12.64
C SER F 440 14.60 -34.97 12.06
N ARG F 441 14.71 -33.87 12.88
CA ARG F 441 14.40 -32.45 12.59
C ARG F 441 12.87 -32.11 12.41
N ASN F 442 11.98 -33.11 12.53
CA ASN F 442 10.54 -32.91 12.42
C ASN F 442 9.90 -33.09 13.78
N GLY F 443 9.87 -31.99 14.54
CA GLY F 443 9.32 -31.91 15.89
C GLY F 443 10.12 -32.66 16.94
N PRO F 444 9.72 -32.53 18.24
CA PRO F 444 10.44 -33.22 19.32
C PRO F 444 10.49 -34.73 19.17
N VAL F 445 11.55 -35.36 19.69
CA VAL F 445 11.74 -36.81 19.66
C VAL F 445 12.17 -37.28 21.07
N LYS F 446 11.50 -38.32 21.64
CA LYS F 446 11.84 -38.84 22.98
C LYS F 446 13.18 -39.60 22.95
N ARG F 447 13.98 -39.49 24.03
CA ARG F 447 15.31 -40.13 24.13
C ARG F 447 15.53 -40.73 25.50
N THR F 448 16.48 -41.68 25.61
CA THR F 448 16.83 -42.31 26.89
C THR F 448 17.97 -41.49 27.53
N PRO F 449 17.65 -40.79 28.65
CA PRO F 449 18.66 -39.94 29.30
C PRO F 449 20.00 -40.58 29.60
N ILE F 450 21.06 -40.05 28.97
CA ILE F 450 22.43 -40.51 29.15
C ILE F 450 23.36 -39.32 29.41
N THR F 451 24.30 -39.48 30.34
CA THR F 451 25.26 -38.42 30.66
C THR F 451 26.64 -38.88 30.17
N HIS F 452 27.50 -37.96 29.69
CA HIS F 452 28.89 -38.22 29.26
C HIS F 452 29.77 -37.08 29.69
N ILE F 453 30.89 -37.38 30.35
CA ILE F 453 31.83 -36.33 30.72
C ILE F 453 32.97 -36.37 29.69
N LEU F 454 32.96 -35.45 28.72
CA LEU F 454 34.02 -35.43 27.69
C LEU F 454 35.36 -34.89 28.21
N VAL F 455 35.33 -33.86 29.06
CA VAL F 455 36.50 -33.15 29.60
C VAL F 455 36.23 -32.75 31.04
N CYS F 456 37.28 -32.85 31.89
CA CYS F 456 37.26 -32.47 33.30
C CYS F 456 38.67 -32.28 33.89
N ARG F 457 39.17 -31.03 33.95
CA ARG F 457 40.50 -30.73 34.53
C ARG F 457 40.37 -29.80 35.75
N HIS G 15 38.37 -24.37 -8.01
CA HIS G 15 39.52 -23.72 -8.66
C HIS G 15 40.58 -23.29 -7.63
N ILE G 16 40.22 -23.37 -6.33
CA ILE G 16 41.02 -23.03 -5.15
C ILE G 16 42.42 -23.65 -5.18
N GLU G 17 42.56 -24.93 -5.57
CA GLU G 17 43.87 -25.58 -5.56
C GLU G 17 44.87 -25.08 -6.62
N SER G 18 44.42 -24.93 -7.87
CA SER G 18 45.27 -24.48 -8.96
C SER G 18 45.55 -22.98 -8.88
N LEU G 19 44.55 -22.11 -9.15
CA LEU G 19 44.74 -20.66 -9.12
C LEU G 19 44.93 -20.05 -7.72
N GLY G 20 44.02 -20.36 -6.80
CA GLY G 20 44.00 -19.81 -5.45
C GLY G 20 44.94 -20.34 -4.38
N LYS G 21 46.08 -20.99 -4.78
CA LYS G 21 47.13 -21.56 -3.88
C LYS G 21 46.59 -22.45 -2.72
N GLY G 22 45.41 -23.03 -2.91
CA GLY G 22 44.74 -23.91 -1.96
C GLY G 22 43.95 -23.26 -0.83
N HIS G 23 43.61 -21.94 -0.94
CA HIS G 23 42.86 -21.22 0.12
C HIS G 23 42.10 -19.96 -0.37
N SER G 24 42.33 -19.53 -1.61
CA SER G 24 41.71 -18.32 -2.14
C SER G 24 40.92 -18.50 -3.44
N VAL G 25 40.10 -17.50 -3.76
CA VAL G 25 39.27 -17.41 -4.96
C VAL G 25 39.88 -16.32 -5.86
N VAL G 26 39.97 -16.56 -7.16
CA VAL G 26 40.51 -15.55 -8.07
C VAL G 26 39.37 -14.98 -8.94
N PHE G 27 39.17 -13.66 -8.83
CA PHE G 27 38.15 -12.91 -9.55
C PHE G 27 38.68 -12.21 -10.79
N HIS G 28 37.83 -12.04 -11.81
CA HIS G 28 38.20 -11.40 -13.06
C HIS G 28 37.31 -10.19 -13.32
N SER G 29 37.93 -9.01 -13.56
CA SER G 29 37.23 -7.75 -13.79
C SER G 29 36.97 -7.43 -15.25
N THR G 30 35.76 -6.95 -15.55
CA THR G 30 35.37 -6.48 -16.89
C THR G 30 34.76 -5.10 -16.74
N VAL G 31 35.23 -4.13 -17.56
CA VAL G 31 34.71 -2.77 -17.53
C VAL G 31 33.27 -2.77 -18.09
N ILE G 32 32.29 -2.38 -17.25
CA ILE G 32 30.88 -2.40 -17.63
C ILE G 32 30.30 -0.98 -17.84
N ALA G 33 31.08 0.06 -17.48
CA ALA G 33 30.73 1.48 -17.62
C ALA G 33 31.95 2.36 -17.39
N LYS G 34 31.96 3.56 -18.00
CA LYS G 34 33.02 4.56 -17.85
C LYS G 34 32.43 5.96 -17.65
N ARG G 35 33.10 6.80 -16.85
CA ARG G 35 32.64 8.17 -16.64
C ARG G 35 33.79 9.17 -16.65
N LYS G 36 33.54 10.36 -17.24
CA LYS G 36 34.47 11.48 -17.27
C LYS G 36 33.96 12.44 -16.19
N GLU G 37 34.83 12.78 -15.22
CA GLU G 37 34.53 13.68 -14.10
C GLU G 37 34.40 15.14 -14.58
N ASP G 38 33.68 15.98 -13.81
CA ASP G 38 33.51 17.42 -14.11
C ASP G 38 34.87 18.14 -14.08
N SER G 39 35.85 17.52 -13.39
CA SER G 39 37.24 17.96 -13.33
C SER G 39 37.86 17.58 -14.68
N GLY G 40 37.73 16.30 -15.06
CA GLY G 40 38.21 15.78 -16.33
C GLY G 40 38.64 14.32 -16.32
N LYS G 41 39.10 13.85 -15.15
CA LYS G 41 39.60 12.49 -14.89
C LYS G 41 38.57 11.36 -15.20
N ILE G 42 39.03 10.29 -15.89
CA ILE G 42 38.21 9.14 -16.29
C ILE G 42 38.31 7.97 -15.29
N LYS G 43 37.13 7.52 -14.79
CA LYS G 43 36.98 6.38 -13.87
C LYS G 43 36.14 5.28 -14.53
N LEU G 44 36.52 4.02 -14.30
CA LEU G 44 35.88 2.83 -14.86
C LEU G 44 35.11 2.01 -13.83
N LEU G 45 34.01 1.38 -14.26
CA LEU G 45 33.21 0.52 -13.40
C LEU G 45 33.60 -0.94 -13.67
N LEU G 46 34.18 -1.60 -12.67
CA LEU G 46 34.65 -2.98 -12.81
C LEU G 46 33.74 -4.01 -12.13
N HIS G 47 33.34 -5.00 -12.92
CA HIS G 47 32.46 -6.09 -12.54
C HIS G 47 33.24 -7.40 -12.50
N TRP G 48 33.21 -8.07 -11.36
CA TRP G 48 33.93 -9.30 -11.08
C TRP G 48 33.24 -10.59 -11.54
N MET G 49 34.04 -11.64 -11.77
CA MET G 49 33.60 -13.00 -12.15
C MET G 49 34.46 -14.00 -11.36
N PRO G 50 33.92 -14.93 -10.55
CA PRO G 50 32.50 -15.23 -10.25
C PRO G 50 31.64 -14.05 -9.77
N GLU G 51 30.49 -13.91 -10.41
CA GLU G 51 29.45 -12.90 -10.20
C GLU G 51 28.75 -13.02 -8.84
N ASP G 52 28.06 -11.93 -8.45
CA ASP G 52 27.21 -11.80 -7.27
C ASP G 52 27.95 -11.96 -5.91
N ILE G 53 29.31 -12.06 -5.93
CA ILE G 53 30.06 -12.15 -4.67
C ILE G 53 30.58 -10.75 -4.31
N LEU G 54 31.50 -10.21 -5.14
CA LEU G 54 32.12 -8.92 -4.87
C LEU G 54 31.34 -7.77 -5.48
N PRO G 55 31.27 -6.58 -4.82
CA PRO G 55 30.52 -5.45 -5.42
C PRO G 55 31.25 -4.84 -6.60
N ASP G 56 30.53 -4.15 -7.47
CA ASP G 56 31.13 -3.45 -8.61
C ASP G 56 31.88 -2.23 -8.04
N VAL G 57 33.05 -1.90 -8.63
CA VAL G 57 33.90 -0.84 -8.11
C VAL G 57 34.27 0.20 -9.16
N TRP G 58 34.16 1.48 -8.77
CA TRP G 58 34.57 2.64 -9.55
C TRP G 58 36.05 2.82 -9.27
N VAL G 59 36.89 2.76 -10.31
CA VAL G 59 38.34 2.82 -10.18
C VAL G 59 39.00 3.61 -11.33
N ASN G 60 40.12 4.32 -11.06
CA ASN G 60 40.87 5.10 -12.05
C ASN G 60 41.30 4.29 -13.29
N GLU G 61 41.33 4.94 -14.50
CA GLU G 61 41.70 4.28 -15.77
C GLU G 61 43.13 3.72 -15.75
N SER G 62 44.01 4.34 -14.96
CA SER G 62 45.40 3.96 -14.75
C SER G 62 45.47 2.68 -13.89
N GLU G 63 44.67 2.66 -12.82
CA GLU G 63 44.54 1.59 -11.83
C GLU G 63 44.02 0.28 -12.42
N ARG G 64 43.39 0.32 -13.64
CA ARG G 64 42.77 -0.82 -14.33
C ARG G 64 43.67 -2.04 -14.52
N HIS G 65 44.90 -1.88 -15.07
CA HIS G 65 45.78 -3.02 -15.31
C HIS G 65 46.09 -3.81 -14.02
N GLN G 66 46.32 -3.07 -12.91
CA GLN G 66 46.62 -3.63 -11.59
C GLN G 66 45.44 -4.48 -11.09
N LEU G 67 44.21 -4.00 -11.34
CA LEU G 67 42.98 -4.66 -10.93
C LEU G 67 42.34 -5.49 -12.04
N LYS G 68 43.16 -6.25 -12.80
CA LYS G 68 42.69 -7.13 -13.87
C LYS G 68 42.17 -8.42 -13.23
N THR G 69 42.88 -8.90 -12.16
CA THR G 69 42.55 -10.09 -11.35
C THR G 69 42.79 -9.81 -9.85
N LYS G 70 41.77 -10.07 -9.02
CA LYS G 70 41.83 -9.92 -7.57
C LYS G 70 41.80 -11.30 -6.94
N VAL G 71 42.67 -11.53 -5.95
CA VAL G 71 42.77 -12.79 -5.24
C VAL G 71 42.39 -12.57 -3.77
N VAL G 72 41.19 -13.02 -3.42
CA VAL G 72 40.63 -12.87 -2.08
C VAL G 72 40.64 -14.23 -1.37
N HIS G 73 41.23 -14.29 -0.16
CA HIS G 73 41.24 -15.48 0.68
C HIS G 73 39.81 -15.73 1.12
N LEU G 74 39.44 -17.00 1.34
CA LEU G 74 38.08 -17.38 1.74
C LEU G 74 37.57 -16.65 2.99
N SER G 75 38.45 -16.47 3.99
CA SER G 75 38.16 -15.78 5.25
C SER G 75 37.99 -14.24 5.07
N LYS G 76 38.29 -13.70 3.86
CA LYS G 76 38.18 -12.27 3.57
C LYS G 76 37.00 -11.93 2.68
N LEU G 77 36.36 -12.96 2.05
CA LEU G 77 35.15 -12.80 1.20
C LEU G 77 34.01 -12.27 2.08
N PRO G 78 33.06 -11.43 1.59
CA PRO G 78 31.95 -10.98 2.47
C PRO G 78 31.10 -12.19 2.84
N LYS G 79 31.07 -12.54 4.15
CA LYS G 79 30.42 -13.75 4.71
C LYS G 79 28.95 -13.94 4.29
N ASP G 80 28.25 -12.83 3.97
CA ASP G 80 26.87 -12.89 3.50
C ASP G 80 26.80 -13.67 2.19
N THR G 81 27.54 -13.15 1.21
CA THR G 81 27.63 -13.61 -0.15
C THR G 81 28.64 -14.73 -0.35
N ALA G 82 29.44 -15.04 0.69
CA ALA G 82 30.42 -16.14 0.61
C ALA G 82 29.68 -17.47 0.46
N LEU G 83 28.46 -17.54 1.05
CA LEU G 83 27.62 -18.74 1.00
C LEU G 83 27.14 -19.07 -0.41
N LEU G 84 27.28 -18.12 -1.37
CA LEU G 84 26.88 -18.28 -2.78
C LEU G 84 27.71 -19.34 -3.51
N LEU G 85 28.94 -19.60 -3.02
CA LEU G 85 29.95 -20.52 -3.54
C LEU G 85 29.53 -22.01 -3.58
N ASP G 86 28.87 -22.54 -2.52
CA ASP G 86 28.48 -23.95 -2.45
C ASP G 86 27.20 -24.12 -1.60
N PRO G 87 26.28 -25.07 -1.98
CA PRO G 87 25.05 -25.25 -1.18
C PRO G 87 25.29 -25.70 0.25
N ASN G 88 26.43 -26.37 0.50
CA ASN G 88 26.72 -26.90 1.80
C ASN G 88 27.82 -26.17 2.60
N ILE G 89 27.99 -24.85 2.36
CA ILE G 89 28.91 -24.08 3.21
C ILE G 89 28.22 -23.84 4.57
N TYR G 90 26.96 -23.38 4.55
CA TYR G 90 26.02 -23.21 5.68
C TYR G 90 24.57 -23.47 5.23
N ARG G 91 23.78 -24.13 6.07
CA ARG G 91 22.36 -24.40 5.83
C ARG G 91 21.57 -24.30 7.15
N THR G 92 20.35 -23.75 7.10
CA THR G 92 19.46 -23.68 8.27
C THR G 92 18.87 -25.07 8.38
N MET G 93 19.21 -25.79 9.47
CA MET G 93 18.79 -27.16 9.73
C MET G 93 17.89 -27.28 10.97
N PRO G 94 16.56 -27.51 10.82
CA PRO G 94 15.80 -27.70 9.55
C PRO G 94 15.46 -26.40 8.81
N GLN G 95 15.35 -26.48 7.48
CA GLN G 95 15.06 -25.30 6.64
C GLN G 95 13.71 -24.71 7.03
N LYS G 96 12.66 -25.57 7.00
CA LYS G 96 11.29 -25.25 7.43
C LYS G 96 11.22 -25.55 8.92
N ARG G 97 10.59 -24.63 9.69
CA ARG G 97 10.45 -24.74 11.15
C ARG G 97 9.01 -24.78 11.65
N LEU G 98 8.77 -25.54 12.73
CA LEU G 98 7.46 -25.68 13.36
C LEU G 98 7.23 -24.58 14.39
N LYS G 99 8.26 -24.31 15.23
CA LYS G 99 8.26 -23.27 16.26
C LYS G 99 9.32 -22.18 15.97
N ARG G 100 9.41 -21.15 16.83
CA ARG G 100 10.36 -20.02 16.78
C ARG G 100 11.81 -20.51 16.69
N ARG H 4 63.80 -36.68 -7.53
CA ARG H 4 62.80 -35.84 -6.86
C ARG H 4 61.59 -36.65 -6.36
N LYS H 5 60.94 -36.16 -5.29
CA LYS H 5 59.74 -36.75 -4.67
C LYS H 5 58.55 -35.84 -4.92
N PRO H 6 57.34 -36.38 -5.22
CA PRO H 6 56.17 -35.51 -5.44
C PRO H 6 55.76 -34.77 -4.17
N LYS H 7 55.09 -33.63 -4.31
CA LYS H 7 54.63 -32.86 -3.16
C LYS H 7 53.31 -33.39 -2.60
N THR H 8 53.19 -33.43 -1.25
CA THR H 8 52.00 -33.96 -0.59
C THR H 8 50.75 -33.22 -1.06
N GLU H 9 50.79 -31.88 -0.99
CA GLU H 9 49.72 -30.99 -1.45
C GLU H 9 49.24 -31.38 -2.89
N ASP H 10 50.20 -31.66 -3.80
CA ASP H 10 49.94 -32.08 -5.19
C ASP H 10 49.33 -33.47 -5.29
N PHE H 11 49.91 -34.44 -4.56
CA PHE H 11 49.40 -35.82 -4.55
C PHE H 11 47.92 -35.85 -4.09
N LEU H 12 47.59 -35.02 -3.06
CA LEU H 12 46.25 -34.91 -2.52
C LEU H 12 45.30 -34.27 -3.54
N THR H 13 45.82 -33.33 -4.35
CA THR H 13 45.07 -32.66 -5.42
C THR H 13 44.72 -33.66 -6.53
N PHE H 14 45.74 -34.43 -6.96
CA PHE H 14 45.64 -35.49 -7.96
C PHE H 14 44.56 -36.50 -7.57
N LEU H 15 44.53 -36.92 -6.27
CA LEU H 15 43.55 -37.84 -5.68
C LEU H 15 42.14 -37.32 -5.90
N CYS H 16 41.92 -36.02 -5.64
CA CYS H 16 40.64 -35.36 -5.81
C CYS H 16 40.22 -35.21 -7.29
N LEU H 17 41.19 -35.05 -8.21
CA LEU H 17 40.92 -34.93 -9.65
C LEU H 17 41.07 -36.33 -10.26
N ARG H 18 40.13 -37.24 -9.98
CA ARG H 18 40.17 -38.63 -10.48
C ARG H 18 38.78 -39.26 -10.39
ZN ZN I . -20.39 37.51 -19.60
ZN ZN J . 44.40 -30.03 8.34
#